data_6CIE
#
_entry.id   6CIE
#
_cell.length_a   59.520
_cell.length_b   152.230
_cell.length_c   108.800
_cell.angle_alpha   90.00
_cell.angle_beta   90.48
_cell.angle_gamma   90.00
#
_symmetry.space_group_name_H-M   'P 1 21 1'
#
loop_
_entity.id
_entity.type
_entity.pdbx_description
1 polymer 'Nitric oxide synthase, endothelial'
2 non-polymer 'PROTOPORPHYRIN IX CONTAINING FE'
3 non-polymer 5,6,7,8-TETRAHYDROBIOPTERIN
4 non-polymer N-(1-{2-[ethyl(methyl)amino]ethyl}-1,2,3,4-tetrahydroquinolin-6-yl)thiophene-2-carboximidamide
5 non-polymer 2-[BIS-(2-HYDROXY-ETHYL)-AMINO]-2-HYDROXYMETHYL-PROPANE-1,3-DIOL
6 non-polymer 'ZINC ION'
7 non-polymer GLYCEROL
8 non-polymer 'CHLORIDE ION'
9 non-polymer 'GADOLINIUM ATOM'
10 water water
#
_entity_poly.entity_id   1
_entity_poly.type   'polypeptide(L)'
_entity_poly.pdbx_seq_one_letter_code
;APASLLPPAPEHSPPSSPLTQPPEGPKFPRVKNWEVGSITYDTLSAQAQQDGPCTPRRCLGSLVFPRKLQGRPSPGPPAP
EQLLSQARDFINQYYSSIKRSGSQAHEQRLQEVEAEVAATGTYQLRESELVFGAKQAWRNAPRCVGRIQWGKLQVFDARD
CRSAQEMFTYICNHIKYATNRGNLRSAITVFPQRCPGRGDFRIWNSQLVRYAGYRQQDGSVRGDPANVEITELCIQHGWT
PGNGRFDVLPLLLQAPDEPPELFLLPPELVLEVPLEHPTLEWFAALGLRWYALPAVSNMLLEIGGLEFPAAPFSGWYMST
EIGTRNLCDPHRYNILEDVAVCMDLDTRTTSSLWKDKAAVEINVAVLHSYQLAKVTIVDHHAATASFMKHLENEQKARGG
CPADWAWIVPPISGSLTPVFHQEMVNYFLSPAFRYQPDPW
;
_entity_poly.pdbx_strand_id   A,B,C,D
#
loop_
_chem_comp.id
_chem_comp.type
_chem_comp.name
_chem_comp.formula
7R2 non-polymer N-(1-{2-[ethyl(methyl)amino]ethyl}-1,2,3,4-tetrahydroquinolin-6-yl)thiophene-2-carboximidamide 'C19 H26 N4 S'
BTB non-polymer 2-[BIS-(2-HYDROXY-ETHYL)-AMINO]-2-HYDROXYMETHYL-PROPANE-1,3-DIOL 'C8 H19 N O5'
CL non-polymer 'CHLORIDE ION' 'Cl -1'
GD non-polymer 'GADOLINIUM ATOM' Gd
GOL non-polymer GLYCEROL 'C3 H8 O3'
H4B non-polymer 5,6,7,8-TETRAHYDROBIOPTERIN 'C9 H15 N5 O3'
HEM non-polymer 'PROTOPORPHYRIN IX CONTAINING FE' 'C34 H32 Fe N4 O4'
ZN non-polymer 'ZINC ION' 'Zn 2'
#
# COMPACT_ATOMS: atom_id res chain seq x y z
N PHE A 28 5.46 -24.15 -44.23
CA PHE A 28 4.77 -22.99 -43.63
C PHE A 28 4.73 -23.05 -42.10
N PRO A 29 5.59 -22.26 -41.45
CA PRO A 29 5.80 -22.37 -40.00
C PRO A 29 4.53 -22.11 -39.21
N ARG A 30 4.17 -23.06 -38.34
CA ARG A 30 3.03 -22.91 -37.46
C ARG A 30 3.40 -22.04 -36.27
N VAL A 31 2.51 -21.12 -35.90
CA VAL A 31 2.79 -20.10 -34.90
C VAL A 31 1.60 -20.02 -33.95
N LYS A 32 1.90 -20.12 -32.66
CA LYS A 32 0.88 -20.26 -31.64
C LYS A 32 0.92 -19.07 -30.69
N ASN A 33 -0.25 -18.62 -30.27
CA ASN A 33 -0.37 -17.71 -29.14
C ASN A 33 -0.78 -18.52 -27.92
N TRP A 34 0.07 -18.50 -26.90
CA TRP A 34 -0.11 -19.32 -25.70
C TRP A 34 -1.02 -18.68 -24.66
N GLU A 35 -1.35 -17.40 -24.83
CA GLU A 35 -2.33 -16.78 -23.95
C GLU A 35 -3.75 -17.20 -24.33
N VAL A 36 -4.00 -17.29 -25.63
CA VAL A 36 -5.33 -17.55 -26.15
C VAL A 36 -5.47 -18.96 -26.70
N GLY A 37 -4.39 -19.54 -27.22
CA GLY A 37 -4.45 -20.85 -27.84
C GLY A 37 -4.61 -20.83 -29.33
N SER A 38 -4.61 -19.64 -29.94
CA SER A 38 -4.84 -19.52 -31.37
C SER A 38 -3.60 -19.92 -32.16
N ILE A 39 -3.84 -20.38 -33.39
CA ILE A 39 -2.78 -20.84 -34.30
C ILE A 39 -2.92 -20.08 -35.61
N THR A 40 -1.78 -19.65 -36.16
CA THR A 40 -1.72 -19.13 -37.52
C THR A 40 -0.46 -19.69 -38.21
N TYR A 41 -0.46 -19.63 -39.54
CA TYR A 41 0.70 -20.01 -40.34
C TYR A 41 1.27 -18.77 -41.02
N ASP A 42 2.60 -18.66 -41.00
CA ASP A 42 3.32 -17.54 -41.60
C ASP A 42 3.69 -17.94 -43.03
N THR A 43 2.75 -17.70 -43.96
CA THR A 43 3.02 -18.00 -45.36
C THR A 43 3.96 -16.97 -45.98
N LEU A 44 3.95 -15.75 -45.44
CA LEU A 44 4.80 -14.68 -45.96
C LEU A 44 6.27 -15.01 -45.79
N SER A 45 6.61 -15.82 -44.79
CA SER A 45 8.01 -16.17 -44.53
C SER A 45 8.65 -16.82 -45.75
N ALA A 46 7.85 -17.52 -46.57
CA ALA A 46 8.36 -18.24 -47.72
C ALA A 46 9.01 -17.33 -48.76
N GLN A 47 8.83 -16.02 -48.66
CA GLN A 47 9.40 -15.07 -49.61
C GLN A 47 10.63 -14.35 -49.06
N ALA A 48 11.31 -14.92 -48.08
CA ALA A 48 12.45 -14.25 -47.47
C ALA A 48 13.62 -14.14 -48.43
N GLN A 49 14.41 -13.08 -48.25
CA GLN A 49 15.48 -12.71 -49.17
C GLN A 49 16.86 -12.88 -48.54
N GLN A 50 17.52 -11.75 -48.25
CA GLN A 50 18.85 -11.75 -47.64
C GLN A 50 18.89 -12.62 -46.40
N ASP A 51 19.56 -13.77 -46.50
CA ASP A 51 19.46 -14.79 -45.47
C ASP A 51 19.99 -14.30 -44.13
N GLY A 52 19.31 -14.70 -43.06
CA GLY A 52 19.73 -14.40 -41.72
C GLY A 52 20.84 -15.29 -41.22
N PRO A 53 21.09 -15.26 -39.92
CA PRO A 53 22.32 -15.87 -39.37
C PRO A 53 22.16 -17.29 -38.86
N CYS A 54 20.93 -17.79 -38.78
CA CYS A 54 20.66 -19.06 -38.13
C CYS A 54 20.77 -20.22 -39.11
N THR A 55 21.21 -21.37 -38.61
CA THR A 55 21.31 -22.61 -39.36
C THR A 55 20.62 -23.70 -38.57
N PRO A 56 20.28 -24.83 -39.22
CA PRO A 56 19.64 -25.94 -38.51
C PRO A 56 20.39 -26.39 -37.27
N ARG A 57 21.70 -26.10 -37.20
CA ARG A 57 22.53 -26.59 -36.11
C ARG A 57 22.70 -25.62 -34.95
N ARG A 58 22.41 -24.34 -35.12
CA ARG A 58 22.52 -23.35 -34.05
C ARG A 58 21.68 -22.12 -34.39
N CYS A 59 21.12 -21.50 -33.35
CA CYS A 59 20.30 -20.30 -33.49
C CYS A 59 21.09 -19.09 -33.00
N LEU A 60 21.11 -18.03 -33.81
CA LEU A 60 21.83 -16.82 -33.47
C LEU A 60 20.88 -15.62 -33.38
N GLY A 61 19.62 -15.89 -33.02
CA GLY A 61 18.61 -14.86 -32.94
C GLY A 61 18.88 -13.82 -31.88
N SER A 62 19.70 -14.12 -30.89
CA SER A 62 20.00 -13.17 -29.83
C SER A 62 21.17 -12.24 -30.17
N LEU A 63 21.75 -12.36 -31.36
CA LEU A 63 22.89 -11.54 -31.73
C LEU A 63 22.37 -10.21 -32.29
N VAL A 64 22.95 -9.10 -31.82
CA VAL A 64 22.47 -7.76 -32.18
C VAL A 64 22.82 -7.44 -33.63
N PHE A 65 24.09 -7.59 -34.00
CA PHE A 65 24.53 -7.43 -35.38
C PHE A 65 24.99 -8.78 -35.91
N PRO A 66 24.14 -9.50 -36.64
CA PRO A 66 24.54 -10.84 -37.10
C PRO A 66 25.58 -10.79 -38.21
N ARG A 67 26.80 -11.24 -37.88
CA ARG A 67 27.92 -11.31 -38.83
C ARG A 67 28.10 -10.04 -39.67
N PRO A 80 28.02 -6.70 -62.39
CA PRO A 80 27.07 -6.12 -61.44
C PRO A 80 25.64 -6.04 -61.99
N GLU A 81 25.17 -7.14 -62.58
CA GLU A 81 23.83 -7.24 -63.15
C GLU A 81 22.74 -7.48 -62.10
N GLN A 82 23.11 -7.46 -60.82
CA GLN A 82 22.17 -7.82 -59.76
C GLN A 82 21.18 -6.72 -59.43
N LEU A 83 21.58 -5.46 -59.66
CA LEU A 83 20.71 -4.33 -59.32
C LEU A 83 19.35 -4.45 -59.98
N LEU A 84 19.28 -5.05 -61.17
CA LEU A 84 18.02 -5.15 -61.91
C LEU A 84 17.04 -6.13 -61.25
N SER A 85 17.55 -7.19 -60.63
CA SER A 85 16.66 -8.18 -60.03
C SER A 85 15.92 -7.61 -58.82
N GLN A 86 16.65 -7.00 -57.89
CA GLN A 86 16.00 -6.28 -56.80
C GLN A 86 15.14 -5.14 -57.32
N ALA A 87 15.46 -4.61 -58.50
CA ALA A 87 14.69 -3.52 -59.07
C ALA A 87 13.34 -4.00 -59.58
N ARG A 88 13.33 -5.09 -60.36
CA ARG A 88 12.07 -5.66 -60.82
C ARG A 88 11.14 -5.92 -59.66
N ASP A 89 11.63 -6.67 -58.66
CA ASP A 89 10.80 -7.14 -57.55
C ASP A 89 10.10 -5.99 -56.84
N PHE A 90 10.82 -4.91 -56.56
CA PHE A 90 10.22 -3.78 -55.88
C PHE A 90 9.12 -3.15 -56.74
N ILE A 91 9.38 -2.97 -58.03
CA ILE A 91 8.37 -2.37 -58.91
C ILE A 91 7.12 -3.24 -58.94
N ASN A 92 7.31 -4.56 -58.98
CA ASN A 92 6.18 -5.49 -58.93
C ASN A 92 5.42 -5.36 -57.62
N GLN A 93 6.14 -5.22 -56.51
CA GLN A 93 5.49 -5.00 -55.22
C GLN A 93 4.65 -3.72 -55.24
N TYR A 94 5.16 -2.67 -55.89
CA TYR A 94 4.45 -1.39 -55.93
C TYR A 94 3.09 -1.53 -56.60
N TYR A 95 3.04 -2.15 -57.77
CA TYR A 95 1.79 -2.18 -58.52
C TYR A 95 0.80 -3.18 -57.96
N SER A 96 1.28 -4.21 -57.25
CA SER A 96 0.38 -5.11 -56.53
C SER A 96 -0.44 -4.34 -55.52
N SER A 97 0.23 -3.54 -54.67
CA SER A 97 -0.44 -2.75 -53.65
C SER A 97 -1.53 -1.87 -54.26
N ILE A 98 -1.20 -1.14 -55.33
CA ILE A 98 -2.13 -0.14 -55.86
C ILE A 98 -3.13 -0.79 -56.80
N LYS A 99 -3.39 -2.10 -56.61
CA LYS A 99 -4.43 -2.81 -57.34
C LYS A 99 -4.16 -2.88 -58.84
N ARG A 100 -2.91 -2.64 -59.26
CA ARG A 100 -2.60 -2.32 -60.64
C ARG A 100 -1.54 -3.26 -61.21
N SER A 101 -1.66 -4.55 -60.90
CA SER A 101 -0.80 -5.56 -61.50
C SER A 101 -1.37 -6.00 -62.84
N GLY A 102 -0.49 -6.28 -63.80
CA GLY A 102 -0.87 -6.79 -65.09
C GLY A 102 -1.79 -5.89 -65.91
N SER A 103 -1.25 -4.79 -66.44
CA SER A 103 -1.88 -3.89 -67.43
C SER A 103 -1.12 -2.57 -67.53
N GLN A 104 -1.68 -1.63 -68.31
CA GLN A 104 -1.30 -0.22 -68.38
C GLN A 104 0.16 0.08 -68.03
N ALA A 105 0.38 0.89 -67.00
CA ALA A 105 1.69 1.43 -66.67
C ALA A 105 2.61 0.41 -66.00
N HIS A 106 2.07 -0.73 -65.55
CA HIS A 106 2.87 -1.78 -64.95
C HIS A 106 3.98 -2.19 -65.91
N GLU A 107 3.59 -2.74 -67.07
CA GLU A 107 4.52 -2.99 -68.15
C GLU A 107 5.49 -1.83 -68.35
N GLN A 108 4.95 -0.61 -68.35
CA GLN A 108 5.70 0.55 -68.86
C GLN A 108 6.82 0.95 -67.91
N ARG A 109 6.55 1.03 -66.60
CA ARG A 109 7.59 1.40 -65.66
C ARG A 109 8.69 0.35 -65.59
N LEU A 110 8.36 -0.91 -65.88
CA LEU A 110 9.41 -1.94 -65.95
C LEU A 110 10.45 -1.60 -67.00
N GLN A 111 10.04 -0.94 -68.08
CA GLN A 111 10.96 -0.66 -69.17
C GLN A 111 11.92 0.48 -68.85
N GLU A 112 11.43 1.57 -68.27
CA GLU A 112 12.29 2.72 -68.05
C GLU A 112 13.47 2.36 -67.15
N VAL A 113 13.22 1.61 -66.07
CA VAL A 113 14.32 1.17 -65.21
C VAL A 113 15.25 0.23 -65.96
N GLU A 114 14.69 -0.67 -66.78
CA GLU A 114 15.52 -1.44 -67.71
C GLU A 114 16.44 -0.52 -68.50
N ALA A 115 15.84 0.43 -69.23
CA ALA A 115 16.64 1.36 -70.03
C ALA A 115 17.51 2.26 -69.16
N GLU A 116 16.99 2.69 -67.99
CA GLU A 116 17.76 3.56 -67.11
C GLU A 116 19.06 2.88 -66.68
N VAL A 117 18.96 1.66 -66.13
CA VAL A 117 20.18 0.92 -65.76
C VAL A 117 20.97 0.53 -67.00
N ALA A 118 20.29 0.29 -68.12
CA ALA A 118 21.00 -0.01 -69.37
C ALA A 118 22.01 1.07 -69.73
N ALA A 119 21.59 2.33 -69.65
CA ALA A 119 22.48 3.43 -70.04
C ALA A 119 23.38 3.88 -68.90
N THR A 120 22.81 4.07 -67.71
CA THR A 120 23.50 4.73 -66.61
C THR A 120 24.15 3.77 -65.62
N GLY A 121 23.62 2.57 -65.45
CA GLY A 121 24.09 1.65 -64.45
C GLY A 121 23.38 1.72 -63.12
N THR A 122 22.39 2.59 -62.99
CA THR A 122 21.54 2.68 -61.80
C THR A 122 20.19 3.22 -62.26
N TYR A 123 19.36 3.66 -61.33
CA TYR A 123 18.08 4.22 -61.71
C TYR A 123 17.59 5.16 -60.63
N GLN A 124 16.62 6.01 -60.99
CA GLN A 124 15.95 6.90 -60.06
C GLN A 124 14.53 6.40 -59.81
N LEU A 125 14.08 6.51 -58.57
CA LEU A 125 12.74 6.09 -58.19
C LEU A 125 11.75 7.23 -58.39
N ARG A 126 10.59 6.91 -58.99
CA ARG A 126 9.46 7.84 -58.96
C ARG A 126 9.15 8.23 -57.52
N GLU A 127 8.78 9.50 -57.32
CA GLU A 127 8.58 10.01 -55.97
C GLU A 127 7.58 9.16 -55.19
N SER A 128 6.58 8.61 -55.87
CA SER A 128 5.61 7.75 -55.19
C SER A 128 6.24 6.43 -54.78
N GLU A 129 7.12 5.89 -55.63
CA GLU A 129 7.83 4.66 -55.27
C GLU A 129 8.70 4.88 -54.04
N LEU A 130 9.47 5.97 -54.03
CA LEU A 130 10.31 6.26 -52.87
C LEU A 130 9.46 6.36 -51.61
N VAL A 131 8.24 6.85 -51.74
CA VAL A 131 7.30 6.88 -50.62
C VAL A 131 6.81 5.48 -50.27
N PHE A 132 6.42 4.69 -51.27
CA PHE A 132 5.94 3.34 -51.01
C PHE A 132 7.05 2.42 -50.52
N GLY A 133 8.28 2.61 -51.03
CA GLY A 133 9.41 1.85 -50.51
C GLY A 133 9.76 2.22 -49.08
N ALA A 134 9.70 3.51 -48.76
CA ALA A 134 9.97 3.96 -47.40
C ALA A 134 9.01 3.30 -46.40
N LYS A 135 7.72 3.30 -46.73
CA LYS A 135 6.75 2.71 -45.81
C LYS A 135 6.85 1.18 -45.71
N GLN A 136 7.21 0.51 -46.81
CA GLN A 136 7.38 -0.93 -46.73
C GLN A 136 8.58 -1.32 -45.89
N ALA A 137 9.68 -0.57 -46.03
CA ALA A 137 10.87 -0.89 -45.25
C ALA A 137 10.59 -0.75 -43.75
N TRP A 138 9.78 0.25 -43.37
CA TRP A 138 9.32 0.31 -41.98
C TRP A 138 8.42 -0.88 -41.65
N ARG A 139 7.50 -1.23 -42.55
CA ARG A 139 6.60 -2.35 -42.35
C ARG A 139 7.37 -3.65 -42.12
N ASN A 140 8.58 -3.74 -42.67
CA ASN A 140 9.37 -4.95 -42.70
C ASN A 140 10.40 -5.06 -41.58
N ALA A 141 10.59 -4.01 -40.79
CA ALA A 141 11.60 -3.98 -39.74
C ALA A 141 11.24 -4.96 -38.62
N PRO A 142 11.96 -6.08 -38.48
CA PRO A 142 11.49 -7.12 -37.54
C PRO A 142 11.48 -6.65 -36.10
N ARG A 143 12.35 -5.71 -35.74
CA ARG A 143 12.56 -5.31 -34.36
C ARG A 143 11.72 -4.13 -33.92
N CYS A 144 10.95 -3.51 -34.84
CA CYS A 144 10.13 -2.35 -34.52
C CYS A 144 8.78 -2.79 -33.94
N VAL A 145 8.51 -2.36 -32.71
CA VAL A 145 7.23 -2.61 -32.06
C VAL A 145 6.15 -1.61 -32.48
N GLY A 146 6.54 -0.51 -33.13
CA GLY A 146 5.60 0.55 -33.44
C GLY A 146 4.96 0.42 -34.79
N ARG A 147 5.11 -0.72 -35.47
CA ARG A 147 4.76 -0.77 -36.89
C ARG A 147 3.26 -0.61 -37.16
N ILE A 148 2.40 -0.66 -36.14
CA ILE A 148 0.99 -0.37 -36.37
C ILE A 148 0.84 0.99 -37.06
N GLN A 149 1.82 1.88 -36.88
CA GLN A 149 1.83 3.21 -37.47
C GLN A 149 2.36 3.23 -38.90
N TRP A 150 2.71 2.07 -39.48
CA TRP A 150 3.55 2.09 -40.66
C TRP A 150 2.92 2.83 -41.83
N GLY A 151 1.59 2.94 -41.86
CA GLY A 151 0.94 3.62 -42.96
C GLY A 151 1.01 5.13 -42.90
N LYS A 152 1.37 5.69 -41.76
CA LYS A 152 1.38 7.12 -41.51
C LYS A 152 2.83 7.60 -41.40
N LEU A 153 3.39 8.05 -42.52
CA LEU A 153 4.81 8.42 -42.56
C LEU A 153 5.01 9.55 -43.56
N GLN A 154 5.83 10.53 -43.18
CA GLN A 154 6.09 11.72 -43.98
C GLN A 154 7.48 11.63 -44.58
N VAL A 155 7.56 11.54 -45.91
CA VAL A 155 8.82 11.33 -46.61
C VAL A 155 9.27 12.67 -47.20
N PHE A 156 10.36 13.22 -46.67
CA PHE A 156 10.97 14.44 -47.20
C PHE A 156 12.05 14.02 -48.19
N ASP A 157 11.76 14.18 -49.47
CA ASP A 157 12.66 13.76 -50.54
C ASP A 157 13.81 14.75 -50.68
N ALA A 158 14.98 14.36 -50.20
CA ALA A 158 16.18 15.20 -50.28
C ALA A 158 17.18 14.66 -51.29
N ARG A 159 16.70 13.96 -52.32
CA ARG A 159 17.61 13.36 -53.30
C ARG A 159 18.37 14.41 -54.10
N ASP A 160 17.91 15.66 -54.13
CA ASP A 160 18.63 16.73 -54.81
C ASP A 160 19.61 17.45 -53.90
N CYS A 161 20.09 16.79 -52.85
CA CYS A 161 21.04 17.40 -51.93
C CYS A 161 22.44 17.45 -52.55
N ARG A 162 23.23 18.42 -52.10
CA ARG A 162 24.50 18.70 -52.78
C ARG A 162 25.64 19.18 -51.90
N SER A 163 25.45 19.39 -50.60
CA SER A 163 26.57 19.79 -49.74
C SER A 163 26.20 19.57 -48.27
N ALA A 164 27.21 19.73 -47.40
CA ALA A 164 27.01 19.60 -45.96
C ALA A 164 26.16 20.72 -45.40
N GLN A 165 26.10 21.87 -46.07
CA GLN A 165 25.16 22.91 -45.67
C GLN A 165 23.74 22.57 -46.08
N GLU A 166 23.58 21.89 -47.22
CA GLU A 166 22.26 21.47 -47.66
C GLU A 166 21.65 20.46 -46.69
N MET A 167 22.42 19.44 -46.31
CA MET A 167 21.95 18.45 -45.37
C MET A 167 21.43 19.12 -44.10
N PHE A 168 22.24 20.01 -43.53
CA PHE A 168 21.91 20.59 -42.23
C PHE A 168 20.54 21.24 -42.23
N THR A 169 20.19 21.95 -43.32
CA THR A 169 18.85 22.52 -43.41
C THR A 169 17.79 21.45 -43.66
N TYR A 170 18.13 20.41 -44.42
CA TYR A 170 17.21 19.29 -44.60
C TYR A 170 16.95 18.56 -43.28
N ILE A 171 18.02 18.34 -42.51
CA ILE A 171 17.88 17.77 -41.17
C ILE A 171 17.06 18.69 -40.28
N CYS A 172 17.27 20.01 -40.43
CA CYS A 172 16.60 20.98 -39.57
C CYS A 172 15.11 21.09 -39.87
N ASN A 173 14.73 21.02 -41.16
CA ASN A 173 13.30 20.96 -41.50
C ASN A 173 12.67 19.69 -40.92
N HIS A 174 13.35 18.55 -41.06
CA HIS A 174 12.91 17.30 -40.44
C HIS A 174 12.66 17.49 -38.95
N ILE A 175 13.70 17.86 -38.19
CA ILE A 175 13.60 17.96 -36.74
C ILE A 175 12.46 18.87 -36.33
N LYS A 176 12.29 19.99 -37.01
CA LYS A 176 11.18 20.90 -36.73
C LYS A 176 9.84 20.25 -37.08
N TYR A 177 9.75 19.65 -38.27
CA TYR A 177 8.51 19.00 -38.66
C TYR A 177 8.16 17.84 -37.72
N ALA A 178 9.14 16.98 -37.42
CA ALA A 178 8.82 15.83 -36.57
C ALA A 178 8.50 16.26 -35.16
N THR A 179 9.25 17.22 -34.61
CA THR A 179 9.03 17.63 -33.22
C THR A 179 7.65 18.27 -33.05
N ASN A 180 7.34 19.26 -33.88
CA ASN A 180 5.99 19.80 -34.01
C ASN A 180 5.43 20.18 -32.63
N ARG A 181 6.26 20.91 -31.87
CA ARG A 181 5.89 21.42 -30.55
C ARG A 181 5.51 20.28 -29.60
N GLY A 182 6.10 19.11 -29.77
CA GLY A 182 5.82 17.98 -28.91
C GLY A 182 4.74 17.04 -29.40
N ASN A 183 3.97 17.44 -30.42
CA ASN A 183 3.02 16.52 -31.05
C ASN A 183 3.74 15.80 -32.17
N LEU A 184 4.51 14.78 -31.78
CA LEU A 184 5.49 14.19 -32.69
C LEU A 184 4.82 13.51 -33.88
N ARG A 185 5.47 13.61 -35.05
CA ARG A 185 4.99 13.02 -36.30
C ARG A 185 6.11 12.22 -36.95
N SER A 186 5.80 10.96 -37.30
CA SER A 186 6.76 10.11 -37.98
C SER A 186 7.27 10.77 -39.26
N ALA A 187 8.58 10.69 -39.49
CA ALA A 187 9.17 11.30 -40.67
C ALA A 187 10.48 10.63 -41.05
N ILE A 188 10.72 10.51 -42.36
CA ILE A 188 12.01 10.09 -42.89
C ILE A 188 12.43 11.09 -43.96
N THR A 189 13.70 11.46 -43.96
CA THR A 189 14.29 12.30 -45.01
C THR A 189 15.29 11.45 -45.77
N VAL A 190 15.16 11.42 -47.10
CA VAL A 190 15.93 10.51 -47.95
C VAL A 190 16.92 11.34 -48.77
N PHE A 191 18.21 11.12 -48.53
CA PHE A 191 19.28 11.82 -49.23
C PHE A 191 19.68 11.02 -50.47
N PRO A 192 20.58 11.51 -51.33
CA PRO A 192 20.77 10.87 -52.63
C PRO A 192 21.31 9.46 -52.53
N GLN A 193 20.93 8.64 -53.51
CA GLN A 193 21.36 7.25 -53.55
C GLN A 193 22.82 7.15 -53.94
N ARG A 194 23.59 6.41 -53.13
CA ARG A 194 24.99 6.16 -53.42
C ARG A 194 25.20 5.68 -54.86
N CYS A 195 26.28 6.17 -55.46
CA CYS A 195 26.73 5.78 -56.79
C CYS A 195 28.22 5.53 -56.74
N PRO A 196 28.77 4.83 -57.73
CA PRO A 196 30.22 4.60 -57.75
C PRO A 196 30.97 5.82 -58.31
N GLY A 197 32.28 5.80 -58.10
CA GLY A 197 33.15 6.86 -58.57
C GLY A 197 33.23 8.07 -57.67
N ARG A 198 32.20 8.34 -56.86
CA ARG A 198 32.19 9.44 -55.92
C ARG A 198 31.79 8.93 -54.54
N GLY A 199 31.95 9.79 -53.54
CA GLY A 199 31.74 9.41 -52.15
C GLY A 199 30.31 9.16 -51.73
N ASP A 200 29.94 9.62 -50.53
CA ASP A 200 28.65 9.26 -49.96
C ASP A 200 28.21 10.26 -48.90
N PHE A 201 26.91 10.53 -48.85
CA PHE A 201 26.30 11.24 -47.74
C PHE A 201 26.13 10.29 -46.57
N ARG A 202 26.61 10.70 -45.40
CA ARG A 202 26.57 9.85 -44.21
C ARG A 202 26.56 10.74 -42.97
N ILE A 203 25.56 10.55 -42.12
CA ILE A 203 25.53 11.23 -40.82
C ILE A 203 26.38 10.43 -39.84
N TRP A 204 27.37 11.09 -39.23
CA TRP A 204 28.32 10.39 -38.37
C TRP A 204 27.75 10.03 -37.00
N ASN A 205 26.69 10.70 -36.57
CA ASN A 205 26.05 10.35 -35.30
C ASN A 205 25.06 9.22 -35.50
N SER A 206 24.88 8.42 -34.45
CA SER A 206 23.87 7.36 -34.48
C SER A 206 22.47 7.95 -34.51
N GLN A 207 22.27 9.08 -33.85
CA GLN A 207 20.99 9.77 -33.86
C GLN A 207 21.24 11.28 -34.03
N LEU A 208 20.17 12.00 -34.42
CA LEU A 208 20.31 13.45 -34.55
C LEU A 208 20.47 14.13 -33.20
N VAL A 209 19.82 13.60 -32.17
CA VAL A 209 19.95 14.11 -30.81
C VAL A 209 20.65 13.04 -29.97
N ARG A 210 21.86 13.36 -29.50
CA ARG A 210 22.66 12.51 -28.63
C ARG A 210 23.36 13.37 -27.59
N TYR A 211 23.61 12.78 -26.41
CA TYR A 211 24.29 13.49 -25.33
C TYR A 211 25.76 13.09 -25.25
N ALA A 212 26.59 14.02 -24.77
CA ALA A 212 28.03 13.87 -24.74
C ALA A 212 28.48 12.81 -23.71
N GLY A 213 29.70 12.30 -23.91
CA GLY A 213 30.36 11.41 -22.98
C GLY A 213 31.82 11.77 -22.73
N TYR A 214 32.12 12.31 -21.55
CA TYR A 214 33.42 12.88 -21.22
C TYR A 214 34.19 11.93 -20.32
N ARG A 215 35.47 11.69 -20.64
CA ARG A 215 36.29 10.72 -19.91
C ARG A 215 36.90 11.29 -18.63
N GLN A 216 38.07 10.77 -18.24
CA GLN A 216 38.59 11.00 -16.89
C GLN A 216 39.99 10.45 -16.78
N GLN A 217 40.72 10.92 -15.76
CA GLN A 217 41.90 10.21 -15.30
C GLN A 217 41.57 8.76 -14.97
N ASP A 218 40.37 8.52 -14.44
CA ASP A 218 39.87 7.18 -14.17
C ASP A 218 38.95 6.67 -15.26
N GLY A 219 39.00 7.28 -16.44
CA GLY A 219 38.21 6.82 -17.58
C GLY A 219 36.70 7.03 -17.44
N SER A 220 36.19 6.91 -16.22
CA SER A 220 34.76 7.01 -15.95
C SER A 220 34.14 8.20 -16.67
N VAL A 221 32.93 7.99 -17.21
CA VAL A 221 32.30 8.93 -18.12
C VAL A 221 31.31 9.80 -17.37
N ARG A 222 31.39 11.11 -17.59
CA ARG A 222 30.31 12.04 -17.28
C ARG A 222 29.46 12.19 -18.53
N GLY A 223 28.15 11.96 -18.41
CA GLY A 223 27.28 11.94 -19.56
C GLY A 223 26.95 10.54 -20.04
N ASP A 224 26.79 10.38 -21.36
CA ASP A 224 26.31 9.14 -21.93
C ASP A 224 27.48 8.28 -22.39
N PRO A 225 27.71 7.12 -21.77
CA PRO A 225 28.80 6.23 -22.23
C PRO A 225 28.59 5.68 -23.63
N ALA A 226 27.36 5.57 -24.11
CA ALA A 226 27.15 5.07 -25.45
C ALA A 226 27.70 5.99 -26.53
N ASN A 227 27.93 7.27 -26.22
CA ASN A 227 28.31 8.27 -27.21
C ASN A 227 29.72 8.80 -27.00
N VAL A 228 30.55 8.11 -26.21
CA VAL A 228 31.90 8.61 -25.93
C VAL A 228 32.74 8.66 -27.19
N GLU A 229 32.53 7.73 -28.11
CA GLU A 229 33.27 7.70 -29.37
C GLU A 229 32.95 8.94 -30.20
N ILE A 230 31.68 9.15 -30.54
CA ILE A 230 31.31 10.26 -31.39
C ILE A 230 31.58 11.59 -30.70
N THR A 231 31.58 11.60 -29.36
CA THR A 231 32.01 12.79 -28.62
C THR A 231 33.49 13.08 -28.88
N GLU A 232 34.32 12.03 -28.95
CA GLU A 232 35.73 12.24 -29.20
C GLU A 232 35.98 12.75 -30.62
N LEU A 233 35.13 12.37 -31.57
CA LEU A 233 35.26 12.87 -32.94
C LEU A 233 34.74 14.30 -33.06
N CYS A 234 33.77 14.68 -32.22
CA CYS A 234 33.23 16.04 -32.28
C CYS A 234 34.22 17.05 -31.73
N ILE A 235 34.95 16.70 -30.66
CA ILE A 235 36.01 17.57 -30.17
C ILE A 235 37.16 17.62 -31.17
N GLN A 236 37.53 16.47 -31.72
CA GLN A 236 38.61 16.34 -32.69
C GLN A 236 38.20 16.91 -34.05
N HIS A 237 37.32 17.91 -34.04
CA HIS A 237 36.80 18.49 -35.27
C HIS A 237 36.35 19.93 -35.04
N GLY A 238 36.55 20.45 -33.83
CA GLY A 238 36.31 21.85 -33.56
C GLY A 238 35.49 22.18 -32.33
N TRP A 239 34.63 21.26 -31.90
CA TRP A 239 33.67 21.57 -30.84
C TRP A 239 34.36 21.78 -29.51
N THR A 240 33.85 22.73 -28.73
CA THR A 240 34.37 22.96 -27.39
C THR A 240 33.55 22.14 -26.39
N PRO A 241 34.18 21.23 -25.65
CA PRO A 241 33.39 20.30 -24.83
C PRO A 241 32.74 20.99 -23.64
N GLY A 242 31.48 20.66 -23.41
CA GLY A 242 30.73 21.23 -22.32
C GLY A 242 31.15 20.67 -20.98
N ASN A 243 30.40 21.08 -19.95
CA ASN A 243 30.74 20.70 -18.59
C ASN A 243 30.13 19.36 -18.19
N GLY A 244 28.87 19.12 -18.56
CA GLY A 244 28.08 18.16 -17.80
C GLY A 244 27.46 16.94 -18.47
N ARG A 245 26.36 16.47 -17.87
CA ARG A 245 25.79 15.16 -18.20
C ARG A 245 24.89 15.20 -19.42
N PHE A 246 24.14 16.27 -19.62
CA PHE A 246 23.22 16.32 -20.75
C PHE A 246 23.56 17.49 -21.69
N ASP A 247 24.78 17.49 -22.23
CA ASP A 247 25.18 18.43 -23.28
C ASP A 247 24.83 17.81 -24.62
N VAL A 248 23.92 18.45 -25.36
CA VAL A 248 23.52 17.93 -26.66
C VAL A 248 24.70 18.05 -27.62
N LEU A 249 25.11 16.92 -28.18
CA LEU A 249 26.28 16.92 -29.04
C LEU A 249 26.01 17.72 -30.30
N PRO A 250 27.05 18.23 -30.95
CA PRO A 250 26.86 18.84 -32.27
C PRO A 250 26.57 17.78 -33.33
N LEU A 251 26.72 18.13 -34.61
CA LEU A 251 26.33 17.24 -35.69
C LEU A 251 27.46 17.18 -36.70
N LEU A 252 28.10 16.02 -36.82
CA LEU A 252 29.16 15.83 -37.81
C LEU A 252 28.51 15.30 -39.09
N LEU A 253 28.24 16.21 -40.02
CA LEU A 253 27.62 15.89 -41.30
C LEU A 253 28.68 15.85 -42.40
N GLN A 254 28.52 14.92 -43.34
CA GLN A 254 29.57 14.59 -44.29
C GLN A 254 28.99 14.53 -45.69
N ALA A 255 29.37 15.50 -46.55
CA ALA A 255 29.05 15.45 -47.96
C ALA A 255 30.10 14.62 -48.70
N PRO A 256 29.72 13.98 -49.82
CA PRO A 256 30.63 13.06 -50.53
C PRO A 256 32.07 13.53 -50.65
N ASP A 257 33.00 12.60 -50.41
CA ASP A 257 34.44 12.80 -50.57
C ASP A 257 35.02 13.79 -49.57
N GLU A 258 34.27 14.82 -49.22
CA GLU A 258 34.92 15.81 -48.38
C GLU A 258 34.79 15.44 -46.90
N PRO A 259 35.77 15.84 -46.09
CA PRO A 259 35.72 15.52 -44.67
C PRO A 259 34.51 16.21 -44.02
N PRO A 260 34.02 15.67 -42.92
CA PRO A 260 32.79 16.21 -42.32
C PRO A 260 32.96 17.64 -41.85
N GLU A 261 31.84 18.28 -41.58
CA GLU A 261 31.81 19.62 -41.00
C GLU A 261 30.94 19.58 -39.75
N LEU A 262 31.42 20.19 -38.67
CA LEU A 262 30.61 20.32 -37.47
C LEU A 262 29.46 21.29 -37.71
N PHE A 263 28.32 21.01 -37.08
CA PHE A 263 27.15 21.88 -37.16
C PHE A 263 26.50 21.95 -35.80
N LEU A 264 26.47 23.14 -35.22
CA LEU A 264 25.80 23.32 -33.94
C LEU A 264 24.29 23.26 -34.14
N LEU A 265 23.60 22.60 -33.21
CA LEU A 265 22.16 22.50 -33.36
C LEU A 265 21.48 23.66 -32.65
N PRO A 266 20.45 24.25 -33.25
CA PRO A 266 19.74 25.35 -32.59
C PRO A 266 19.13 24.90 -31.28
N PRO A 267 19.58 25.48 -30.16
CA PRO A 267 19.04 25.06 -28.84
C PRO A 267 17.53 25.15 -28.75
N GLU A 268 16.89 26.00 -29.56
CA GLU A 268 15.44 26.04 -29.64
C GLU A 268 14.86 24.94 -30.53
N LEU A 269 15.68 24.26 -31.32
CA LEU A 269 15.19 23.15 -32.11
C LEU A 269 15.20 21.83 -31.34
N VAL A 270 15.98 21.73 -30.27
CA VAL A 270 16.17 20.47 -29.55
C VAL A 270 15.19 20.49 -28.38
N LEU A 271 14.02 19.88 -28.59
CA LEU A 271 13.02 19.84 -27.54
C LEU A 271 13.40 18.79 -26.51
N GLU A 272 13.56 19.19 -25.26
CA GLU A 272 13.92 18.25 -24.21
C GLU A 272 12.85 18.27 -23.13
N VAL A 273 12.84 17.20 -22.35
CA VAL A 273 11.88 17.03 -21.26
C VAL A 273 12.66 16.85 -19.95
N PRO A 274 12.56 17.79 -19.01
CA PRO A 274 13.12 17.53 -17.68
C PRO A 274 12.31 16.45 -16.98
N LEU A 275 13.00 15.62 -16.20
CA LEU A 275 12.37 14.44 -15.60
C LEU A 275 11.99 14.73 -14.15
N GLU A 276 10.72 14.53 -13.83
CA GLU A 276 10.21 14.67 -12.48
CA GLU A 276 10.20 14.68 -12.49
C GLU A 276 9.29 13.49 -12.19
N HIS A 277 9.09 13.22 -10.91
CA HIS A 277 8.22 12.11 -10.55
C HIS A 277 6.93 12.65 -9.95
N PRO A 278 5.77 12.03 -10.24
CA PRO A 278 4.52 12.61 -9.75
C PRO A 278 4.40 12.71 -8.24
N THR A 279 5.11 11.88 -7.47
CA THR A 279 5.02 11.94 -6.01
C THR A 279 6.37 11.95 -5.29
N LEU A 280 7.44 11.50 -5.93
CA LEU A 280 8.79 11.55 -5.32
C LEU A 280 9.37 12.92 -5.61
N GLU A 281 9.22 13.83 -4.65
CA GLU A 281 9.53 15.25 -4.86
C GLU A 281 11.00 15.46 -5.19
N TRP A 282 11.87 14.62 -4.65
CA TRP A 282 13.32 14.76 -4.86
C TRP A 282 13.76 14.29 -6.24
N PHE A 283 12.90 13.62 -7.02
CA PHE A 283 13.33 13.07 -8.30
C PHE A 283 13.84 14.16 -9.24
N ALA A 284 13.10 15.29 -9.33
CA ALA A 284 13.53 16.39 -10.17
C ALA A 284 14.92 16.88 -9.79
N ALA A 285 15.27 16.82 -8.51
CA ALA A 285 16.56 17.33 -8.06
C ALA A 285 17.72 16.48 -8.58
N LEU A 286 17.45 15.23 -8.97
CA LEU A 286 18.48 14.44 -9.63
C LEU A 286 18.93 15.04 -10.96
N GLY A 287 18.20 16.04 -11.47
CA GLY A 287 18.68 16.77 -12.64
C GLY A 287 18.65 15.99 -13.93
N LEU A 288 17.77 15.00 -14.04
CA LEU A 288 17.70 14.15 -15.22
C LEU A 288 16.85 14.81 -16.29
N ARG A 289 17.20 14.51 -17.54
CA ARG A 289 16.50 14.99 -18.72
C ARG A 289 16.63 13.94 -19.82
N TRP A 290 15.72 14.00 -20.78
CA TRP A 290 15.92 13.32 -22.05
C TRP A 290 15.24 14.12 -23.15
N TYR A 291 15.70 13.90 -24.37
CA TYR A 291 15.16 14.64 -25.50
C TYR A 291 13.88 14.00 -26.00
N ALA A 292 13.15 14.75 -26.83
CA ALA A 292 11.83 14.33 -27.28
C ALA A 292 11.87 13.49 -28.55
N LEU A 293 12.78 13.77 -29.47
CA LEU A 293 12.72 13.14 -30.78
C LEU A 293 13.78 12.05 -30.94
N PRO A 294 13.38 10.74 -31.03
CA PRO A 294 14.34 9.69 -31.38
C PRO A 294 14.50 9.62 -32.89
N ALA A 295 15.67 10.01 -33.38
CA ALA A 295 15.88 10.16 -34.82
C ALA A 295 17.12 9.37 -35.22
N VAL A 296 16.91 8.21 -35.84
CA VAL A 296 17.99 7.28 -36.14
C VAL A 296 18.67 7.70 -37.44
N SER A 297 19.96 8.04 -37.35
CA SER A 297 20.67 8.71 -38.43
C SER A 297 21.94 7.96 -38.86
N ASN A 298 21.93 6.62 -38.82
CA ASN A 298 23.04 5.88 -39.37
C ASN A 298 22.65 4.60 -40.07
N MET A 299 21.36 4.29 -40.19
CA MET A 299 20.95 3.10 -40.89
C MET A 299 20.85 3.36 -42.38
N LEU A 300 20.96 2.30 -43.16
CA LEU A 300 21.05 2.36 -44.61
C LEU A 300 19.72 1.88 -45.16
N LEU A 301 18.98 2.79 -45.81
CA LEU A 301 17.70 2.43 -46.41
C LEU A 301 17.94 1.86 -47.79
N GLU A 302 17.27 0.75 -48.09
CA GLU A 302 17.48 0.02 -49.33
C GLU A 302 16.12 -0.23 -49.97
N ILE A 303 15.92 0.36 -51.15
CA ILE A 303 14.68 0.21 -51.90
C ILE A 303 15.05 -0.21 -53.32
N GLY A 304 14.40 -1.25 -53.81
CA GLY A 304 14.59 -1.70 -55.18
C GLY A 304 16.03 -1.93 -55.59
N GLY A 305 16.90 -2.18 -54.62
CA GLY A 305 18.30 -2.39 -54.88
C GLY A 305 19.18 -1.18 -54.71
N LEU A 306 18.62 -0.04 -54.33
CA LEU A 306 19.37 1.22 -54.19
C LEU A 306 19.65 1.51 -52.73
N GLU A 307 20.87 1.98 -52.46
CA GLU A 307 21.38 2.10 -51.10
C GLU A 307 21.52 3.58 -50.74
N PHE A 308 20.74 4.03 -49.76
CA PHE A 308 20.76 5.39 -49.26
C PHE A 308 21.44 5.41 -47.89
N PRO A 309 22.76 5.63 -47.82
CA PRO A 309 23.44 5.59 -46.51
C PRO A 309 23.07 6.74 -45.57
N ALA A 310 22.35 7.75 -46.05
CA ALA A 310 21.85 8.85 -45.22
C ALA A 310 20.35 8.93 -45.47
N ALA A 311 19.55 8.49 -44.50
CA ALA A 311 18.09 8.51 -44.61
C ALA A 311 17.47 8.45 -43.23
N PRO A 312 17.66 9.49 -42.42
CA PRO A 312 17.26 9.44 -41.00
C PRO A 312 15.74 9.39 -40.85
N PHE A 313 15.26 8.40 -40.09
CA PHE A 313 13.87 8.28 -39.72
C PHE A 313 13.68 8.60 -38.25
N SER A 314 12.53 9.17 -37.93
CA SER A 314 12.18 9.52 -36.56
C SER A 314 10.71 9.18 -36.32
N GLY A 315 10.40 8.85 -35.08
CA GLY A 315 9.05 8.51 -34.70
C GLY A 315 8.74 9.14 -33.37
N TRP A 316 8.47 8.31 -32.37
CA TRP A 316 8.45 8.77 -30.99
C TRP A 316 8.84 7.60 -30.11
N TYR A 317 9.18 7.94 -28.86
CA TYR A 317 9.74 6.97 -27.93
C TYR A 317 8.66 6.08 -27.34
N MET A 318 9.02 4.82 -27.11
CA MET A 318 8.37 4.00 -26.09
C MET A 318 9.12 4.25 -24.78
N SER A 319 8.38 4.41 -23.68
CA SER A 319 8.98 4.96 -22.47
C SER A 319 10.09 4.07 -21.89
N THR A 320 10.02 2.75 -22.09
CA THR A 320 11.03 1.86 -21.53
C THR A 320 12.40 2.11 -22.15
N GLU A 321 12.45 2.57 -23.41
CA GLU A 321 13.72 2.92 -24.01
C GLU A 321 14.47 3.95 -23.15
N ILE A 322 13.77 4.99 -22.73
CA ILE A 322 14.41 6.06 -21.96
C ILE A 322 14.60 5.64 -20.51
N GLY A 323 13.51 5.20 -19.87
CA GLY A 323 13.57 4.88 -18.45
C GLY A 323 14.34 3.62 -18.15
N THR A 324 14.15 2.58 -18.96
CA THR A 324 14.82 1.34 -18.58
C THR A 324 16.19 1.18 -19.22
N ARG A 325 16.32 1.37 -20.54
CA ARG A 325 17.63 1.13 -21.14
C ARG A 325 18.53 2.35 -21.01
N ASN A 326 18.07 3.54 -21.42
CA ASN A 326 18.98 4.68 -21.46
C ASN A 326 19.44 5.06 -20.06
N LEU A 327 18.54 5.04 -19.10
CA LEU A 327 18.84 5.49 -17.75
C LEU A 327 19.35 4.39 -16.82
N CYS A 328 18.91 3.13 -16.99
CA CYS A 328 19.23 2.07 -16.03
C CYS A 328 20.21 1.00 -16.52
N ASP A 329 20.52 0.95 -17.82
CA ASP A 329 21.52 0.01 -18.29
C ASP A 329 22.85 0.27 -17.58
N PRO A 330 23.56 -0.79 -17.16
CA PRO A 330 24.84 -0.59 -16.45
C PRO A 330 25.86 0.18 -17.26
N HIS A 331 25.84 0.05 -18.58
CA HIS A 331 26.79 0.73 -19.44
C HIS A 331 26.23 2.03 -20.01
N ARG A 332 25.06 2.46 -19.56
CA ARG A 332 24.47 3.72 -19.97
C ARG A 332 24.54 4.67 -18.77
N TYR A 333 23.49 5.43 -18.45
CA TYR A 333 23.54 6.37 -17.34
C TYR A 333 23.60 5.68 -15.99
N ASN A 334 23.15 4.42 -15.88
CA ASN A 334 23.37 3.60 -14.69
C ASN A 334 22.91 4.29 -13.40
N ILE A 335 21.68 4.84 -13.43
CA ILE A 335 21.18 5.59 -12.29
C ILE A 335 20.41 4.72 -11.29
N LEU A 336 20.21 3.42 -11.58
CA LEU A 336 19.29 2.61 -10.81
C LEU A 336 19.60 2.68 -9.31
N GLU A 337 20.87 2.58 -8.95
CA GLU A 337 21.20 2.56 -7.54
C GLU A 337 20.99 3.93 -6.90
N ASP A 338 21.26 4.99 -7.65
CA ASP A 338 21.08 6.33 -7.10
C ASP A 338 19.62 6.60 -6.77
N VAL A 339 18.72 6.18 -7.65
CA VAL A 339 17.30 6.31 -7.37
C VAL A 339 16.89 5.45 -6.16
N ALA A 340 17.41 4.21 -6.06
CA ALA A 340 17.02 3.35 -4.95
C ALA A 340 17.44 3.93 -3.60
N VAL A 341 18.63 4.52 -3.52
CA VAL A 341 19.06 5.17 -2.28
C VAL A 341 18.02 6.24 -1.89
N CYS A 342 17.57 7.04 -2.85
CA CYS A 342 16.61 8.10 -2.54
C CYS A 342 15.27 7.54 -2.11
N MET A 343 14.91 6.34 -2.57
CA MET A 343 13.68 5.70 -2.10
C MET A 343 13.87 4.99 -0.79
N ASP A 344 15.06 5.09 -0.18
CA ASP A 344 15.40 4.37 1.05
C ASP A 344 15.19 2.86 0.93
N LEU A 345 15.43 2.29 -0.25
CA LEU A 345 15.24 0.85 -0.45
C LEU A 345 16.43 0.07 0.11
N ASP A 346 16.20 -1.20 0.38
CA ASP A 346 17.24 -2.06 0.95
C ASP A 346 18.08 -2.61 -0.18
N THR A 347 19.18 -1.92 -0.48
CA THR A 347 20.09 -2.38 -1.53
C THR A 347 21.05 -3.46 -1.04
N ARG A 348 20.94 -3.90 0.21
CA ARG A 348 21.88 -4.88 0.73
C ARG A 348 21.54 -6.32 0.34
N THR A 349 20.34 -6.57 -0.19
CA THR A 349 19.97 -7.92 -0.61
C THR A 349 19.19 -7.88 -1.92
N THR A 350 19.56 -8.75 -2.87
CA THR A 350 18.89 -8.77 -4.16
C THR A 350 17.41 -9.11 -4.03
N SER A 351 17.01 -9.85 -2.98
CA SER A 351 15.65 -10.38 -2.89
C SER A 351 14.65 -9.38 -2.33
N SER A 352 15.10 -8.20 -1.91
CA SER A 352 14.15 -7.12 -1.68
C SER A 352 13.55 -6.61 -2.99
N LEU A 353 14.16 -6.94 -4.14
CA LEU A 353 13.71 -6.50 -5.46
C LEU A 353 13.81 -4.98 -5.59
N TRP A 354 14.83 -4.40 -4.96
CA TRP A 354 15.03 -2.95 -5.01
C TRP A 354 15.32 -2.47 -6.42
N LYS A 355 16.06 -3.23 -7.22
CA LYS A 355 16.30 -2.85 -8.62
C LYS A 355 14.98 -2.73 -9.36
N ASP A 356 14.13 -3.75 -9.25
CA ASP A 356 12.82 -3.74 -9.90
C ASP A 356 11.99 -2.54 -9.47
N LYS A 357 12.00 -2.20 -8.18
CA LYS A 357 11.13 -1.14 -7.67
C LYS A 357 11.60 0.22 -8.16
N ALA A 358 12.90 0.46 -8.10
CA ALA A 358 13.44 1.74 -8.58
C ALA A 358 13.23 1.90 -10.08
N ALA A 359 13.44 0.82 -10.83
CA ALA A 359 13.26 0.88 -12.27
C ALA A 359 11.83 1.27 -12.63
N VAL A 360 10.85 0.71 -11.91
CA VAL A 360 9.46 1.01 -12.26
C VAL A 360 9.18 2.50 -12.00
N GLU A 361 9.71 3.05 -10.91
CA GLU A 361 9.45 4.45 -10.64
C GLU A 361 10.15 5.36 -11.65
N ILE A 362 11.37 5.01 -12.05
CA ILE A 362 12.05 5.72 -13.12
C ILE A 362 11.19 5.72 -14.39
N ASN A 363 10.57 4.59 -14.72
CA ASN A 363 9.64 4.58 -15.86
C ASN A 363 8.42 5.43 -15.56
N VAL A 364 7.90 5.38 -14.34
CA VAL A 364 6.74 6.21 -14.03
C VAL A 364 7.09 7.68 -14.23
N ALA A 365 8.30 8.08 -13.84
CA ALA A 365 8.73 9.48 -13.97
C ALA A 365 8.88 9.88 -15.42
N VAL A 366 9.41 8.99 -16.26
CA VAL A 366 9.54 9.29 -17.69
C VAL A 366 8.16 9.59 -18.29
N LEU A 367 7.21 8.67 -18.09
CA LEU A 367 5.87 8.83 -18.65
C LEU A 367 5.20 10.09 -18.12
N HIS A 368 5.31 10.33 -16.81
CA HIS A 368 4.71 11.52 -16.22
C HIS A 368 5.29 12.78 -16.84
N SER A 369 6.62 12.83 -16.98
CA SER A 369 7.29 14.05 -17.43
C SER A 369 6.93 14.37 -18.87
N TYR A 370 6.98 13.36 -19.75
CA TYR A 370 6.63 13.59 -21.15
C TYR A 370 5.20 14.04 -21.29
N GLN A 371 4.27 13.46 -20.51
CA GLN A 371 2.86 13.87 -20.64
C GLN A 371 2.68 15.30 -20.16
N LEU A 372 3.28 15.65 -19.02
CA LEU A 372 3.19 17.02 -18.53
C LEU A 372 3.75 18.00 -19.55
N ALA A 373 4.90 17.67 -20.14
CA ALA A 373 5.45 18.49 -21.22
C ALA A 373 4.62 18.42 -22.50
N LYS A 374 3.58 17.57 -22.56
CA LYS A 374 2.75 17.40 -23.76
C LYS A 374 3.61 16.96 -24.95
N VAL A 375 4.45 15.96 -24.70
CA VAL A 375 5.30 15.38 -25.73
C VAL A 375 4.85 13.94 -25.93
N THR A 376 4.69 13.55 -27.19
CA THR A 376 4.17 12.22 -27.50
C THR A 376 5.09 11.13 -26.97
N ILE A 377 4.52 10.18 -26.21
CA ILE A 377 5.26 9.02 -25.71
C ILE A 377 4.27 7.88 -25.49
N VAL A 378 4.74 6.64 -25.61
CA VAL A 378 3.86 5.49 -25.45
C VAL A 378 4.48 4.49 -24.46
N ASP A 379 3.65 3.99 -23.54
CA ASP A 379 4.14 3.03 -22.56
C ASP A 379 4.24 1.65 -23.19
N HIS A 380 5.04 0.78 -22.56
CA HIS A 380 5.27 -0.53 -23.16
C HIS A 380 4.01 -1.41 -23.18
N HIS A 381 3.01 -1.11 -22.36
CA HIS A 381 1.78 -1.90 -22.40
C HIS A 381 0.93 -1.57 -23.62
N ALA A 382 0.65 -0.28 -23.83
CA ALA A 382 -0.10 0.17 -24.99
C ALA A 382 0.62 -0.17 -26.29
N ALA A 383 1.94 0.03 -26.32
CA ALA A 383 2.72 -0.28 -27.51
C ALA A 383 2.62 -1.77 -27.86
N THR A 384 2.82 -2.66 -26.89
CA THR A 384 2.78 -4.08 -27.22
C THR A 384 1.36 -4.48 -27.64
N ALA A 385 0.33 -3.88 -27.02
CA ALA A 385 -1.04 -4.24 -27.39
C ALA A 385 -1.36 -3.78 -28.82
N SER A 386 -0.80 -2.66 -29.25
CA SER A 386 -1.00 -2.23 -30.63
CA SER A 386 -0.99 -2.23 -30.63
C SER A 386 -0.23 -3.14 -31.59
N PHE A 387 0.91 -3.65 -31.17
CA PHE A 387 1.65 -4.58 -32.02
C PHE A 387 0.85 -5.85 -32.26
N MET A 388 0.20 -6.38 -31.23
CA MET A 388 -0.66 -7.54 -31.43
C MET A 388 -1.74 -7.24 -32.46
N LYS A 389 -2.35 -6.05 -32.35
CA LYS A 389 -3.30 -5.62 -33.37
C LYS A 389 -2.62 -5.57 -34.73
N HIS A 390 -1.38 -5.07 -34.78
CA HIS A 390 -0.65 -5.03 -36.03
C HIS A 390 -0.44 -6.43 -36.60
N LEU A 391 -0.12 -7.41 -35.74
CA LEU A 391 0.10 -8.78 -36.24
C LEU A 391 -1.16 -9.34 -36.87
N GLU A 392 -2.32 -9.10 -36.27
CA GLU A 392 -3.56 -9.59 -36.86
C GLU A 392 -3.85 -8.87 -38.17
N ASN A 393 -3.60 -7.56 -38.23
CA ASN A 393 -3.69 -6.84 -39.50
C ASN A 393 -2.80 -7.47 -40.56
N GLU A 394 -1.53 -7.69 -40.22
CA GLU A 394 -0.58 -8.21 -41.21
C GLU A 394 -0.92 -9.64 -41.63
N GLN A 395 -1.58 -10.39 -40.74
CA GLN A 395 -1.97 -11.76 -41.08
C GLN A 395 -2.97 -11.80 -42.22
N LYS A 396 -4.04 -10.99 -42.12
CA LYS A 396 -5.03 -11.01 -43.18
C LYS A 396 -4.51 -10.33 -44.45
N ALA A 397 -3.66 -9.30 -44.31
CA ALA A 397 -3.20 -8.56 -45.49
C ALA A 397 -2.11 -9.32 -46.25
N ARG A 398 -1.01 -9.66 -45.57
CA ARG A 398 0.16 -10.28 -46.21
C ARG A 398 0.43 -11.70 -45.75
N GLY A 399 -0.39 -12.26 -44.87
CA GLY A 399 -0.19 -13.63 -44.45
C GLY A 399 0.96 -13.85 -43.48
N GLY A 400 1.17 -12.90 -42.56
CA GLY A 400 2.22 -13.03 -41.57
C GLY A 400 3.01 -11.74 -41.36
N CYS A 401 4.01 -11.81 -40.50
CA CYS A 401 4.74 -10.60 -40.16
C CYS A 401 6.08 -11.00 -39.59
N PRO A 402 7.19 -10.46 -40.12
CA PRO A 402 8.51 -10.76 -39.53
C PRO A 402 8.68 -9.98 -38.24
N ALA A 403 8.96 -10.69 -37.16
CA ALA A 403 9.10 -10.07 -35.87
C ALA A 403 10.20 -10.77 -35.10
N ASP A 404 11.03 -9.95 -34.46
CA ASP A 404 12.16 -10.42 -33.66
C ASP A 404 11.72 -10.38 -32.20
N TRP A 405 11.39 -11.55 -31.66
CA TRP A 405 10.79 -11.66 -30.32
C TRP A 405 11.64 -10.99 -29.26
N ALA A 406 12.97 -11.14 -29.33
CA ALA A 406 13.84 -10.57 -28.29
C ALA A 406 13.78 -9.04 -28.28
N TRP A 407 13.43 -8.41 -29.39
CA TRP A 407 13.34 -6.94 -29.39
C TRP A 407 11.92 -6.43 -29.29
N ILE A 408 10.92 -7.27 -29.56
CA ILE A 408 9.54 -6.84 -29.43
C ILE A 408 9.12 -6.86 -27.96
N VAL A 409 9.47 -7.93 -27.24
CA VAL A 409 9.18 -8.00 -25.80
C VAL A 409 9.95 -6.91 -25.05
N PRO A 410 9.29 -6.09 -24.26
CA PRO A 410 9.95 -4.89 -23.68
C PRO A 410 10.90 -5.27 -22.56
N PRO A 411 11.89 -4.43 -22.24
CA PRO A 411 12.96 -4.84 -21.32
C PRO A 411 12.58 -4.85 -19.85
N ILE A 412 11.39 -4.40 -19.49
CA ILE A 412 10.82 -4.66 -18.17
C ILE A 412 9.45 -5.32 -18.38
N SER A 413 9.05 -6.16 -17.43
CA SER A 413 7.67 -6.66 -17.35
C SER A 413 7.26 -7.45 -18.60
N GLY A 414 8.20 -8.19 -19.17
CA GLY A 414 7.96 -8.82 -20.47
C GLY A 414 6.74 -9.74 -20.48
N SER A 415 6.66 -10.65 -19.50
CA SER A 415 5.52 -11.57 -19.57
C SER A 415 4.20 -10.91 -19.19
N LEU A 416 4.21 -9.66 -18.72
CA LEU A 416 2.97 -8.96 -18.48
C LEU A 416 2.39 -8.33 -19.74
N THR A 417 3.11 -8.37 -20.83
CA THR A 417 2.67 -7.90 -22.13
C THR A 417 2.25 -9.07 -23.00
N PRO A 418 1.29 -8.86 -23.90
CA PRO A 418 0.81 -9.97 -24.74
C PRO A 418 1.85 -10.51 -25.71
N VAL A 419 2.81 -9.69 -26.17
CA VAL A 419 3.78 -10.17 -27.15
C VAL A 419 4.65 -11.27 -26.57
N PHE A 420 4.78 -11.33 -25.24
CA PHE A 420 5.58 -12.40 -24.61
C PHE A 420 5.04 -13.78 -24.98
N HIS A 421 3.73 -13.93 -24.97
CA HIS A 421 3.09 -15.23 -25.15
C HIS A 421 2.81 -15.54 -26.61
N GLN A 422 3.29 -14.69 -27.52
CA GLN A 422 3.08 -14.83 -28.95
C GLN A 422 4.34 -15.38 -29.58
N GLU A 423 4.26 -16.59 -30.15
CA GLU A 423 5.34 -17.09 -30.99
C GLU A 423 5.46 -16.22 -32.25
N MET A 424 6.69 -16.05 -32.72
CA MET A 424 6.99 -15.16 -33.83
C MET A 424 7.98 -15.81 -34.78
N VAL A 425 7.95 -15.38 -36.04
CA VAL A 425 8.88 -15.81 -37.07
C VAL A 425 9.68 -14.59 -37.52
N ASN A 426 10.99 -14.76 -37.64
CA ASN A 426 11.90 -13.68 -37.99
C ASN A 426 12.60 -14.01 -39.30
N TYR A 427 12.54 -13.07 -40.24
CA TYR A 427 13.10 -13.22 -41.58
C TYR A 427 13.26 -11.84 -42.20
N PHE A 428 13.87 -11.80 -43.39
CA PHE A 428 14.23 -10.56 -44.06
C PHE A 428 13.40 -10.41 -45.33
N LEU A 429 12.58 -9.36 -45.37
CA LEU A 429 11.86 -8.95 -46.57
C LEU A 429 12.45 -7.66 -47.13
N SER A 430 12.20 -7.41 -48.41
CA SER A 430 12.63 -6.17 -49.04
C SER A 430 11.41 -5.36 -49.48
N PRO A 431 11.49 -4.01 -49.45
CA PRO A 431 12.64 -3.19 -49.03
C PRO A 431 12.82 -3.18 -47.51
N ALA A 432 13.91 -2.61 -47.03
CA ALA A 432 14.23 -2.76 -45.61
C ALA A 432 15.28 -1.75 -45.20
N PHE A 433 15.36 -1.54 -43.89
CA PHE A 433 16.47 -0.84 -43.26
C PHE A 433 17.56 -1.84 -42.87
N ARG A 434 18.82 -1.42 -43.06
CA ARG A 434 19.99 -2.24 -42.76
C ARG A 434 20.98 -1.42 -41.95
N TYR A 435 21.76 -2.12 -41.12
CA TYR A 435 22.91 -1.49 -40.48
C TYR A 435 24.07 -1.42 -41.47
N GLN A 436 25.02 -0.53 -41.17
CA GLN A 436 26.10 -0.27 -42.10
C GLN A 436 27.34 0.05 -41.30
N PRO A 437 28.53 -0.14 -41.87
CA PRO A 437 29.76 0.15 -41.13
C PRO A 437 29.84 1.63 -40.79
N ASP A 438 30.51 1.93 -39.68
CA ASP A 438 30.78 3.33 -39.34
C ASP A 438 31.73 3.92 -40.36
N PRO A 439 31.52 5.17 -40.78
CA PRO A 439 32.29 5.72 -41.90
C PRO A 439 33.74 6.04 -41.55
N TRP A 440 34.45 5.07 -40.95
CA TRP A 440 35.88 5.18 -40.68
C TRP A 440 36.42 3.86 -40.12
N LYS B 27 35.41 -19.09 -37.88
CA LYS B 27 34.24 -19.70 -38.49
C LYS B 27 33.30 -20.26 -37.43
N PHE B 28 33.52 -19.83 -36.19
CA PHE B 28 32.66 -20.11 -35.06
C PHE B 28 31.92 -18.82 -34.65
N PRO B 29 30.69 -18.94 -34.16
CA PRO B 29 29.89 -17.74 -33.82
C PRO B 29 30.59 -16.85 -32.80
N ARG B 30 30.71 -15.56 -33.13
CA ARG B 30 31.22 -14.58 -32.19
C ARG B 30 30.08 -14.02 -31.35
N VAL B 31 30.29 -13.98 -30.04
CA VAL B 31 29.26 -13.64 -29.06
C VAL B 31 29.76 -12.50 -28.20
N LYS B 32 28.95 -11.46 -28.06
CA LYS B 32 29.36 -10.27 -27.33
C LYS B 32 28.51 -10.12 -26.08
N ASN B 33 29.13 -9.66 -25.00
CA ASN B 33 28.39 -9.17 -23.84
C ASN B 33 28.37 -7.65 -23.91
N TRP B 34 27.18 -7.07 -24.01
CA TRP B 34 27.10 -5.64 -24.27
C TRP B 34 27.32 -4.80 -23.03
N GLU B 35 27.00 -5.32 -21.84
CA GLU B 35 27.20 -4.57 -20.62
C GLU B 35 28.68 -4.30 -20.35
N VAL B 36 29.55 -5.27 -20.61
CA VAL B 36 30.97 -5.17 -20.28
C VAL B 36 31.84 -4.95 -21.50
N GLY B 37 31.45 -5.44 -22.68
CA GLY B 37 32.25 -5.33 -23.89
C GLY B 37 32.96 -6.61 -24.32
N SER B 38 33.00 -7.62 -23.48
CA SER B 38 33.77 -8.83 -23.75
C SER B 38 33.21 -9.61 -24.93
N ILE B 39 34.08 -10.42 -25.53
CA ILE B 39 33.78 -11.15 -26.77
C ILE B 39 34.35 -12.56 -26.66
N THR B 40 33.53 -13.56 -27.00
CA THR B 40 33.95 -14.95 -27.01
C THR B 40 33.42 -15.63 -28.28
N TYR B 41 34.00 -16.78 -28.60
CA TYR B 41 33.56 -17.59 -29.74
C TYR B 41 33.09 -18.95 -29.24
N ASP B 42 31.93 -19.39 -29.71
CA ASP B 42 31.30 -20.63 -29.24
C ASP B 42 31.70 -21.78 -30.16
N THR B 43 32.88 -22.34 -29.89
CA THR B 43 33.36 -23.49 -30.66
C THR B 43 32.57 -24.75 -30.36
N LEU B 44 31.98 -24.84 -29.16
CA LEU B 44 31.20 -26.03 -28.82
C LEU B 44 30.00 -26.20 -29.74
N SER B 45 29.44 -25.10 -30.24
CA SER B 45 28.28 -25.16 -31.13
C SER B 45 28.56 -25.99 -32.39
N ALA B 46 29.82 -26.10 -32.80
CA ALA B 46 30.15 -26.88 -33.99
C ALA B 46 29.96 -28.39 -33.76
N GLN B 47 29.89 -28.83 -32.50
CA GLN B 47 29.68 -30.23 -32.16
C GLN B 47 28.21 -30.65 -32.14
N ALA B 48 27.31 -29.76 -32.56
CA ALA B 48 25.87 -29.91 -32.32
C ALA B 48 25.33 -31.23 -32.86
N GLN B 49 24.99 -32.13 -31.95
CA GLN B 49 24.65 -33.51 -32.29
C GLN B 49 23.30 -33.65 -32.99
N GLN B 50 22.52 -32.58 -33.12
CA GLN B 50 21.22 -32.65 -33.77
C GLN B 50 20.90 -31.29 -34.36
N ASP B 51 19.69 -31.14 -34.91
CA ASP B 51 19.31 -29.95 -35.65
C ASP B 51 18.05 -29.34 -35.06
N GLY B 52 18.06 -28.02 -34.87
CA GLY B 52 16.92 -27.28 -34.40
C GLY B 52 16.02 -26.79 -35.52
N PRO B 53 15.15 -25.82 -35.20
CA PRO B 53 14.13 -25.38 -36.16
C PRO B 53 14.50 -24.22 -37.08
N CYS B 54 15.62 -23.56 -36.89
CA CYS B 54 15.91 -22.36 -37.67
C CYS B 54 16.62 -22.72 -38.97
N THR B 55 16.47 -21.82 -39.95
CA THR B 55 17.17 -21.89 -41.24
C THR B 55 17.73 -20.52 -41.57
N PRO B 56 18.59 -20.39 -42.59
CA PRO B 56 19.01 -19.04 -43.00
C PRO B 56 17.87 -18.19 -43.52
N ARG B 57 16.77 -18.82 -43.94
CA ARG B 57 15.56 -18.10 -44.33
C ARG B 57 14.91 -17.43 -43.13
N ARG B 58 14.74 -18.16 -42.04
CA ARG B 58 13.84 -17.78 -40.98
C ARG B 58 14.31 -18.37 -39.65
N CYS B 59 14.17 -17.57 -38.60
CA CYS B 59 14.46 -17.99 -37.25
C CYS B 59 13.14 -18.35 -36.57
N LEU B 60 13.12 -19.52 -35.93
CA LEU B 60 11.98 -19.98 -35.14
C LEU B 60 12.35 -20.16 -33.67
N GLY B 61 13.37 -19.41 -33.22
CA GLY B 61 13.86 -19.59 -31.87
C GLY B 61 12.83 -19.32 -30.79
N SER B 62 11.80 -18.53 -31.09
CA SER B 62 10.76 -18.22 -30.10
C SER B 62 9.68 -19.29 -29.99
N LEU B 63 9.72 -20.35 -30.80
CA LEU B 63 8.72 -21.40 -30.67
C LEU B 63 8.96 -22.19 -29.39
N VAL B 64 7.89 -22.49 -28.66
CA VAL B 64 8.03 -23.25 -27.41
C VAL B 64 8.42 -24.70 -27.69
N PHE B 65 7.76 -25.33 -28.65
CA PHE B 65 8.10 -26.70 -29.05
C PHE B 65 8.59 -26.71 -30.48
N PRO B 66 9.92 -26.73 -30.70
CA PRO B 66 10.55 -26.68 -32.02
C PRO B 66 10.73 -28.05 -32.67
N ALA B 79 17.01 -49.51 -36.65
CA ALA B 79 18.25 -49.04 -37.22
C ALA B 79 19.37 -49.00 -36.16
N PRO B 80 20.21 -50.04 -36.15
CA PRO B 80 21.28 -50.13 -35.14
C PRO B 80 22.45 -49.21 -35.39
N GLU B 81 22.81 -49.00 -36.66
CA GLU B 81 23.99 -48.19 -36.98
C GLU B 81 23.95 -46.83 -36.29
N GLN B 82 22.76 -46.25 -36.20
CA GLN B 82 22.61 -44.91 -35.63
C GLN B 82 22.58 -44.96 -34.11
N LEU B 83 21.90 -45.97 -33.55
CA LEU B 83 22.05 -46.25 -32.13
C LEU B 83 23.51 -46.42 -31.78
N LEU B 84 24.29 -47.02 -32.68
CA LEU B 84 25.70 -47.31 -32.44
C LEU B 84 26.51 -46.03 -32.30
N SER B 85 26.35 -45.10 -33.26
CA SER B 85 27.18 -43.90 -33.25
C SER B 85 26.82 -42.98 -32.09
N GLN B 86 25.54 -42.93 -31.72
CA GLN B 86 25.14 -42.21 -30.50
C GLN B 86 25.82 -42.79 -29.27
N ALA B 87 25.71 -44.11 -29.08
CA ALA B 87 26.37 -44.75 -27.95
C ALA B 87 27.88 -44.48 -27.99
N ARG B 88 28.47 -44.62 -29.17
CA ARG B 88 29.91 -44.40 -29.32
C ARG B 88 30.28 -43.00 -28.83
N ASP B 89 29.51 -42.00 -29.22
CA ASP B 89 29.82 -40.63 -28.85
C ASP B 89 29.70 -40.43 -27.34
N PHE B 90 28.65 -40.98 -26.72
CA PHE B 90 28.51 -40.86 -25.27
C PHE B 90 29.68 -41.52 -24.54
N ILE B 91 30.06 -42.73 -24.95
CA ILE B 91 31.18 -43.43 -24.30
C ILE B 91 32.46 -42.63 -24.42
N ASN B 92 32.75 -42.12 -25.62
CA ASN B 92 33.80 -41.12 -25.77
C ASN B 92 33.68 -40.03 -24.72
N GLN B 93 32.47 -39.47 -24.55
CA GLN B 93 32.27 -38.42 -23.57
C GLN B 93 32.60 -38.92 -22.17
N TYR B 94 32.02 -40.06 -21.79
CA TYR B 94 32.22 -40.56 -20.44
C TYR B 94 33.70 -40.79 -20.16
N TYR B 95 34.41 -41.43 -21.09
CA TYR B 95 35.82 -41.66 -20.85
C TYR B 95 36.67 -40.39 -20.96
N SER B 96 36.15 -39.31 -21.56
CA SER B 96 36.89 -38.05 -21.50
C SER B 96 36.77 -37.40 -20.12
N SER B 97 35.57 -37.45 -19.52
CA SER B 97 35.34 -36.83 -18.23
C SER B 97 36.19 -37.46 -17.13
N ILE B 98 36.51 -38.75 -17.24
CA ILE B 98 37.34 -39.42 -16.24
C ILE B 98 38.79 -39.51 -16.67
N LYS B 99 39.17 -38.81 -17.74
CA LYS B 99 40.56 -38.72 -18.21
C LYS B 99 41.15 -40.10 -18.52
N ARG B 100 40.28 -41.01 -18.96
CA ARG B 100 40.69 -42.28 -19.55
C ARG B 100 40.44 -42.27 -21.06
N SER B 101 40.57 -41.09 -21.67
CA SER B 101 40.32 -40.94 -23.09
CA SER B 101 40.32 -40.94 -23.10
C SER B 101 41.22 -41.88 -23.90
N GLY B 102 40.59 -42.74 -24.69
CA GLY B 102 41.30 -43.63 -25.60
C GLY B 102 42.17 -44.69 -24.96
N SER B 103 41.72 -45.27 -23.86
CA SER B 103 42.53 -46.23 -23.12
C SER B 103 42.02 -47.65 -23.32
N GLN B 104 42.59 -48.57 -22.54
CA GLN B 104 42.14 -49.96 -22.53
C GLN B 104 40.65 -50.05 -22.21
N ALA B 105 40.24 -49.45 -21.08
CA ALA B 105 38.86 -49.56 -20.63
C ALA B 105 37.92 -48.96 -21.66
N HIS B 106 38.30 -47.82 -22.24
CA HIS B 106 37.54 -47.15 -23.27
C HIS B 106 37.23 -48.09 -24.44
N GLU B 107 38.27 -48.70 -25.01
CA GLU B 107 38.02 -49.55 -26.17
C GLU B 107 37.27 -50.81 -25.77
N GLN B 108 37.53 -51.34 -24.57
CA GLN B 108 36.74 -52.45 -24.04
C GLN B 108 35.26 -52.13 -24.07
N ARG B 109 34.89 -50.92 -23.60
CA ARG B 109 33.48 -50.57 -23.48
C ARG B 109 32.84 -50.39 -24.86
N LEU B 110 33.57 -49.76 -25.79
CA LEU B 110 33.10 -49.69 -27.17
C LEU B 110 32.77 -51.06 -27.73
N GLN B 111 33.69 -52.02 -27.58
CA GLN B 111 33.45 -53.35 -28.12
C GLN B 111 32.28 -54.02 -27.42
N GLU B 112 32.24 -53.93 -26.09
CA GLU B 112 31.11 -54.45 -25.33
C GLU B 112 29.78 -53.92 -25.88
N VAL B 113 29.67 -52.59 -26.05
CA VAL B 113 28.43 -52.00 -26.53
C VAL B 113 28.14 -52.45 -27.97
N GLU B 114 29.15 -52.36 -28.84
CA GLU B 114 29.00 -52.87 -30.21
C GLU B 114 28.43 -54.28 -30.20
N ALA B 115 29.00 -55.15 -29.35
CA ALA B 115 28.61 -56.55 -29.31
C ALA B 115 27.21 -56.72 -28.75
N GLU B 116 26.81 -55.90 -27.77
CA GLU B 116 25.49 -56.06 -27.15
C GLU B 116 24.38 -55.52 -28.04
N VAL B 117 24.66 -54.50 -28.85
CA VAL B 117 23.66 -54.06 -29.81
C VAL B 117 23.46 -55.13 -30.88
N ALA B 118 24.54 -55.84 -31.24
CA ALA B 118 24.44 -56.92 -32.21
C ALA B 118 23.61 -58.08 -31.68
N ALA B 119 23.81 -58.45 -30.41
CA ALA B 119 23.14 -59.61 -29.83
C ALA B 119 21.72 -59.32 -29.38
N THR B 120 21.44 -58.10 -28.89
CA THR B 120 20.17 -57.83 -28.23
C THR B 120 19.40 -56.66 -28.85
N GLY B 121 20.02 -55.86 -29.72
CA GLY B 121 19.39 -54.67 -30.24
C GLY B 121 19.59 -53.42 -29.42
N THR B 122 19.97 -53.54 -28.15
CA THR B 122 20.15 -52.38 -27.27
C THR B 122 21.41 -52.62 -26.43
N TYR B 123 21.61 -51.82 -25.39
CA TYR B 123 22.67 -52.09 -24.43
C TYR B 123 22.26 -51.50 -23.08
N GLN B 124 23.09 -51.73 -22.07
CA GLN B 124 22.80 -51.29 -20.71
C GLN B 124 23.91 -50.37 -20.24
N LEU B 125 23.51 -49.25 -19.60
CA LEU B 125 24.48 -48.33 -19.01
C LEU B 125 25.01 -48.88 -17.70
N ARG B 126 26.31 -48.72 -17.48
CA ARG B 126 26.85 -48.90 -16.14
C ARG B 126 26.31 -47.78 -15.24
N GLU B 127 26.37 -48.01 -13.94
CA GLU B 127 25.81 -47.05 -12.98
C GLU B 127 26.55 -45.71 -13.05
N SER B 128 27.88 -45.74 -13.13
CA SER B 128 28.63 -44.49 -13.24
CA SER B 128 28.63 -44.49 -13.24
C SER B 128 28.36 -43.79 -14.57
N GLU B 129 28.12 -44.55 -15.64
CA GLU B 129 27.74 -43.93 -16.90
C GLU B 129 26.39 -43.24 -16.79
N LEU B 130 25.46 -43.86 -16.07
CA LEU B 130 24.14 -43.28 -15.88
C LEU B 130 24.22 -41.99 -15.07
N VAL B 131 25.03 -41.96 -14.02
CA VAL B 131 25.15 -40.75 -13.23
C VAL B 131 25.77 -39.63 -14.06
N PHE B 132 26.82 -39.94 -14.83
CA PHE B 132 27.45 -38.91 -15.66
C PHE B 132 26.49 -38.41 -16.73
N GLY B 133 25.71 -39.31 -17.33
CA GLY B 133 24.79 -38.92 -18.38
C GLY B 133 23.64 -38.05 -17.90
N ALA B 134 23.13 -38.29 -16.70
CA ALA B 134 22.06 -37.47 -16.18
C ALA B 134 22.55 -36.05 -15.87
N LYS B 135 23.79 -35.92 -15.36
CA LYS B 135 24.35 -34.58 -15.14
C LYS B 135 24.57 -33.85 -16.46
N GLN B 136 25.11 -34.54 -17.46
CA GLN B 136 25.36 -33.94 -18.77
C GLN B 136 24.08 -33.50 -19.43
N ALA B 137 22.99 -34.24 -19.22
CA ALA B 137 21.71 -33.82 -19.77
C ALA B 137 21.25 -32.51 -19.10
N TRP B 138 21.44 -32.40 -17.79
CA TRP B 138 21.19 -31.11 -17.13
C TRP B 138 22.13 -30.03 -17.67
N ARG B 139 23.43 -30.30 -17.64
CA ARG B 139 24.42 -29.35 -18.15
C ARG B 139 24.05 -28.84 -19.55
N ASN B 140 23.54 -29.72 -20.42
CA ASN B 140 23.20 -29.39 -21.80
C ASN B 140 21.83 -28.73 -22.00
N ALA B 141 21.04 -28.51 -20.95
CA ALA B 141 19.68 -28.03 -21.19
C ALA B 141 19.67 -26.53 -21.44
N PRO B 142 19.35 -26.07 -22.65
CA PRO B 142 19.63 -24.67 -23.01
C PRO B 142 18.70 -23.67 -22.37
N ARG B 143 17.55 -24.10 -21.87
CA ARG B 143 16.60 -23.17 -21.27
C ARG B 143 16.66 -23.20 -19.75
N CYS B 144 17.64 -23.89 -19.16
CA CYS B 144 17.77 -23.97 -17.71
C CYS B 144 18.72 -22.88 -17.22
N VAL B 145 18.22 -21.99 -16.37
CA VAL B 145 19.07 -20.92 -15.84
C VAL B 145 19.80 -21.37 -14.58
N GLY B 146 19.41 -22.52 -14.01
CA GLY B 146 20.03 -23.00 -12.79
C GLY B 146 21.25 -23.88 -12.97
N ARG B 147 21.83 -23.90 -14.16
CA ARG B 147 22.87 -24.89 -14.44
C ARG B 147 24.19 -24.63 -13.73
N ILE B 148 24.37 -23.52 -12.99
CA ILE B 148 25.57 -23.44 -12.14
C ILE B 148 25.67 -24.68 -11.24
N GLN B 149 24.52 -25.27 -10.89
CA GLN B 149 24.40 -26.44 -10.01
C GLN B 149 24.61 -27.81 -10.69
N TRP B 150 24.91 -27.88 -12.00
CA TRP B 150 24.71 -29.14 -12.73
C TRP B 150 25.52 -30.30 -12.14
N GLY B 151 26.65 -30.00 -11.50
CA GLY B 151 27.47 -31.05 -10.92
C GLY B 151 26.89 -31.64 -9.65
N LYS B 152 26.06 -30.87 -8.94
CA LYS B 152 25.48 -31.35 -7.68
C LYS B 152 24.09 -31.91 -7.98
N LEU B 153 24.05 -33.20 -8.34
CA LEU B 153 22.79 -33.83 -8.70
C LEU B 153 22.78 -35.26 -8.13
N GLN B 154 21.73 -35.57 -7.39
CA GLN B 154 21.55 -36.89 -6.79
C GLN B 154 20.77 -37.76 -7.76
N VAL B 155 21.38 -38.87 -8.18
CA VAL B 155 20.81 -39.77 -9.17
C VAL B 155 20.34 -41.02 -8.44
N PHE B 156 19.04 -41.28 -8.49
CA PHE B 156 18.47 -42.52 -7.96
C PHE B 156 18.25 -43.48 -9.13
N ASP B 157 18.92 -44.63 -9.08
CA ASP B 157 18.82 -45.64 -10.13
C ASP B 157 17.62 -46.51 -9.82
N ALA B 158 16.55 -46.35 -10.59
CA ALA B 158 15.33 -47.13 -10.46
C ALA B 158 15.12 -48.04 -11.68
N ARG B 159 16.19 -48.39 -12.38
CA ARG B 159 16.04 -49.17 -13.60
C ARG B 159 15.63 -50.62 -13.34
N ASP B 160 15.67 -51.09 -12.10
CA ASP B 160 15.14 -52.40 -11.75
C ASP B 160 13.66 -52.34 -11.41
N CYS B 161 13.02 -51.17 -11.61
CA CYS B 161 11.62 -51.03 -11.25
C CYS B 161 10.76 -51.99 -12.06
N ARG B 162 9.72 -52.55 -11.43
CA ARG B 162 8.96 -53.60 -12.07
C ARG B 162 7.47 -53.35 -12.21
N SER B 163 6.90 -52.44 -11.42
CA SER B 163 5.46 -52.23 -11.48
C SER B 163 5.16 -50.75 -11.29
N ALA B 164 3.88 -50.41 -11.43
CA ALA B 164 3.42 -49.06 -11.11
C ALA B 164 3.52 -48.81 -9.60
N GLN B 165 3.28 -49.86 -8.80
CA GLN B 165 3.28 -49.71 -7.33
C GLN B 165 4.69 -49.44 -6.81
N GLU B 166 5.69 -50.16 -7.32
CA GLU B 166 7.09 -49.86 -7.02
C GLU B 166 7.48 -48.49 -7.53
N MET B 167 7.02 -48.13 -8.73
CA MET B 167 7.25 -46.78 -9.27
C MET B 167 6.81 -45.71 -8.28
N PHE B 168 5.62 -45.88 -7.72
CA PHE B 168 5.09 -44.95 -6.71
C PHE B 168 6.01 -44.85 -5.49
N THR B 169 6.64 -45.96 -5.08
CA THR B 169 7.51 -45.94 -3.91
C THR B 169 8.81 -45.19 -4.19
N TYR B 170 9.42 -45.44 -5.34
CA TYR B 170 10.56 -44.63 -5.76
C TYR B 170 10.21 -43.15 -5.85
N ILE B 171 9.00 -42.83 -6.33
CA ILE B 171 8.67 -41.42 -6.50
C ILE B 171 8.51 -40.75 -5.13
N CYS B 172 7.90 -41.44 -4.18
CA CYS B 172 7.69 -40.88 -2.85
C CYS B 172 9.01 -40.65 -2.14
N ASN B 173 9.98 -41.54 -2.35
CA ASN B 173 11.27 -41.30 -1.72
CA ASN B 173 11.32 -41.38 -1.78
C ASN B 173 12.05 -40.19 -2.43
N HIS B 174 11.86 -40.03 -3.75
CA HIS B 174 12.44 -38.87 -4.41
C HIS B 174 11.90 -37.57 -3.81
N ILE B 175 10.56 -37.43 -3.74
CA ILE B 175 9.95 -36.24 -3.16
C ILE B 175 10.49 -35.99 -1.75
N LYS B 176 10.58 -37.06 -0.94
CA LYS B 176 11.01 -36.91 0.45
C LYS B 176 12.46 -36.46 0.53
N TYR B 177 13.34 -37.04 -0.28
CA TYR B 177 14.75 -36.68 -0.25
C TYR B 177 14.97 -35.27 -0.80
N ALA B 178 14.35 -34.96 -1.95
CA ALA B 178 14.57 -33.64 -2.56
C ALA B 178 13.97 -32.52 -1.73
N THR B 179 12.79 -32.73 -1.16
CA THR B 179 12.18 -31.68 -0.34
C THR B 179 12.99 -31.42 0.92
N ASN B 180 13.37 -32.49 1.64
CA ASN B 180 14.33 -32.36 2.75
C ASN B 180 13.90 -31.28 3.76
N ARG B 181 12.59 -31.20 4.01
CA ARG B 181 12.00 -30.29 5.01
C ARG B 181 12.25 -28.82 4.68
N GLY B 182 12.40 -28.49 3.41
CA GLY B 182 12.58 -27.12 2.96
C GLY B 182 13.96 -26.80 2.44
N ASN B 183 14.97 -27.58 2.82
CA ASN B 183 16.33 -27.39 2.31
C ASN B 183 16.50 -28.27 1.06
N LEU B 184 16.09 -27.74 -0.09
CA LEU B 184 15.91 -28.57 -1.27
C LEU B 184 17.25 -29.06 -1.85
N ARG B 185 17.22 -30.29 -2.36
CA ARG B 185 18.35 -30.96 -2.96
C ARG B 185 17.96 -31.42 -4.37
N SER B 186 18.79 -31.08 -5.35
CA SER B 186 18.53 -31.46 -6.74
C SER B 186 18.63 -32.97 -6.92
N ALA B 187 17.63 -33.59 -7.55
CA ALA B 187 17.67 -35.03 -7.72
C ALA B 187 16.93 -35.43 -8.99
N ILE B 188 17.27 -36.62 -9.49
CA ILE B 188 16.56 -37.27 -10.58
C ILE B 188 16.44 -38.77 -10.26
N THR B 189 15.26 -39.35 -10.52
CA THR B 189 15.06 -40.81 -10.42
C THR B 189 14.84 -41.38 -11.82
N VAL B 190 15.63 -42.37 -12.20
CA VAL B 190 15.62 -42.84 -13.57
C VAL B 190 15.04 -44.24 -13.61
N PHE B 191 13.89 -44.37 -14.27
CA PHE B 191 13.15 -45.62 -14.36
C PHE B 191 13.62 -46.43 -15.58
N PRO B 192 13.13 -47.68 -15.74
CA PRO B 192 13.67 -48.54 -16.81
C PRO B 192 13.60 -47.89 -18.18
N GLN B 193 14.64 -48.14 -18.96
CA GLN B 193 14.75 -47.55 -20.29
C GLN B 193 13.75 -48.20 -21.25
N ARG B 194 13.37 -47.44 -22.27
CA ARG B 194 12.66 -47.99 -23.41
C ARG B 194 13.47 -49.11 -24.02
N CYS B 195 12.78 -50.18 -24.38
CA CYS B 195 13.46 -51.36 -24.92
C CYS B 195 12.46 -52.15 -25.76
N PRO B 196 12.93 -52.82 -26.81
CA PRO B 196 11.99 -53.48 -27.73
C PRO B 196 11.28 -54.65 -27.06
N GLY B 197 9.97 -54.73 -27.32
CA GLY B 197 9.15 -55.82 -26.85
C GLY B 197 8.25 -55.47 -25.68
N ARG B 198 8.53 -54.38 -24.98
CA ARG B 198 7.82 -53.96 -23.78
C ARG B 198 7.37 -52.51 -23.95
N GLY B 199 6.21 -52.19 -23.38
CA GLY B 199 5.75 -50.81 -23.37
C GLY B 199 6.64 -49.93 -22.48
N ASP B 200 6.30 -48.65 -22.44
CA ASP B 200 7.09 -47.68 -21.69
C ASP B 200 6.58 -47.50 -20.27
N PHE B 201 7.49 -47.22 -19.34
CA PHE B 201 7.10 -46.57 -18.11
C PHE B 201 6.79 -45.09 -18.42
N ARG B 202 5.66 -44.60 -17.93
CA ARG B 202 5.33 -43.19 -18.06
C ARG B 202 4.69 -42.67 -16.79
N ILE B 203 5.02 -41.42 -16.47
CA ILE B 203 4.29 -40.60 -15.52
C ILE B 203 3.40 -39.66 -16.33
N TRP B 204 2.09 -39.77 -16.18
CA TRP B 204 1.20 -38.96 -17.01
C TRP B 204 1.24 -37.48 -16.60
N ASN B 205 1.31 -37.20 -15.29
CA ASN B 205 1.42 -35.83 -14.79
C ASN B 205 2.68 -35.14 -15.31
N SER B 206 2.52 -33.86 -15.68
CA SER B 206 3.65 -33.04 -16.15
C SER B 206 4.65 -32.71 -15.05
N GLN B 207 4.21 -32.51 -13.80
CA GLN B 207 5.09 -32.42 -12.63
C GLN B 207 4.58 -33.35 -11.53
N LEU B 208 5.46 -33.69 -10.59
CA LEU B 208 5.04 -34.56 -9.48
C LEU B 208 4.02 -33.88 -8.57
N VAL B 209 4.12 -32.56 -8.38
CA VAL B 209 3.14 -31.78 -7.60
C VAL B 209 2.50 -30.76 -8.55
N ARG B 210 1.18 -30.83 -8.68
CA ARG B 210 0.41 -29.95 -9.54
C ARG B 210 -0.93 -29.69 -8.87
N TYR B 211 -1.52 -28.55 -9.16
CA TYR B 211 -2.83 -28.22 -8.61
C TYR B 211 -3.89 -28.48 -9.65
N ALA B 212 -5.02 -29.05 -9.20
CA ALA B 212 -6.08 -29.38 -10.13
C ALA B 212 -6.65 -28.13 -10.77
N GLY B 213 -7.09 -28.26 -12.02
CA GLY B 213 -7.85 -27.22 -12.68
C GLY B 213 -9.21 -27.76 -13.07
N TYR B 214 -10.24 -27.34 -12.34
CA TYR B 214 -11.59 -27.81 -12.58
C TYR B 214 -12.31 -26.87 -13.53
N ARG B 215 -12.62 -27.39 -14.71
CA ARG B 215 -13.46 -26.61 -15.63
C ARG B 215 -14.79 -26.30 -14.96
N GLN B 216 -14.92 -25.09 -14.44
CA GLN B 216 -16.20 -24.64 -13.91
C GLN B 216 -17.26 -24.67 -15.00
N GLN B 217 -18.51 -24.50 -14.61
CA GLN B 217 -19.56 -24.66 -15.60
C GLN B 217 -19.77 -23.44 -16.48
N ASP B 218 -19.10 -22.33 -16.19
CA ASP B 218 -19.17 -21.14 -17.03
C ASP B 218 -18.15 -21.15 -18.16
N GLY B 219 -17.51 -22.29 -18.42
CA GLY B 219 -16.33 -22.30 -19.26
C GLY B 219 -15.08 -21.77 -18.58
N SER B 220 -15.18 -21.33 -17.32
CA SER B 220 -14.04 -20.82 -16.57
C SER B 220 -13.30 -21.98 -15.94
N VAL B 221 -12.33 -21.65 -15.08
CA VAL B 221 -11.52 -22.66 -14.37
C VAL B 221 -11.34 -22.22 -12.93
N ARG B 222 -11.54 -23.15 -12.03
CA ARG B 222 -11.12 -23.02 -10.65
C ARG B 222 -9.86 -23.84 -10.44
N GLY B 223 -8.87 -23.23 -9.80
CA GLY B 223 -7.56 -23.87 -9.74
C GLY B 223 -6.68 -23.44 -10.90
N ASP B 224 -5.72 -24.28 -11.25
CA ASP B 224 -4.71 -23.94 -12.24
C ASP B 224 -5.19 -24.35 -13.62
N PRO B 225 -5.44 -23.40 -14.54
CA PRO B 225 -5.97 -23.77 -15.88
C PRO B 225 -4.99 -24.56 -16.74
N ALA B 226 -3.69 -24.53 -16.44
CA ALA B 226 -2.73 -25.30 -17.21
C ALA B 226 -2.91 -26.82 -17.04
N ASN B 227 -3.75 -27.24 -16.09
CA ASN B 227 -3.83 -28.64 -15.66
C ASN B 227 -5.25 -29.18 -15.79
N VAL B 228 -6.05 -28.57 -16.68
CA VAL B 228 -7.41 -29.04 -16.87
C VAL B 228 -7.41 -30.45 -17.47
N GLU B 229 -6.49 -30.72 -18.41
CA GLU B 229 -6.50 -32.00 -19.10
C GLU B 229 -6.16 -33.14 -18.14
N ILE B 230 -5.03 -33.01 -17.43
CA ILE B 230 -4.61 -34.04 -16.49
C ILE B 230 -5.64 -34.19 -15.37
N THR B 231 -6.33 -33.10 -15.01
CA THR B 231 -7.38 -33.19 -14.00
C THR B 231 -8.54 -34.04 -14.51
N GLU B 232 -8.98 -33.80 -15.74
CA GLU B 232 -10.03 -34.62 -16.33
C GLU B 232 -9.65 -36.09 -16.35
N LEU B 233 -8.37 -36.37 -16.63
CA LEU B 233 -7.90 -37.75 -16.68
C LEU B 233 -7.95 -38.41 -15.31
N CYS B 234 -7.45 -37.70 -14.28
CA CYS B 234 -7.47 -38.29 -12.94
C CYS B 234 -8.89 -38.70 -12.54
N ILE B 235 -9.86 -37.81 -12.76
CA ILE B 235 -11.26 -38.10 -12.45
C ILE B 235 -11.75 -39.32 -13.23
N GLN B 236 -11.60 -39.27 -14.55
CA GLN B 236 -11.94 -40.37 -15.43
C GLN B 236 -11.29 -41.68 -14.99
N HIS B 237 -10.11 -41.60 -14.37
CA HIS B 237 -9.41 -42.78 -13.89
C HIS B 237 -9.66 -43.05 -12.40
N GLY B 238 -10.79 -42.57 -11.88
CA GLY B 238 -11.24 -42.96 -10.55
C GLY B 238 -11.02 -41.95 -9.45
N TRP B 239 -10.44 -40.79 -9.74
CA TRP B 239 -10.18 -39.81 -8.68
C TRP B 239 -11.46 -39.08 -8.30
N THR B 240 -11.67 -38.93 -6.99
CA THR B 240 -12.76 -38.11 -6.47
C THR B 240 -12.26 -36.68 -6.38
N PRO B 241 -12.69 -35.77 -7.27
CA PRO B 241 -12.11 -34.42 -7.28
C PRO B 241 -12.61 -33.57 -6.11
N GLY B 242 -11.73 -32.71 -5.62
CA GLY B 242 -12.12 -31.68 -4.69
C GLY B 242 -12.67 -30.49 -5.45
N ASN B 243 -12.73 -29.35 -4.75
CA ASN B 243 -13.23 -28.15 -5.40
C ASN B 243 -12.51 -26.89 -4.96
N GLY B 244 -11.29 -27.01 -4.43
CA GLY B 244 -10.50 -25.86 -4.06
C GLY B 244 -9.67 -25.33 -5.23
N ARG B 245 -8.93 -24.25 -4.95
CA ARG B 245 -8.03 -23.69 -5.95
C ARG B 245 -6.65 -24.32 -5.92
N PHE B 246 -6.29 -24.99 -4.84
CA PHE B 246 -4.94 -25.48 -4.64
C PHE B 246 -4.98 -26.95 -4.22
N ASP B 247 -5.76 -27.75 -4.95
CA ASP B 247 -5.88 -29.18 -4.67
C ASP B 247 -4.75 -29.93 -5.36
N VAL B 248 -3.95 -30.66 -4.60
CA VAL B 248 -2.84 -31.40 -5.16
C VAL B 248 -3.36 -32.62 -5.93
N LEU B 249 -2.91 -32.78 -7.19
CA LEU B 249 -3.39 -33.87 -8.04
C LEU B 249 -2.80 -35.21 -7.61
N PRO B 250 -3.55 -36.28 -7.79
CA PRO B 250 -2.97 -37.62 -7.68
C PRO B 250 -2.04 -37.90 -8.83
N LEU B 251 -1.14 -38.87 -8.61
CA LEU B 251 -0.25 -39.36 -9.65
C LEU B 251 -0.93 -40.44 -10.49
N LEU B 252 -0.82 -40.31 -11.81
CA LEU B 252 -1.22 -41.34 -12.75
C LEU B 252 0.04 -41.97 -13.30
N LEU B 253 0.30 -43.21 -12.89
CA LEU B 253 1.54 -43.92 -13.18
C LEU B 253 1.26 -45.10 -14.09
N GLN B 254 1.99 -45.17 -15.19
CA GLN B 254 1.80 -46.19 -16.21
C GLN B 254 3.03 -47.09 -16.23
N ALA B 255 2.82 -48.37 -15.94
CA ALA B 255 3.77 -49.46 -16.11
C ALA B 255 3.64 -50.03 -17.52
N PRO B 256 4.69 -50.67 -18.05
CA PRO B 256 4.63 -51.15 -19.43
C PRO B 256 3.42 -52.02 -19.71
N ASP B 257 2.74 -51.71 -20.81
CA ASP B 257 1.62 -52.54 -21.31
C ASP B 257 0.55 -52.73 -20.25
N GLU B 258 0.30 -51.68 -19.49
CA GLU B 258 -0.64 -51.63 -18.40
C GLU B 258 -1.36 -50.29 -18.56
N PRO B 259 -2.65 -50.21 -18.22
CA PRO B 259 -3.29 -48.89 -18.12
C PRO B 259 -2.66 -48.07 -17.01
N PRO B 260 -2.80 -46.74 -17.02
CA PRO B 260 -2.28 -45.97 -15.89
C PRO B 260 -3.06 -46.28 -14.62
N GLU B 261 -2.38 -46.13 -13.50
CA GLU B 261 -2.94 -46.46 -12.20
C GLU B 261 -2.82 -45.22 -11.32
N LEU B 262 -3.92 -44.84 -10.68
CA LEU B 262 -3.97 -43.67 -9.81
C LEU B 262 -3.28 -43.95 -8.48
N PHE B 263 -2.57 -42.96 -7.97
CA PHE B 263 -1.93 -43.02 -6.66
C PHE B 263 -2.01 -41.64 -6.01
N LEU B 264 -2.52 -41.58 -4.79
CA LEU B 264 -2.54 -40.33 -4.03
C LEU B 264 -1.22 -40.09 -3.31
N LEU B 265 -0.72 -38.88 -3.38
CA LEU B 265 0.46 -38.48 -2.63
C LEU B 265 0.12 -38.30 -1.16
N PRO B 266 0.89 -38.87 -0.23
CA PRO B 266 0.69 -38.57 1.18
C PRO B 266 0.74 -37.08 1.41
N PRO B 267 -0.30 -36.53 2.05
CA PRO B 267 -0.32 -35.07 2.30
C PRO B 267 0.94 -34.54 2.97
N GLU B 268 1.51 -35.30 3.91
CA GLU B 268 2.70 -34.82 4.61
C GLU B 268 3.98 -34.98 3.79
N LEU B 269 3.91 -35.57 2.60
CA LEU B 269 5.04 -35.51 1.70
C LEU B 269 5.08 -34.24 0.87
N VAL B 270 3.96 -33.51 0.74
CA VAL B 270 3.84 -32.39 -0.19
C VAL B 270 4.01 -31.09 0.62
N LEU B 271 5.22 -30.55 0.63
CA LEU B 271 5.49 -29.32 1.38
C LEU B 271 4.97 -28.11 0.59
N GLU B 272 4.10 -27.31 1.24
CA GLU B 272 3.55 -26.11 0.63
C GLU B 272 3.90 -24.86 1.44
N VAL B 273 3.78 -23.70 0.79
CA VAL B 273 4.12 -22.39 1.35
C VAL B 273 2.88 -21.52 1.22
N PRO B 274 2.22 -21.14 2.32
CA PRO B 274 1.20 -20.08 2.23
C PRO B 274 1.87 -18.75 1.88
N LEU B 275 1.20 -17.94 1.06
CA LEU B 275 1.82 -16.73 0.54
C LEU B 275 1.31 -15.53 1.33
N GLU B 276 2.24 -14.77 1.91
CA GLU B 276 1.91 -13.53 2.60
C GLU B 276 2.84 -12.44 2.08
N HIS B 277 2.48 -11.18 2.35
CA HIS B 277 3.38 -10.13 1.89
C HIS B 277 3.98 -9.40 3.09
N PRO B 278 5.26 -9.04 3.05
CA PRO B 278 5.90 -8.47 4.25
C PRO B 278 5.26 -7.17 4.74
N THR B 279 4.78 -6.33 3.84
CA THR B 279 4.09 -5.12 4.26
C THR B 279 2.63 -5.04 3.85
N LEU B 280 2.13 -5.85 2.92
CA LEU B 280 0.70 -5.75 2.56
C LEU B 280 -0.05 -6.86 3.29
N GLU B 281 -0.61 -6.54 4.46
CA GLU B 281 -1.19 -7.58 5.32
C GLU B 281 -2.48 -8.16 4.77
N TRP B 282 -3.17 -7.46 3.86
CA TRP B 282 -4.33 -8.05 3.22
C TRP B 282 -3.95 -9.16 2.24
N PHE B 283 -2.68 -9.22 1.81
CA PHE B 283 -2.25 -10.22 0.84
C PHE B 283 -2.48 -11.64 1.35
N ALA B 284 -2.26 -11.86 2.65
CA ALA B 284 -2.49 -13.18 3.22
C ALA B 284 -3.94 -13.62 3.07
N ALA B 285 -4.88 -12.65 3.04
CA ALA B 285 -6.29 -12.96 2.88
C ALA B 285 -6.64 -13.42 1.47
N LEU B 286 -5.70 -13.34 0.52
CA LEU B 286 -5.95 -13.91 -0.81
C LEU B 286 -6.04 -15.43 -0.75
N GLY B 287 -5.41 -16.05 0.24
CA GLY B 287 -5.44 -17.49 0.36
C GLY B 287 -4.54 -18.20 -0.62
N LEU B 288 -3.50 -17.52 -1.11
CA LEU B 288 -2.67 -18.12 -2.13
C LEU B 288 -1.59 -18.98 -1.48
N ARG B 289 -1.22 -20.05 -2.18
CA ARG B 289 -0.20 -21.01 -1.77
C ARG B 289 0.61 -21.41 -2.99
N TRP B 290 1.81 -21.91 -2.75
CA TRP B 290 2.47 -22.66 -3.82
C TRP B 290 3.27 -23.78 -3.16
N TYR B 291 3.70 -24.76 -3.96
CA TYR B 291 4.41 -25.92 -3.41
C TYR B 291 5.92 -25.72 -3.50
N ALA B 292 6.64 -26.45 -2.64
CA ALA B 292 8.08 -26.26 -2.49
C ALA B 292 8.87 -26.88 -3.62
N LEU B 293 8.42 -28.05 -4.12
CA LEU B 293 9.25 -28.88 -5.00
C LEU B 293 8.75 -28.80 -6.43
N PRO B 294 9.53 -28.20 -7.34
CA PRO B 294 9.19 -28.29 -8.76
C PRO B 294 9.81 -29.57 -9.33
N ALA B 295 9.02 -30.53 -9.76
CA ALA B 295 9.58 -31.82 -10.19
C ALA B 295 9.00 -32.17 -11.55
N VAL B 296 9.77 -31.95 -12.60
CA VAL B 296 9.30 -32.17 -13.95
C VAL B 296 9.33 -33.67 -14.23
N SER B 297 8.18 -34.22 -14.63
CA SER B 297 8.02 -35.67 -14.69
C SER B 297 7.61 -36.20 -16.06
N ASN B 298 7.46 -35.36 -17.08
CA ASN B 298 6.98 -35.84 -18.36
C ASN B 298 8.01 -35.70 -19.46
N MET B 299 9.26 -35.39 -19.14
CA MET B 299 10.26 -35.27 -20.19
C MET B 299 11.05 -36.57 -20.34
N LEU B 300 11.68 -36.70 -21.51
CA LEU B 300 12.46 -37.89 -21.85
C LEU B 300 13.94 -37.61 -21.66
N LEU B 301 14.63 -38.53 -21.00
CA LEU B 301 16.07 -38.44 -20.80
C LEU B 301 16.75 -39.31 -21.84
N GLU B 302 17.64 -38.72 -22.62
CA GLU B 302 18.36 -39.42 -23.67
C GLU B 302 19.84 -39.48 -23.29
N ILE B 303 20.40 -40.69 -23.31
CA ILE B 303 21.80 -40.91 -22.96
C ILE B 303 22.36 -41.95 -23.91
N GLY B 304 23.29 -41.56 -24.77
CA GLY B 304 23.97 -42.50 -25.66
C GLY B 304 23.03 -43.28 -26.55
N GLY B 305 22.01 -42.61 -27.10
CA GLY B 305 21.01 -43.28 -27.90
C GLY B 305 19.93 -44.03 -27.14
N LEU B 306 20.14 -44.34 -25.85
CA LEU B 306 19.09 -44.97 -25.08
C LEU B 306 18.11 -43.92 -24.61
N GLU B 307 16.85 -44.33 -24.45
CA GLU B 307 15.77 -43.39 -24.12
C GLU B 307 15.10 -43.80 -22.82
N PHE B 308 14.97 -42.83 -21.90
CA PHE B 308 14.33 -43.05 -20.60
C PHE B 308 13.06 -42.19 -20.59
N PRO B 309 11.92 -42.73 -21.01
CA PRO B 309 10.69 -41.93 -21.07
C PRO B 309 10.21 -41.47 -19.72
N ALA B 310 10.71 -42.08 -18.65
CA ALA B 310 10.26 -41.77 -17.30
C ALA B 310 11.51 -41.54 -16.45
N ALA B 311 11.79 -40.28 -16.13
CA ALA B 311 12.95 -39.93 -15.32
C ALA B 311 12.74 -38.54 -14.72
N PRO B 312 11.89 -38.44 -13.69
CA PRO B 312 11.54 -37.13 -13.12
C PRO B 312 12.72 -36.50 -12.40
N PHE B 313 12.85 -35.17 -12.56
CA PHE B 313 13.93 -34.41 -11.95
C PHE B 313 13.38 -33.15 -11.27
N SER B 314 14.07 -32.71 -10.24
CA SER B 314 13.57 -31.63 -9.41
C SER B 314 14.75 -30.82 -8.93
N GLY B 315 14.58 -29.49 -8.84
CA GLY B 315 15.59 -28.66 -8.21
C GLY B 315 14.94 -27.80 -7.16
N TRP B 316 14.96 -26.49 -7.37
CA TRP B 316 14.17 -25.56 -6.58
C TRP B 316 13.75 -24.41 -7.49
N TYR B 317 12.78 -23.64 -7.03
CA TYR B 317 12.16 -22.63 -7.86
C TYR B 317 12.99 -21.36 -7.94
N MET B 318 12.94 -20.71 -9.10
CA MET B 318 13.22 -19.29 -9.17
C MET B 318 11.92 -18.52 -8.97
N SER B 319 11.97 -17.44 -8.18
CA SER B 319 10.75 -16.80 -7.68
C SER B 319 9.85 -16.31 -8.82
N THR B 320 10.43 -15.86 -9.93
CA THR B 320 9.60 -15.36 -11.03
C THR B 320 8.71 -16.43 -11.64
N GLU B 321 9.12 -17.71 -11.58
CA GLU B 321 8.24 -18.76 -12.10
C GLU B 321 6.92 -18.77 -11.37
N ILE B 322 6.99 -18.64 -10.04
CA ILE B 322 5.78 -18.58 -9.22
C ILE B 322 5.13 -17.20 -9.35
N GLY B 323 5.87 -16.15 -8.97
CA GLY B 323 5.25 -14.85 -8.82
C GLY B 323 4.79 -14.26 -10.14
N THR B 324 5.66 -14.27 -11.14
CA THR B 324 5.25 -13.75 -12.44
C THR B 324 4.43 -14.77 -13.24
N ARG B 325 5.01 -15.92 -13.58
CA ARG B 325 4.33 -16.78 -14.56
C ARG B 325 3.14 -17.50 -13.95
N ASN B 326 3.36 -18.25 -12.85
CA ASN B 326 2.28 -19.14 -12.43
C ASN B 326 1.09 -18.35 -11.89
N LEU B 327 1.33 -17.24 -11.22
CA LEU B 327 0.26 -16.45 -10.64
C LEU B 327 -0.27 -15.32 -11.53
N CYS B 328 0.56 -14.70 -12.39
CA CYS B 328 0.13 -13.51 -13.12
C CYS B 328 -0.21 -13.73 -14.60
N ASP B 329 0.31 -14.79 -15.25
CA ASP B 329 -0.06 -15.07 -16.64
C ASP B 329 -1.58 -15.00 -16.77
N PRO B 330 -2.10 -14.34 -17.82
CA PRO B 330 -3.57 -14.26 -17.97
C PRO B 330 -4.24 -15.62 -18.08
N HIS B 331 -3.50 -16.64 -18.51
CA HIS B 331 -4.07 -17.97 -18.70
C HIS B 331 -3.73 -18.91 -17.56
N ARG B 332 -3.09 -18.41 -16.52
CA ARG B 332 -2.89 -19.19 -15.32
C ARG B 332 -3.78 -18.66 -14.21
N TYR B 333 -3.23 -18.45 -13.01
CA TYR B 333 -4.06 -17.96 -11.92
C TYR B 333 -4.53 -16.51 -12.12
N ASN B 334 -3.83 -15.71 -12.92
CA ASN B 334 -4.31 -14.39 -13.39
C ASN B 334 -4.77 -13.49 -12.23
N ILE B 335 -3.89 -13.30 -11.24
CA ILE B 335 -4.28 -12.49 -10.09
C ILE B 335 -3.94 -11.01 -10.24
N LEU B 336 -3.22 -10.63 -11.30
CA LEU B 336 -2.55 -9.34 -11.35
C LEU B 336 -3.51 -8.19 -11.08
N GLU B 337 -4.67 -8.21 -11.73
CA GLU B 337 -5.61 -7.10 -11.59
C GLU B 337 -6.19 -7.05 -10.18
N ASP B 338 -6.57 -8.21 -9.62
CA ASP B 338 -7.14 -8.19 -8.27
C ASP B 338 -6.13 -7.69 -7.26
N VAL B 339 -4.85 -7.95 -7.49
CA VAL B 339 -3.82 -7.43 -6.60
C VAL B 339 -3.69 -5.92 -6.75
N ALA B 340 -3.78 -5.42 -8.00
CA ALA B 340 -3.58 -4.00 -8.26
C ALA B 340 -4.74 -3.17 -7.71
N VAL B 341 -5.97 -3.69 -7.82
CA VAL B 341 -7.11 -3.06 -7.19
C VAL B 341 -6.89 -2.93 -5.68
N CYS B 342 -6.45 -4.02 -5.05
CA CYS B 342 -6.25 -4.02 -3.61
C CYS B 342 -5.16 -3.04 -3.20
N MET B 343 -4.11 -2.93 -4.01
CA MET B 343 -3.06 -1.95 -3.76
C MET B 343 -3.52 -0.51 -3.98
N ASP B 344 -4.78 -0.30 -4.40
CA ASP B 344 -5.32 1.01 -4.74
C ASP B 344 -4.62 1.66 -5.93
N LEU B 345 -3.99 0.86 -6.79
CA LEU B 345 -3.43 1.40 -8.01
C LEU B 345 -4.52 1.86 -8.98
N ASP B 346 -4.17 2.81 -9.84
CA ASP B 346 -5.11 3.32 -10.86
C ASP B 346 -5.09 2.36 -12.04
N THR B 347 -6.07 1.47 -12.11
CA THR B 347 -6.10 0.43 -13.13
C THR B 347 -6.82 0.86 -14.40
N ARG B 348 -7.40 2.05 -14.45
CA ARG B 348 -8.11 2.45 -15.66
C ARG B 348 -7.18 2.90 -16.78
N THR B 349 -5.89 3.14 -16.48
CA THR B 349 -4.93 3.60 -17.49
C THR B 349 -3.65 2.79 -17.36
N THR B 350 -2.99 2.57 -18.52
CA THR B 350 -1.82 1.70 -18.50
C THR B 350 -0.55 2.46 -18.10
N SER B 351 -0.50 3.77 -18.34
CA SER B 351 0.71 4.55 -18.11
C SER B 351 0.99 4.79 -16.62
N SER B 352 0.05 4.46 -15.73
CA SER B 352 0.38 4.41 -14.30
C SER B 352 1.26 3.23 -13.93
N LEU B 353 1.53 2.32 -14.88
CA LEU B 353 2.34 1.12 -14.65
C LEU B 353 1.79 0.26 -13.51
N TRP B 354 0.47 0.21 -13.36
CA TRP B 354 -0.13 -0.60 -12.31
C TRP B 354 0.28 -2.06 -12.44
N LYS B 355 0.28 -2.58 -13.67
CA LYS B 355 0.65 -3.98 -13.86
C LYS B 355 2.04 -4.25 -13.32
N ASP B 356 3.01 -3.41 -13.71
CA ASP B 356 4.37 -3.56 -13.23
C ASP B 356 4.45 -3.49 -11.72
N LYS B 357 3.78 -2.49 -11.11
CA LYS B 357 3.86 -2.35 -9.66
C LYS B 357 3.25 -3.54 -8.94
N ALA B 358 2.10 -4.03 -9.41
CA ALA B 358 1.47 -5.16 -8.74
C ALA B 358 2.30 -6.44 -8.89
N ALA B 359 2.88 -6.68 -10.07
CA ALA B 359 3.68 -7.90 -10.25
C ALA B 359 4.94 -7.84 -9.39
N VAL B 360 5.54 -6.66 -9.22
CA VAL B 360 6.74 -6.60 -8.37
C VAL B 360 6.40 -6.98 -6.94
N GLU B 361 5.26 -6.50 -6.43
CA GLU B 361 4.84 -6.86 -5.08
C GLU B 361 4.47 -8.36 -4.97
N ILE B 362 3.96 -8.97 -6.04
CA ILE B 362 3.66 -10.42 -5.97
C ILE B 362 4.96 -11.21 -5.84
N ASN B 363 6.00 -10.80 -6.56
CA ASN B 363 7.26 -11.51 -6.46
C ASN B 363 7.89 -11.32 -5.10
N VAL B 364 7.76 -10.11 -4.53
CA VAL B 364 8.22 -9.86 -3.16
C VAL B 364 7.52 -10.79 -2.19
N ALA B 365 6.20 -10.97 -2.35
CA ALA B 365 5.48 -11.86 -1.44
C ALA B 365 5.98 -13.30 -1.57
N VAL B 366 6.25 -13.72 -2.79
CA VAL B 366 6.71 -15.09 -3.02
C VAL B 366 8.04 -15.32 -2.30
N LEU B 367 8.99 -14.42 -2.51
CA LEU B 367 10.30 -14.53 -1.89
C LEU B 367 10.20 -14.45 -0.38
N HIS B 368 9.46 -13.45 0.13
CA HIS B 368 9.27 -13.34 1.58
C HIS B 368 8.66 -14.62 2.13
N SER B 369 7.69 -15.20 1.44
CA SER B 369 6.96 -16.31 2.01
C SER B 369 7.85 -17.56 2.08
N TYR B 370 8.62 -17.81 1.03
CA TYR B 370 9.50 -18.98 1.03
C TYR B 370 10.64 -18.82 2.02
N GLN B 371 11.16 -17.59 2.18
CA GLN B 371 12.18 -17.39 3.18
C GLN B 371 11.61 -17.57 4.58
N LEU B 372 10.42 -17.01 4.83
CA LEU B 372 9.74 -17.22 6.11
C LEU B 372 9.60 -18.71 6.43
N ALA B 373 9.07 -19.48 5.49
CA ALA B 373 8.85 -20.93 5.65
C ALA B 373 10.13 -21.74 5.58
N LYS B 374 11.28 -21.08 5.36
CA LYS B 374 12.58 -21.74 5.29
C LYS B 374 12.59 -22.82 4.20
N VAL B 375 12.12 -22.43 3.02
CA VAL B 375 12.11 -23.28 1.83
C VAL B 375 12.98 -22.59 0.78
N THR B 376 13.96 -23.33 0.25
CA THR B 376 14.88 -22.82 -0.75
C THR B 376 14.16 -22.11 -1.90
N ILE B 377 14.70 -20.96 -2.29
CA ILE B 377 14.20 -20.22 -3.44
C ILE B 377 15.29 -19.25 -3.88
N VAL B 378 15.37 -18.98 -5.18
CA VAL B 378 16.36 -18.05 -5.71
C VAL B 378 15.62 -16.96 -6.48
N ASP B 379 16.04 -15.70 -6.28
CA ASP B 379 15.42 -14.62 -7.05
C ASP B 379 16.14 -14.47 -8.39
N HIS B 380 15.48 -13.78 -9.33
CA HIS B 380 16.00 -13.72 -10.69
C HIS B 380 17.32 -12.96 -10.78
N HIS B 381 17.60 -12.09 -9.82
CA HIS B 381 18.88 -11.40 -9.80
C HIS B 381 20.00 -12.32 -9.41
N ALA B 382 19.81 -13.10 -8.34
CA ALA B 382 20.85 -14.03 -7.93
C ALA B 382 21.03 -15.12 -8.99
N ALA B 383 19.92 -15.62 -9.52
CA ALA B 383 19.99 -16.75 -10.42
C ALA B 383 20.67 -16.35 -11.74
N THR B 384 20.33 -15.17 -12.26
CA THR B 384 20.98 -14.74 -13.51
C THR B 384 22.43 -14.37 -13.28
N ALA B 385 22.77 -13.83 -12.11
CA ALA B 385 24.19 -13.64 -11.81
C ALA B 385 24.94 -14.96 -11.78
N SER B 386 24.35 -16.00 -11.21
CA SER B 386 25.08 -17.26 -11.15
C SER B 386 25.13 -17.93 -12.52
N PHE B 387 24.13 -17.70 -13.36
CA PHE B 387 24.19 -18.23 -14.72
C PHE B 387 25.30 -17.56 -15.52
N MET B 388 25.61 -16.29 -15.25
CA MET B 388 26.75 -15.68 -15.92
C MET B 388 28.03 -16.40 -15.55
N LYS B 389 28.18 -16.80 -14.28
CA LYS B 389 29.36 -17.54 -13.88
C LYS B 389 29.40 -18.91 -14.57
N HIS B 390 28.24 -19.57 -14.70
CA HIS B 390 28.19 -20.83 -15.44
C HIS B 390 28.68 -20.63 -16.88
N LEU B 391 28.21 -19.57 -17.54
CA LEU B 391 28.68 -19.24 -18.89
C LEU B 391 30.19 -19.12 -18.93
N GLU B 392 30.79 -18.48 -17.92
CA GLU B 392 32.24 -18.34 -17.89
C GLU B 392 32.92 -19.67 -17.59
N ASN B 393 32.42 -20.43 -16.61
CA ASN B 393 32.95 -21.77 -16.37
C ASN B 393 32.87 -22.60 -17.66
N GLU B 394 31.68 -22.62 -18.27
CA GLU B 394 31.47 -23.45 -19.46
C GLU B 394 32.35 -23.02 -20.62
N GLN B 395 32.67 -21.73 -20.73
CA GLN B 395 33.53 -21.31 -21.83
C GLN B 395 34.95 -21.82 -21.67
N LYS B 396 35.48 -21.81 -20.44
CA LYS B 396 36.81 -22.37 -20.20
C LYS B 396 36.81 -23.89 -20.35
N ALA B 397 35.69 -24.54 -20.03
CA ALA B 397 35.60 -25.99 -19.95
C ALA B 397 35.32 -26.66 -21.30
N ARG B 398 34.31 -26.18 -22.03
CA ARG B 398 33.88 -26.84 -23.24
C ARG B 398 33.94 -25.93 -24.47
N GLY B 399 34.31 -24.66 -24.31
CA GLY B 399 34.35 -23.73 -25.41
C GLY B 399 33.03 -23.08 -25.74
N GLY B 400 32.12 -22.96 -24.79
CA GLY B 400 30.81 -22.40 -25.06
C GLY B 400 29.77 -23.06 -24.18
N CYS B 401 28.50 -22.70 -24.44
CA CYS B 401 27.39 -23.19 -23.66
C CYS B 401 26.07 -22.96 -24.40
N PRO B 402 25.31 -24.02 -24.68
CA PRO B 402 24.00 -23.83 -25.34
C PRO B 402 23.00 -23.14 -24.43
N ALA B 403 22.47 -22.01 -24.89
CA ALA B 403 21.52 -21.24 -24.09
C ALA B 403 20.45 -20.62 -24.98
N ASP B 404 19.20 -20.74 -24.54
CA ASP B 404 18.03 -20.13 -25.20
C ASP B 404 17.75 -18.79 -24.51
N TRP B 405 18.15 -17.70 -25.16
CA TRP B 405 18.08 -16.37 -24.55
C TRP B 405 16.68 -16.05 -24.05
N ALA B 406 15.66 -16.32 -24.86
CA ALA B 406 14.29 -16.01 -24.46
C ALA B 406 13.84 -16.77 -23.22
N TRP B 407 14.47 -17.89 -22.88
CA TRP B 407 14.10 -18.58 -21.66
C TRP B 407 14.97 -18.22 -20.48
N ILE B 408 16.22 -17.82 -20.72
CA ILE B 408 17.15 -17.46 -19.66
C ILE B 408 16.84 -16.07 -19.09
N VAL B 409 16.40 -15.14 -19.93
CA VAL B 409 16.07 -13.79 -19.47
C VAL B 409 14.75 -13.85 -18.70
N PRO B 410 14.72 -13.39 -17.45
CA PRO B 410 13.50 -13.53 -16.62
C PRO B 410 12.33 -12.78 -17.19
N PRO B 411 11.09 -13.20 -16.87
CA PRO B 411 9.90 -12.58 -17.46
C PRO B 411 9.51 -11.23 -16.87
N ILE B 412 10.21 -10.76 -15.83
CA ILE B 412 10.15 -9.36 -15.43
C ILE B 412 11.60 -8.88 -15.32
N SER B 413 11.77 -7.56 -15.48
CA SER B 413 13.05 -6.90 -15.20
C SER B 413 14.19 -7.43 -16.06
N GLY B 414 13.89 -7.83 -17.30
CA GLY B 414 14.88 -8.46 -18.15
C GLY B 414 16.20 -7.73 -18.25
N SER B 415 16.19 -6.44 -18.66
CA SER B 415 17.43 -5.70 -18.83
C SER B 415 18.06 -5.29 -17.50
N LEU B 416 17.41 -5.56 -16.37
CA LEU B 416 18.07 -5.30 -15.11
C LEU B 416 18.97 -6.46 -14.69
N THR B 417 18.84 -7.64 -15.34
CA THR B 417 19.70 -8.78 -15.11
C THR B 417 20.78 -8.84 -16.17
N PRO B 418 21.95 -9.38 -15.86
CA PRO B 418 23.04 -9.36 -16.84
C PRO B 418 22.83 -10.28 -18.02
N VAL B 419 22.01 -11.32 -17.92
CA VAL B 419 21.82 -12.20 -19.07
C VAL B 419 21.19 -11.44 -20.24
N PHE B 420 20.45 -10.36 -19.96
CA PHE B 420 19.83 -9.63 -21.05
C PHE B 420 20.87 -9.12 -22.04
N HIS B 421 22.01 -8.66 -21.54
CA HIS B 421 23.02 -8.00 -22.35
C HIS B 421 24.08 -8.97 -22.86
N GLN B 422 23.82 -10.28 -22.75
CA GLN B 422 24.70 -11.35 -23.18
C GLN B 422 24.11 -12.02 -24.41
N GLU B 423 24.81 -11.98 -25.53
CA GLU B 423 24.40 -12.78 -26.66
C GLU B 423 24.61 -14.25 -26.34
N MET B 424 23.85 -15.12 -27.01
CA MET B 424 23.86 -16.54 -26.71
C MET B 424 23.66 -17.32 -27.99
N VAL B 425 24.23 -18.53 -28.03
CA VAL B 425 24.09 -19.48 -29.13
C VAL B 425 23.24 -20.65 -28.61
N ASN B 426 22.14 -20.93 -29.30
CA ASN B 426 21.27 -22.04 -28.94
C ASN B 426 21.49 -23.22 -29.88
N TYR B 427 21.64 -24.42 -29.31
CA TYR B 427 21.86 -25.64 -30.08
C TYR B 427 21.66 -26.84 -29.15
N PHE B 428 21.56 -28.02 -29.77
CA PHE B 428 21.20 -29.25 -29.07
C PHE B 428 22.43 -30.15 -28.93
N LEU B 429 22.83 -30.44 -27.69
CA LEU B 429 23.84 -31.44 -27.38
C LEU B 429 23.20 -32.65 -26.68
N SER B 430 23.84 -33.82 -26.84
CA SER B 430 23.44 -35.04 -26.17
C SER B 430 24.54 -35.48 -25.21
N PRO B 431 24.21 -36.01 -24.02
CA PRO B 431 22.89 -36.31 -23.44
C PRO B 431 21.98 -35.09 -23.23
N ALA B 432 20.70 -35.36 -23.08
CA ALA B 432 19.71 -34.30 -23.23
C ALA B 432 18.40 -34.73 -22.61
N PHE B 433 17.68 -33.75 -22.08
CA PHE B 433 16.26 -33.88 -21.79
C PHE B 433 15.48 -33.36 -23.00
N ARG B 434 14.48 -34.11 -23.42
CA ARG B 434 13.70 -33.79 -24.60
C ARG B 434 12.22 -33.81 -24.22
N TYR B 435 11.41 -33.04 -24.94
CA TYR B 435 9.97 -33.21 -24.80
C TYR B 435 9.51 -34.47 -25.55
N GLN B 436 8.33 -34.95 -25.18
CA GLN B 436 7.77 -36.17 -25.75
C GLN B 436 6.25 -36.04 -25.75
N PRO B 437 5.56 -36.74 -26.65
CA PRO B 437 4.10 -36.61 -26.69
C PRO B 437 3.43 -37.18 -25.44
N ASP B 438 2.28 -36.61 -25.13
CA ASP B 438 1.49 -37.09 -24.00
C ASP B 438 1.06 -38.54 -24.25
N PRO B 439 1.05 -39.38 -23.21
CA PRO B 439 0.76 -40.80 -23.43
C PRO B 439 -0.66 -41.07 -23.90
N TRP B 440 -1.58 -40.12 -23.75
CA TRP B 440 -2.98 -40.39 -24.09
C TRP B 440 -3.38 -39.85 -25.46
N PHE C 28 -20.03 21.85 46.08
CA PHE C 28 -20.67 20.59 45.70
C PHE C 28 -21.11 20.58 44.24
N PRO C 29 -20.23 20.14 43.34
CA PRO C 29 -20.55 20.17 41.90
C PRO C 29 -21.87 19.46 41.59
N ARG C 30 -22.71 20.15 40.81
CA ARG C 30 -23.95 19.61 40.28
C ARG C 30 -23.69 18.88 38.97
N VAL C 31 -24.31 17.72 38.81
CA VAL C 31 -23.97 16.79 37.73
C VAL C 31 -25.24 16.20 37.15
N LYS C 32 -25.41 16.30 35.85
CA LYS C 32 -26.66 15.98 35.19
C LYS C 32 -26.44 14.89 34.16
N ASN C 33 -27.44 14.02 33.99
CA ASN C 33 -27.50 13.07 32.89
C ASN C 33 -28.47 13.61 31.85
N TRP C 34 -27.96 13.83 30.64
CA TRP C 34 -28.73 14.53 29.62
C TRP C 34 -29.68 13.63 28.85
N GLU C 35 -29.49 12.31 28.94
CA GLU C 35 -30.47 11.39 28.36
C GLU C 35 -31.74 11.34 29.19
N VAL C 36 -31.60 11.34 30.50
CA VAL C 36 -32.72 11.05 31.40
C VAL C 36 -33.23 12.35 32.00
N GLY C 37 -32.33 13.32 32.20
CA GLY C 37 -32.67 14.54 32.88
C GLY C 37 -32.48 14.52 34.38
N SER C 38 -31.84 13.48 34.92
CA SER C 38 -31.64 13.37 36.35
C SER C 38 -30.46 14.22 36.81
N ILE C 39 -30.47 14.56 38.11
CA ILE C 39 -29.47 15.41 38.74
C ILE C 39 -29.01 14.77 40.04
N THR C 40 -27.70 14.77 40.28
CA THR C 40 -27.12 14.41 41.57
C THR C 40 -26.04 15.43 41.94
N TYR C 41 -25.56 15.34 43.17
CA TYR C 41 -24.49 16.21 43.64
C TYR C 41 -23.33 15.35 44.14
N ASP C 42 -22.14 15.58 43.60
CA ASP C 42 -20.93 14.88 44.02
C ASP C 42 -20.37 15.56 45.26
N THR C 43 -20.63 14.97 46.42
CA THR C 43 -20.08 15.44 47.67
C THR C 43 -18.75 14.76 48.01
N LEU C 44 -18.44 13.64 47.35
CA LEU C 44 -17.16 12.96 47.58
C LEU C 44 -15.97 13.73 47.01
N SER C 45 -16.19 14.59 46.02
CA SER C 45 -15.10 15.41 45.48
C SER C 45 -14.53 16.35 46.54
N ALA C 46 -15.35 16.71 47.53
CA ALA C 46 -14.85 17.52 48.65
C ALA C 46 -13.64 16.91 49.33
N GLN C 47 -13.53 15.58 49.34
CA GLN C 47 -12.45 14.89 50.03
C GLN C 47 -11.29 14.53 49.11
N ALA C 48 -11.20 15.17 47.93
CA ALA C 48 -10.10 14.89 47.02
C ALA C 48 -8.77 15.19 47.69
N GLN C 49 -7.95 14.16 47.85
CA GLN C 49 -6.68 14.27 48.57
C GLN C 49 -5.70 15.15 47.80
N GLN C 50 -4.88 14.55 46.94
CA GLN C 50 -3.88 15.30 46.20
C GLN C 50 -4.57 16.23 45.19
N ASP C 51 -3.77 16.96 44.43
CA ASP C 51 -4.29 17.93 43.46
C ASP C 51 -4.03 17.45 42.04
N GLY C 52 -5.06 17.56 41.19
CA GLY C 52 -4.94 17.24 39.79
C GLY C 52 -4.30 18.35 38.97
N PRO C 53 -4.56 18.34 37.66
CA PRO C 53 -3.81 19.23 36.75
C PRO C 53 -4.53 20.51 36.34
N CYS C 54 -5.81 20.61 36.63
CA CYS C 54 -6.65 21.68 36.12
C CYS C 54 -6.58 22.90 37.05
N THR C 55 -6.83 24.09 36.48
CA THR C 55 -6.99 25.33 37.23
C THR C 55 -8.15 26.13 36.65
N PRO C 56 -8.64 27.14 37.38
CA PRO C 56 -9.65 28.04 36.79
C PRO C 56 -9.23 28.62 35.45
N ARG C 57 -7.93 28.80 35.24
CA ARG C 57 -7.46 29.38 33.98
C ARG C 57 -7.61 28.39 32.81
N ARG C 58 -7.37 27.10 33.05
CA ARG C 58 -7.30 26.15 31.94
C ARG C 58 -7.58 24.74 32.46
N CYS C 59 -8.29 23.96 31.64
CA CYS C 59 -8.59 22.57 31.95
C CYS C 59 -7.64 21.67 31.17
N LEU C 60 -6.91 20.79 31.88
CA LEU C 60 -6.00 19.82 31.28
C LEU C 60 -6.55 18.39 31.40
N GLY C 61 -7.87 18.25 31.49
CA GLY C 61 -8.48 16.94 31.63
C GLY C 61 -8.10 15.93 30.55
N SER C 62 -7.76 16.40 29.35
CA SER C 62 -7.50 15.47 28.26
C SER C 62 -6.08 14.91 28.24
N LEU C 63 -5.21 15.35 29.15
CA LEU C 63 -3.83 14.87 29.16
C LEU C 63 -3.76 13.45 29.73
N VAL C 64 -2.98 12.60 29.07
CA VAL C 64 -2.84 11.22 29.55
C VAL C 64 -2.06 11.18 30.84
N PHE C 65 -0.89 11.84 30.87
CA PHE C 65 -0.11 11.95 32.09
C PHE C 65 -0.10 13.40 32.59
N PRO C 66 -0.80 13.72 33.68
CA PRO C 66 -0.77 15.08 34.23
C PRO C 66 0.32 15.27 35.30
N ALA C 79 10.33 12.54 54.59
CA ALA C 79 9.73 13.08 55.80
C ALA C 79 9.00 11.99 56.57
N PRO C 80 9.40 11.77 57.83
CA PRO C 80 8.67 10.79 58.66
C PRO C 80 7.28 11.27 59.04
N GLU C 81 7.10 12.56 59.31
CA GLU C 81 5.78 13.06 59.70
C GLU C 81 4.80 13.15 58.52
N GLN C 82 5.30 13.16 57.29
CA GLN C 82 4.39 13.11 56.14
C GLN C 82 3.83 11.71 55.96
N LEU C 83 4.62 10.67 56.24
CA LEU C 83 4.13 9.30 56.18
C LEU C 83 2.98 9.10 57.15
N LEU C 84 3.16 9.57 58.40
CA LEU C 84 2.15 9.37 59.44
C LEU C 84 0.78 9.88 59.01
N SER C 85 0.75 11.08 58.43
CA SER C 85 -0.51 11.73 58.10
C SER C 85 -1.31 10.91 57.09
N GLN C 86 -0.65 10.45 56.02
CA GLN C 86 -1.32 9.53 55.11
C GLN C 86 -1.64 8.21 55.80
N ALA C 87 -0.79 7.78 56.73
CA ALA C 87 -1.01 6.50 57.40
C ALA C 87 -2.23 6.53 58.29
N ARG C 88 -2.32 7.53 59.16
CA ARG C 88 -3.52 7.65 59.99
C ARG C 88 -4.76 7.81 59.13
N ASP C 89 -4.66 8.60 58.04
CA ASP C 89 -5.80 8.84 57.16
C ASP C 89 -6.40 7.54 56.65
N PHE C 90 -5.57 6.58 56.26
CA PHE C 90 -6.09 5.35 55.70
C PHE C 90 -6.66 4.43 56.78
N ILE C 91 -6.13 4.49 58.00
CA ILE C 91 -6.61 3.61 59.06
C ILE C 91 -8.03 3.98 59.46
N ASN C 92 -8.35 5.28 59.47
CA ASN C 92 -9.69 5.72 59.83
C ASN C 92 -10.69 5.33 58.75
N GLN C 93 -10.35 5.63 57.50
CA GLN C 93 -11.13 5.14 56.36
C GLN C 93 -11.42 3.65 56.53
N TYR C 94 -10.38 2.87 56.85
CA TYR C 94 -10.57 1.43 57.03
C TYR C 94 -11.56 1.15 58.15
N TYR C 95 -11.33 1.70 59.33
CA TYR C 95 -12.18 1.36 60.47
C TYR C 95 -13.59 1.91 60.31
N SER C 96 -13.73 3.08 59.65
CA SER C 96 -15.04 3.54 59.22
C SER C 96 -15.71 2.53 58.30
N SER C 97 -14.93 1.95 57.38
CA SER C 97 -15.48 1.03 56.40
C SER C 97 -15.94 -0.30 57.02
N ILE C 98 -15.46 -0.65 58.22
CA ILE C 98 -15.90 -1.88 58.87
C ILE C 98 -16.74 -1.58 60.11
N LYS C 99 -17.31 -0.37 60.20
CA LYS C 99 -18.27 -0.01 61.23
C LYS C 99 -17.70 -0.12 62.64
N ARG C 100 -16.39 0.00 62.79
CA ARG C 100 -15.74 -0.05 64.10
C ARG C 100 -14.64 1.02 64.18
N SER C 101 -15.02 2.26 63.93
CA SER C 101 -14.12 3.40 64.07
C SER C 101 -14.25 3.99 65.47
N GLY C 102 -13.13 4.49 65.99
CA GLY C 102 -13.05 4.91 67.37
C GLY C 102 -12.92 3.77 68.36
N SER C 103 -13.23 2.54 67.96
CA SER C 103 -13.00 1.36 68.79
C SER C 103 -11.56 1.36 69.26
N GLN C 104 -11.31 0.76 70.43
CA GLN C 104 -9.93 0.64 70.85
C GLN C 104 -9.13 -0.29 69.94
N ALA C 105 -9.80 -1.03 69.06
CA ALA C 105 -9.10 -1.66 67.95
C ALA C 105 -8.61 -0.62 66.96
N HIS C 106 -9.41 0.41 66.69
CA HIS C 106 -8.92 1.55 65.90
C HIS C 106 -7.72 2.19 66.60
N GLU C 107 -7.79 2.35 67.93
CA GLU C 107 -6.74 3.05 68.64
C GLU C 107 -5.43 2.26 68.64
N GLN C 108 -5.51 0.93 68.81
CA GLN C 108 -4.28 0.14 68.84
C GLN C 108 -3.54 0.24 67.52
N ARG C 109 -4.25 0.05 66.42
CA ARG C 109 -3.65 0.13 65.08
C ARG C 109 -2.96 1.47 64.86
N LEU C 110 -3.46 2.54 65.48
CA LEU C 110 -2.83 3.85 65.30
C LEU C 110 -1.46 3.90 65.95
N GLN C 111 -1.35 3.42 67.19
CA GLN C 111 -0.09 3.55 67.92
C GLN C 111 0.94 2.54 67.44
N GLU C 112 0.50 1.39 66.93
CA GLU C 112 1.45 0.41 66.39
C GLU C 112 2.17 0.98 65.17
N VAL C 113 1.45 1.68 64.30
CA VAL C 113 2.09 2.29 63.14
C VAL C 113 3.02 3.42 63.58
N GLU C 114 2.60 4.23 64.55
CA GLU C 114 3.46 5.29 65.08
C GLU C 114 4.80 4.74 65.55
N ALA C 115 4.79 3.75 66.46
CA ALA C 115 6.05 3.20 66.95
C ALA C 115 6.84 2.52 65.85
N GLU C 116 6.15 1.90 64.89
CA GLU C 116 6.83 1.17 63.82
C GLU C 116 7.60 2.11 62.89
N VAL C 117 7.01 3.26 62.54
CA VAL C 117 7.73 4.21 61.69
C VAL C 117 8.84 4.89 62.49
N ALA C 118 8.64 5.10 63.79
CA ALA C 118 9.67 5.68 64.64
C ALA C 118 10.89 4.78 64.74
N ALA C 119 10.69 3.46 64.70
CA ALA C 119 11.80 2.52 64.79
C ALA C 119 12.45 2.22 63.45
N THR C 120 11.67 2.15 62.36
CA THR C 120 12.21 1.73 61.07
C THR C 120 12.02 2.72 59.93
N GLY C 121 11.22 3.77 60.11
CA GLY C 121 10.99 4.73 59.03
C GLY C 121 9.78 4.43 58.17
N THR C 122 9.22 3.22 58.24
CA THR C 122 8.03 2.84 57.49
C THR C 122 7.19 1.96 58.40
N TYR C 123 6.20 1.27 57.84
CA TYR C 123 5.38 0.36 58.65
C TYR C 123 4.74 -0.68 57.74
N GLN C 124 4.26 -1.76 58.37
CA GLN C 124 3.64 -2.88 57.67
C GLN C 124 2.13 -2.84 57.80
N LEU C 125 1.44 -3.14 56.69
CA LEU C 125 -0.01 -3.27 56.69
C LEU C 125 -0.42 -4.64 57.19
N ARG C 126 -1.54 -4.70 57.91
CA ARG C 126 -2.19 -5.99 58.16
C ARG C 126 -2.73 -6.53 56.84
N GLU C 127 -2.82 -7.87 56.75
CA GLU C 127 -3.22 -8.47 55.48
C GLU C 127 -4.59 -8.00 55.04
N SER C 128 -5.51 -7.81 56.00
CA SER C 128 -6.82 -7.28 55.66
C SER C 128 -6.73 -5.82 55.22
N GLU C 129 -5.90 -5.02 55.90
CA GLU C 129 -5.64 -3.65 55.44
C GLU C 129 -5.11 -3.64 54.02
N LEU C 130 -4.25 -4.60 53.68
CA LEU C 130 -3.74 -4.70 52.31
C LEU C 130 -4.85 -5.04 51.32
N VAL C 131 -5.79 -5.90 51.73
CA VAL C 131 -6.89 -6.27 50.85
C VAL C 131 -7.81 -5.10 50.62
N PHE C 132 -8.20 -4.42 51.70
CA PHE C 132 -9.06 -3.24 51.59
C PHE C 132 -8.42 -2.15 50.73
N GLY C 133 -7.13 -1.86 50.97
CA GLY C 133 -6.46 -0.81 50.20
C GLY C 133 -6.29 -1.15 48.73
N ALA C 134 -6.21 -2.44 48.39
CA ALA C 134 -6.17 -2.82 46.99
C ALA C 134 -7.53 -2.63 46.33
N LYS C 135 -8.61 -3.04 47.01
CA LYS C 135 -9.95 -2.86 46.46
C LYS C 135 -10.34 -1.38 46.36
N GLN C 136 -9.86 -0.55 47.29
CA GLN C 136 -10.17 0.87 47.22
C GLN C 136 -9.46 1.52 46.04
N ALA C 137 -8.20 1.17 45.83
CA ALA C 137 -7.44 1.82 44.77
C ALA C 137 -8.04 1.53 43.40
N TRP C 138 -8.58 0.31 43.21
CA TRP C 138 -9.39 0.04 42.03
C TRP C 138 -10.68 0.86 42.05
N ARG C 139 -11.40 0.81 43.18
CA ARG C 139 -12.64 1.57 43.33
C ARG C 139 -12.46 3.06 43.02
N ASN C 140 -11.28 3.59 43.30
CA ASN C 140 -11.03 5.02 43.10
C ASN C 140 -10.44 5.35 41.73
N ALA C 141 -10.01 4.37 40.96
CA ALA C 141 -9.36 4.61 39.68
C ALA C 141 -10.30 5.32 38.71
N PRO C 142 -10.05 6.59 38.36
CA PRO C 142 -11.07 7.35 37.64
C PRO C 142 -11.33 6.85 36.24
N ARG C 143 -10.34 6.25 35.59
CA ARG C 143 -10.45 5.91 34.18
C ARG C 143 -10.98 4.50 33.94
N CYS C 144 -11.33 3.77 34.98
CA CYS C 144 -11.70 2.37 34.84
C CYS C 144 -13.21 2.23 34.74
N VAL C 145 -13.69 1.77 33.58
CA VAL C 145 -15.11 1.52 33.38
C VAL C 145 -15.58 0.21 33.99
N GLY C 146 -14.66 -0.61 34.48
CA GLY C 146 -15.01 -1.96 34.94
C GLY C 146 -15.23 -2.05 36.43
N ARG C 147 -15.45 -0.89 37.08
CA ARG C 147 -15.44 -0.84 38.54
C ARG C 147 -16.67 -1.44 39.21
N ILE C 148 -17.72 -1.77 38.45
CA ILE C 148 -18.84 -2.52 39.03
C ILE C 148 -18.34 -3.76 39.76
N GLN C 149 -17.17 -4.27 39.39
CA GLN C 149 -16.57 -5.48 39.92
C GLN C 149 -15.65 -5.25 41.11
N TRP C 150 -15.57 -4.02 41.64
CA TRP C 150 -14.47 -3.66 42.53
C TRP C 150 -14.45 -4.49 43.82
N GLY C 151 -15.60 -5.00 44.26
CA GLY C 151 -15.62 -5.82 45.45
C GLY C 151 -15.08 -7.23 45.26
N LYS C 152 -14.93 -7.66 44.01
CA LYS C 152 -14.57 -9.04 43.67
C LYS C 152 -13.16 -9.01 43.06
N LEU C 153 -12.16 -9.02 43.93
CA LEU C 153 -10.75 -8.99 43.55
C LEU C 153 -9.97 -9.95 44.44
N GLN C 154 -9.06 -10.70 43.82
CA GLN C 154 -8.19 -11.62 44.53
C GLN C 154 -6.84 -10.96 44.80
N VAL C 155 -6.49 -10.83 46.07
CA VAL C 155 -5.23 -10.20 46.46
C VAL C 155 -4.25 -11.29 46.87
N PHE C 156 -3.15 -11.41 46.12
CA PHE C 156 -2.04 -12.28 46.47
C PHE C 156 -0.96 -11.45 47.17
N ASP C 157 -0.70 -11.77 48.44
CA ASP C 157 0.31 -11.08 49.24
C ASP C 157 1.66 -11.70 48.96
N ALA C 158 2.52 -10.99 48.23
CA ALA C 158 3.87 -11.44 47.90
C ALA C 158 4.94 -10.60 48.59
N ARG C 159 4.60 -9.95 49.71
CA ARG C 159 5.53 -9.05 50.38
C ARG C 159 6.74 -9.77 50.97
N ASP C 160 6.82 -11.09 50.86
CA ASP C 160 7.97 -11.85 51.33
C ASP C 160 8.83 -12.35 50.17
N CYS C 161 8.96 -11.55 49.11
CA CYS C 161 9.69 -11.96 47.92
C CYS C 161 11.18 -11.65 48.07
N ARG C 162 12.02 -12.56 47.59
CA ARG C 162 13.47 -12.51 47.80
C ARG C 162 14.27 -12.21 46.55
N SER C 163 13.85 -12.70 45.39
CA SER C 163 14.62 -12.50 44.17
C SER C 163 13.70 -12.56 42.96
N ALA C 164 14.29 -12.30 41.79
CA ALA C 164 13.53 -12.32 40.55
C ALA C 164 13.05 -13.72 40.18
N GLN C 165 13.71 -14.76 40.67
CA GLN C 165 13.22 -16.11 40.42
C GLN C 165 11.96 -16.39 41.25
N GLU C 166 11.85 -15.78 42.44
CA GLU C 166 10.62 -15.88 43.19
C GLU C 166 9.56 -14.91 42.66
N MET C 167 9.98 -13.70 42.30
CA MET C 167 9.09 -12.80 41.58
C MET C 167 8.43 -13.52 40.41
N PHE C 168 9.24 -14.22 39.60
CA PHE C 168 8.72 -14.96 38.46
C PHE C 168 7.74 -16.06 38.87
N THR C 169 7.91 -16.62 40.08
CA THR C 169 7.01 -17.67 40.55
C THR C 169 5.66 -17.12 40.99
N TYR C 170 5.66 -15.97 41.70
CA TYR C 170 4.40 -15.30 42.01
C TYR C 170 3.64 -14.94 40.74
N ILE C 171 4.34 -14.35 39.76
CA ILE C 171 3.69 -13.91 38.52
C ILE C 171 3.00 -15.07 37.84
N CYS C 172 3.72 -16.19 37.67
CA CYS C 172 3.16 -17.34 36.99
C CYS C 172 1.94 -17.90 37.72
N ASN C 173 1.91 -17.77 39.05
CA ASN C 173 0.75 -18.20 39.82
C ASN C 173 -0.43 -17.27 39.61
N HIS C 174 -0.18 -15.95 39.65
CA HIS C 174 -1.18 -14.96 39.27
C HIS C 174 -1.77 -15.30 37.91
N ILE C 175 -0.90 -15.42 36.89
CA ILE C 175 -1.36 -15.65 35.53
C ILE C 175 -2.21 -16.91 35.46
N LYS C 176 -1.72 -18.00 36.08
CA LYS C 176 -2.47 -19.25 36.15
C LYS C 176 -3.82 -19.05 36.81
N TYR C 177 -3.83 -18.45 38.01
CA TYR C 177 -5.10 -18.23 38.70
C TYR C 177 -6.02 -17.29 37.91
N ALA C 178 -5.48 -16.18 37.38
CA ALA C 178 -6.37 -15.23 36.71
C ALA C 178 -6.93 -15.81 35.42
N THR C 179 -6.09 -16.52 34.66
CA THR C 179 -6.56 -17.04 33.38
C THR C 179 -7.67 -18.07 33.60
N ASN C 180 -7.44 -19.04 34.50
CA ASN C 180 -8.49 -19.97 34.90
C ASN C 180 -9.16 -20.60 33.68
N ARG C 181 -8.34 -21.01 32.72
CA ARG C 181 -8.79 -21.72 31.52
C ARG C 181 -9.72 -20.85 30.66
N GLY C 182 -9.57 -19.52 30.72
CA GLY C 182 -10.37 -18.63 29.94
C GLY C 182 -11.55 -18.02 30.68
N ASN C 183 -11.92 -18.58 31.82
CA ASN C 183 -12.95 -17.96 32.66
C ASN C 183 -12.24 -17.01 33.61
N LEU C 184 -12.08 -15.74 33.19
CA LEU C 184 -11.16 -14.84 33.86
C LEU C 184 -11.68 -14.43 35.24
N ARG C 185 -10.73 -14.29 36.17
CA ARG C 185 -10.97 -13.82 37.54
C ARG C 185 -10.01 -12.68 37.87
N SER C 186 -10.53 -11.61 38.45
CA SER C 186 -9.70 -10.47 38.78
C SER C 186 -8.73 -10.82 39.91
N ALA C 187 -7.54 -10.22 39.86
CA ALA C 187 -6.53 -10.49 40.88
C ALA C 187 -5.48 -9.39 40.88
N ILE C 188 -4.80 -9.23 42.01
CA ILE C 188 -3.60 -8.39 42.11
C ILE C 188 -2.60 -9.11 43.02
N THR C 189 -1.33 -9.06 42.62
CA THR C 189 -0.23 -9.51 43.47
C THR C 189 0.56 -8.31 43.95
N VAL C 190 0.90 -8.28 45.23
CA VAL C 190 1.57 -7.14 45.86
C VAL C 190 2.97 -7.57 46.27
N PHE C 191 3.98 -6.90 45.73
CA PHE C 191 5.38 -7.18 46.04
C PHE C 191 5.89 -6.20 47.10
N PRO C 192 7.07 -6.44 47.66
CA PRO C 192 7.49 -5.64 48.82
C PRO C 192 7.52 -4.14 48.53
N GLN C 193 6.94 -3.38 49.45
CA GLN C 193 6.90 -1.93 49.33
C GLN C 193 8.32 -1.36 49.25
N ARG C 194 8.43 -0.18 48.67
CA ARG C 194 9.67 0.55 48.78
C ARG C 194 9.90 0.97 50.22
N CYS C 195 11.16 1.07 50.61
CA CYS C 195 11.51 1.60 51.90
C CYS C 195 12.90 2.21 51.80
N PRO C 196 13.25 3.13 52.70
CA PRO C 196 14.57 3.78 52.60
C PRO C 196 15.71 2.80 52.74
N GLY C 197 16.85 3.18 52.16
CA GLY C 197 18.08 2.41 52.30
C GLY C 197 18.41 1.54 51.12
N ARG C 198 17.41 0.87 50.56
CA ARG C 198 17.62 -0.12 49.51
C ARG C 198 16.58 0.05 48.42
N GLY C 199 16.81 -0.60 47.29
CA GLY C 199 16.03 -0.40 46.09
C GLY C 199 14.62 -0.97 46.11
N ASP C 200 14.10 -1.28 44.92
CA ASP C 200 12.70 -1.65 44.74
C ASP C 200 12.57 -2.89 43.88
N PHE C 201 11.37 -3.46 43.89
CA PHE C 201 10.97 -4.48 42.95
C PHE C 201 10.23 -3.81 41.81
N ARG C 202 10.67 -4.08 40.58
CA ARG C 202 10.06 -3.45 39.41
C ARG C 202 9.86 -4.49 38.32
N ILE C 203 8.71 -4.44 37.67
CA ILE C 203 8.45 -5.22 36.47
C ILE C 203 8.66 -4.30 35.29
N TRP C 204 9.80 -4.47 34.60
CA TRP C 204 10.14 -3.58 33.50
C TRP C 204 9.14 -3.64 32.35
N ASN C 205 8.37 -4.71 32.23
CA ASN C 205 7.33 -4.78 31.21
C ASN C 205 6.09 -4.01 31.66
N SER C 206 5.49 -3.28 30.72
CA SER C 206 4.26 -2.58 31.02
C SER C 206 3.09 -3.53 31.25
N GLN C 207 3.18 -4.76 30.73
CA GLN C 207 2.16 -5.79 30.94
C GLN C 207 2.85 -7.14 30.93
N LEU C 208 2.26 -8.10 31.66
CA LEU C 208 2.84 -9.43 31.72
C LEU C 208 2.86 -10.09 30.35
N VAL C 209 1.80 -9.92 29.56
CA VAL C 209 1.74 -10.43 28.20
C VAL C 209 1.82 -9.24 27.25
N ARG C 210 2.86 -9.22 26.41
CA ARG C 210 3.08 -8.15 25.44
C ARG C 210 3.75 -8.74 24.21
N TYR C 211 3.23 -8.41 23.03
CA TYR C 211 3.87 -8.82 21.79
C TYR C 211 5.08 -7.93 21.48
N ALA C 212 6.07 -8.52 20.82
CA ALA C 212 7.29 -7.78 20.53
C ALA C 212 7.08 -6.81 19.36
N GLY C 213 7.98 -5.84 19.26
CA GLY C 213 8.01 -4.89 18.17
C GLY C 213 9.41 -4.72 17.61
N TYR C 214 9.60 -5.10 16.35
CA TYR C 214 10.91 -5.09 15.70
C TYR C 214 10.96 -4.01 14.62
N ARG C 215 12.13 -3.37 14.46
CA ARG C 215 12.33 -2.28 13.50
C ARG C 215 13.32 -2.69 12.42
N GLN C 216 13.21 -2.06 11.24
CA GLN C 216 14.01 -2.39 10.05
C GLN C 216 14.53 -1.11 9.39
N GLN C 217 15.40 -1.24 8.35
CA GLN C 217 15.73 -0.07 7.53
C GLN C 217 14.51 0.40 6.74
N ASP C 218 13.45 -0.42 6.71
CA ASP C 218 12.12 0.10 6.42
C ASP C 218 11.76 1.29 7.30
N GLY C 219 12.28 1.32 8.52
CA GLY C 219 11.83 2.27 9.53
C GLY C 219 10.63 1.73 10.27
N SER C 220 9.75 1.06 9.54
CA SER C 220 8.50 0.51 10.07
C SER C 220 8.77 -0.51 11.17
N VAL C 221 7.70 -0.93 11.83
CA VAL C 221 7.77 -1.92 12.90
C VAL C 221 6.92 -3.13 12.51
N ARG C 222 7.49 -4.31 12.70
CA ARG C 222 6.75 -5.57 12.62
C ARG C 222 6.44 -6.01 14.05
N GLY C 223 5.15 -6.18 14.35
CA GLY C 223 4.72 -6.45 15.70
C GLY C 223 4.00 -5.27 16.33
N ASP C 224 4.04 -5.17 17.66
CA ASP C 224 3.38 -4.09 18.35
C ASP C 224 4.32 -2.90 18.46
N PRO C 225 4.01 -1.76 17.84
CA PRO C 225 4.90 -0.59 17.99
C PRO C 225 5.03 -0.11 19.42
N ALA C 226 3.98 -0.30 20.24
CA ALA C 226 4.01 0.16 21.63
C ALA C 226 5.13 -0.47 22.44
N ASN C 227 5.77 -1.52 21.93
CA ASN C 227 6.76 -2.27 22.71
C ASN C 227 8.13 -2.28 22.06
N VAL C 228 8.39 -1.35 21.13
CA VAL C 228 9.68 -1.30 20.45
C VAL C 228 10.81 -1.12 21.44
N GLU C 229 10.57 -0.37 22.52
CA GLU C 229 11.60 -0.14 23.52
C GLU C 229 11.88 -1.40 24.34
N ILE C 230 10.84 -2.00 24.91
CA ILE C 230 11.06 -3.15 25.79
C ILE C 230 11.59 -4.35 25.00
N THR C 231 11.20 -4.48 23.74
CA THR C 231 11.75 -5.54 22.91
C THR C 231 13.26 -5.38 22.74
N GLU C 232 13.75 -4.13 22.69
CA GLU C 232 15.19 -3.89 22.62
C GLU C 232 15.85 -4.09 23.98
N LEU C 233 15.12 -3.92 25.08
CA LEU C 233 15.68 -4.20 26.40
C LEU C 233 15.79 -5.70 26.63
N CYS C 234 14.76 -6.47 26.26
CA CYS C 234 14.83 -7.91 26.41
C CYS C 234 15.94 -8.50 25.55
N ILE C 235 16.19 -7.90 24.37
CA ILE C 235 17.18 -8.46 23.45
C ILE C 235 18.58 -8.36 24.04
N GLN C 236 18.88 -7.27 24.73
CA GLN C 236 20.21 -7.12 25.33
C GLN C 236 20.35 -7.97 26.58
N HIS C 237 19.36 -7.90 27.47
CA HIS C 237 19.41 -8.66 28.72
C HIS C 237 19.12 -10.14 28.48
N GLY C 238 19.54 -10.64 27.32
CA GLY C 238 19.38 -12.05 27.01
C GLY C 238 18.58 -12.34 25.75
N TRP C 239 17.29 -12.02 25.79
CA TRP C 239 16.30 -12.68 24.94
C TRP C 239 16.73 -12.76 23.48
N THR C 240 16.66 -13.96 22.93
CA THR C 240 16.90 -14.18 21.52
C THR C 240 15.62 -13.81 20.74
N PRO C 241 15.72 -12.97 19.73
CA PRO C 241 14.50 -12.38 19.16
C PRO C 241 13.80 -13.29 18.18
N GLY C 242 12.48 -13.12 18.10
CA GLY C 242 11.69 -13.73 17.06
C GLY C 242 11.55 -12.83 15.86
N ASN C 243 10.67 -13.24 14.95
CA ASN C 243 10.37 -12.40 13.79
C ASN C 243 8.90 -12.49 13.40
N GLY C 244 8.02 -12.68 14.38
CA GLY C 244 6.59 -12.74 14.11
C GLY C 244 5.86 -11.52 14.61
N ARG C 245 4.68 -11.25 14.02
CA ARG C 245 3.86 -10.12 14.44
C ARG C 245 3.23 -10.32 15.81
N PHE C 246 3.37 -11.50 16.41
CA PHE C 246 2.77 -11.78 17.71
C PHE C 246 3.70 -12.66 18.55
N ASP C 247 4.96 -12.26 18.65
CA ASP C 247 5.91 -12.93 19.53
C ASP C 247 5.73 -12.40 20.96
N VAL C 248 5.24 -13.26 21.85
CA VAL C 248 5.12 -12.93 23.26
C VAL C 248 6.49 -12.60 23.83
N LEU C 249 6.61 -11.44 24.48
CA LEU C 249 7.87 -11.03 25.04
C LEU C 249 8.19 -11.82 26.31
N PRO C 250 9.46 -11.91 26.67
CA PRO C 250 9.83 -12.36 28.02
C PRO C 250 9.53 -11.28 29.05
N LEU C 251 9.75 -11.62 30.31
CA LEU C 251 9.61 -10.67 31.41
C LEU C 251 11.00 -10.25 31.88
N LEU C 252 11.23 -8.94 31.97
CA LEU C 252 12.43 -8.40 32.59
C LEU C 252 12.06 -8.00 34.01
N LEU C 253 12.36 -8.87 34.96
CA LEU C 253 12.02 -8.67 36.37
C LEU C 253 13.25 -8.21 37.14
N GLN C 254 13.04 -7.28 38.07
CA GLN C 254 14.14 -6.61 38.75
C GLN C 254 13.89 -6.61 40.25
N ALA C 255 14.79 -7.26 41.01
CA ALA C 255 14.87 -7.29 42.46
C ALA C 255 15.78 -6.18 42.96
N PRO C 256 15.61 -5.74 44.23
CA PRO C 256 16.35 -4.57 44.73
C PRO C 256 17.86 -4.58 44.47
N ASP C 257 18.33 -3.59 43.71
CA ASP C 257 19.74 -3.23 43.56
C ASP C 257 20.49 -4.19 42.64
N GLU C 258 19.88 -5.29 42.24
CA GLU C 258 20.56 -6.09 41.23
C GLU C 258 19.96 -5.84 39.86
N PRO C 259 20.76 -5.88 38.79
CA PRO C 259 20.22 -5.75 37.44
C PRO C 259 19.09 -6.74 37.20
N PRO C 260 18.21 -6.47 36.23
CA PRO C 260 17.06 -7.35 36.03
C PRO C 260 17.44 -8.62 35.28
N GLU C 261 16.66 -9.66 35.52
CA GLU C 261 16.91 -10.97 34.94
C GLU C 261 15.82 -11.33 33.95
N LEU C 262 16.21 -11.92 32.83
CA LEU C 262 15.28 -12.30 31.78
C LEU C 262 14.63 -13.64 32.11
N PHE C 263 13.30 -13.66 32.06
CA PHE C 263 12.55 -14.88 32.28
C PHE C 263 11.58 -15.09 31.13
N LEU C 264 11.48 -16.32 30.64
CA LEU C 264 10.59 -16.65 29.53
C LEU C 264 9.30 -17.23 30.09
N LEU C 265 8.19 -16.90 29.45
CA LEU C 265 6.90 -17.35 29.95
C LEU C 265 6.58 -18.72 29.39
N PRO C 266 6.18 -19.68 30.22
CA PRO C 266 5.79 -21.01 29.70
C PRO C 266 4.61 -20.89 28.76
N PRO C 267 4.77 -21.25 27.49
CA PRO C 267 3.75 -20.93 26.47
C PRO C 267 2.34 -21.39 26.82
N GLU C 268 2.20 -22.51 27.54
CA GLU C 268 0.89 -22.98 27.96
C GLU C 268 0.26 -22.13 29.06
N LEU C 269 1.03 -21.23 29.67
CA LEU C 269 0.49 -20.26 30.61
C LEU C 269 -0.24 -19.12 29.92
N VAL C 270 0.13 -18.82 28.68
CA VAL C 270 -0.29 -17.61 27.98
C VAL C 270 -1.42 -18.01 27.04
N LEU C 271 -2.66 -17.87 27.51
CA LEU C 271 -3.82 -18.21 26.70
C LEU C 271 -4.02 -17.16 25.62
N GLU C 272 -4.05 -17.59 24.36
CA GLU C 272 -4.26 -16.67 23.25
C GLU C 272 -5.50 -17.04 22.45
N VAL C 273 -6.02 -16.05 21.72
CA VAL C 273 -7.25 -16.20 20.95
C VAL C 273 -6.97 -15.84 19.50
N PRO C 274 -6.94 -16.80 18.59
CA PRO C 274 -6.86 -16.47 17.17
C PRO C 274 -8.15 -15.81 16.74
N LEU C 275 -8.05 -14.78 15.90
CA LEU C 275 -9.22 -13.98 15.56
C LEU C 275 -9.83 -14.48 14.26
N GLU C 276 -11.13 -14.80 14.31
CA GLU C 276 -11.91 -15.12 13.12
CA GLU C 276 -11.91 -15.11 13.13
C GLU C 276 -13.15 -14.24 13.12
N HIS C 277 -13.81 -14.19 11.98
CA HIS C 277 -15.02 -13.41 11.87
C HIS C 277 -16.21 -14.32 11.62
N PRO C 278 -17.37 -14.05 12.22
CA PRO C 278 -18.51 -14.98 12.06
C PRO C 278 -18.93 -15.19 10.61
N THR C 279 -18.73 -14.23 9.71
CA THR C 279 -19.20 -14.43 8.34
C THR C 279 -18.18 -14.14 7.25
N LEU C 280 -17.13 -13.38 7.53
CA LEU C 280 -16.10 -13.06 6.54
C LEU C 280 -15.03 -14.13 6.69
N GLU C 281 -15.09 -15.16 5.83
CA GLU C 281 -14.22 -16.33 5.97
C GLU C 281 -12.75 -15.97 5.84
N TRP C 282 -12.43 -14.91 5.09
CA TRP C 282 -11.03 -14.52 4.87
C TRP C 282 -10.38 -13.88 6.10
N PHE C 283 -11.18 -13.49 7.12
CA PHE C 283 -10.61 -12.75 8.24
C PHE C 283 -9.59 -13.60 9.00
N ALA C 284 -9.95 -14.85 9.30
CA ALA C 284 -8.99 -15.78 9.92
C ALA C 284 -7.64 -15.76 9.21
N ALA C 285 -7.64 -15.65 7.88
CA ALA C 285 -6.38 -15.73 7.13
C ALA C 285 -5.48 -14.52 7.39
N LEU C 286 -6.00 -13.47 8.00
CA LEU C 286 -5.14 -12.33 8.28
C LEU C 286 -4.14 -12.65 9.38
N GLY C 287 -4.29 -13.79 10.07
CA GLY C 287 -3.34 -14.22 11.07
C GLY C 287 -3.36 -13.40 12.34
N LEU C 288 -4.46 -12.70 12.61
CA LEU C 288 -4.56 -11.86 13.80
C LEU C 288 -4.81 -12.71 15.04
N ARG C 289 -4.25 -12.26 16.16
CA ARG C 289 -4.44 -12.93 17.45
C ARG C 289 -4.32 -11.89 18.55
N TRP C 290 -4.90 -12.20 19.70
CA TRP C 290 -4.62 -11.43 20.91
C TRP C 290 -4.71 -12.35 22.11
N TYR C 291 -4.24 -11.86 23.26
CA TYR C 291 -4.16 -12.68 24.45
C TYR C 291 -5.35 -12.44 25.38
N ALA C 292 -5.65 -13.46 26.18
CA ALA C 292 -6.82 -13.43 27.05
C ALA C 292 -6.65 -12.44 28.22
N LEU C 293 -5.45 -12.33 28.77
CA LEU C 293 -5.30 -11.71 30.09
C LEU C 293 -4.69 -10.32 30.01
N PRO C 294 -5.45 -9.26 30.33
CA PRO C 294 -4.88 -7.91 30.46
C PRO C 294 -4.35 -7.68 31.87
N ALA C 295 -3.03 -7.70 32.02
CA ALA C 295 -2.39 -7.65 33.33
C ALA C 295 -1.36 -6.53 33.34
N VAL C 296 -1.74 -5.40 33.92
CA VAL C 296 -0.91 -4.19 33.95
C VAL C 296 0.12 -4.31 35.06
N SER C 297 1.41 -4.14 34.70
CA SER C 297 2.52 -4.53 35.55
C SER C 297 3.54 -3.42 35.75
N ASN C 298 3.15 -2.16 35.54
CA ASN C 298 4.09 -1.06 35.67
C ASN C 298 3.51 0.14 36.41
N MET C 299 2.37 -0.02 37.07
CA MET C 299 1.79 1.05 37.87
C MET C 299 2.16 0.83 39.34
N LEU C 300 2.29 1.94 40.06
CA LEU C 300 2.61 1.90 41.48
C LEU C 300 1.32 1.95 42.28
N LEU C 301 1.23 1.12 43.32
CA LEU C 301 0.10 1.13 44.25
C LEU C 301 0.47 1.92 45.49
N GLU C 302 -0.42 2.82 45.91
CA GLU C 302 -0.22 3.63 47.11
C GLU C 302 -1.33 3.35 48.10
N ILE C 303 -0.96 2.97 49.33
CA ILE C 303 -1.91 2.68 50.41
C ILE C 303 -1.38 3.31 51.71
N GLY C 304 -2.12 4.25 52.26
CA GLY C 304 -1.76 4.82 53.56
C GLY C 304 -0.37 5.42 53.60
N GLY C 305 0.06 6.05 52.52
CA GLY C 305 1.41 6.57 52.43
C GLY C 305 2.46 5.55 52.06
N LEU C 306 2.12 4.27 52.04
CA LEU C 306 3.02 3.25 51.52
C LEU C 306 2.90 3.18 50.01
N GLU C 307 3.95 2.68 49.37
CA GLU C 307 4.04 2.68 47.92
C GLU C 307 4.63 1.37 47.45
N PHE C 308 3.92 0.68 46.56
CA PHE C 308 4.35 -0.63 46.08
C PHE C 308 4.66 -0.52 44.60
N PRO C 309 5.93 -0.38 44.21
CA PRO C 309 6.24 -0.15 42.80
C PRO C 309 5.96 -1.34 41.91
N ALA C 310 5.77 -2.53 42.48
CA ALA C 310 5.41 -3.72 41.72
C ALA C 310 4.19 -4.36 42.39
N ALA C 311 3.02 -4.14 41.77
CA ALA C 311 1.76 -4.69 42.26
C ALA C 311 0.87 -4.97 41.05
N PRO C 312 1.24 -5.95 40.23
CA PRO C 312 0.49 -6.18 38.99
C PRO C 312 -0.91 -6.71 39.27
N PHE C 313 -1.88 -6.12 38.58
CA PHE C 313 -3.30 -6.42 38.68
C PHE C 313 -3.83 -6.83 37.31
N SER C 314 -4.97 -7.53 37.31
CA SER C 314 -5.51 -8.09 36.09
C SER C 314 -7.03 -8.20 36.17
N GLY C 315 -7.70 -7.96 35.05
CA GLY C 315 -9.13 -8.20 34.97
C GLY C 315 -9.49 -9.02 33.75
N TRP C 316 -10.32 -8.46 32.87
CA TRP C 316 -10.57 -9.03 31.55
C TRP C 316 -10.81 -7.88 30.59
N TYR C 317 -10.73 -8.17 29.28
CA TYR C 317 -10.80 -7.07 28.32
C TYR C 317 -12.24 -6.61 28.09
N MET C 318 -12.37 -5.32 27.80
CA MET C 318 -13.51 -4.80 27.06
C MET C 318 -13.12 -4.86 25.58
N SER C 319 -14.03 -5.36 24.75
CA SER C 319 -13.66 -5.70 23.38
C SER C 319 -13.06 -4.51 22.60
N THR C 320 -13.53 -3.28 22.83
CA THR C 320 -13.00 -2.17 22.04
C THR C 320 -11.53 -1.91 22.35
N GLU C 321 -11.03 -2.36 23.50
CA GLU C 321 -9.60 -2.24 23.78
C GLU C 321 -8.78 -2.98 22.74
N ILE C 322 -9.20 -4.21 22.42
CA ILE C 322 -8.49 -5.01 21.42
C ILE C 322 -8.85 -4.56 20.00
N GLY C 323 -10.13 -4.55 19.68
CA GLY C 323 -10.55 -4.36 18.28
C GLY C 323 -10.38 -2.95 17.75
N THR C 324 -10.54 -1.94 18.60
CA THR C 324 -10.37 -0.57 18.16
C THR C 324 -8.98 -0.03 18.46
N ARG C 325 -8.57 -0.05 19.72
CA ARG C 325 -7.31 0.62 20.08
C ARG C 325 -6.09 -0.20 19.64
N ASN C 326 -5.97 -1.44 20.10
CA ASN C 326 -4.73 -2.19 19.85
C ASN C 326 -4.58 -2.57 18.38
N LEU C 327 -5.69 -2.92 17.72
CA LEU C 327 -5.61 -3.34 16.33
C LEU C 327 -5.79 -2.19 15.34
N CYS C 328 -6.51 -1.11 15.69
CA CYS C 328 -6.77 -0.04 14.73
C CYS C 328 -6.08 1.30 15.00
N ASP C 329 -5.46 1.51 16.16
CA ASP C 329 -4.75 2.77 16.35
C ASP C 329 -3.68 2.94 15.28
N PRO C 330 -3.49 4.14 14.74
CA PRO C 330 -2.42 4.34 13.75
C PRO C 330 -1.04 4.01 14.27
N HIS C 331 -0.81 4.17 15.58
CA HIS C 331 0.48 3.88 16.17
C HIS C 331 0.52 2.52 16.86
N ARG C 332 -0.49 1.69 16.67
CA ARG C 332 -0.47 0.29 17.11
C ARG C 332 -0.43 -0.60 15.87
N TYR C 333 -1.27 -1.63 15.76
CA TYR C 333 -1.19 -2.55 14.62
C TYR C 333 -1.72 -1.94 13.34
N ASN C 334 -2.61 -0.94 13.42
CA ASN C 334 -2.97 -0.10 12.28
C ASN C 334 -3.53 -0.95 11.12
N ILE C 335 -4.37 -1.94 11.47
CA ILE C 335 -4.85 -2.91 10.48
C ILE C 335 -6.07 -2.43 9.74
N LEU C 336 -6.58 -1.23 10.05
CA LEU C 336 -7.90 -0.82 9.59
C LEU C 336 -8.00 -0.87 8.07
N GLU C 337 -7.01 -0.35 7.36
CA GLU C 337 -7.16 -0.27 5.91
C GLU C 337 -7.01 -1.65 5.25
N ASP C 338 -6.20 -2.54 5.84
CA ASP C 338 -6.13 -3.92 5.36
C ASP C 338 -7.50 -4.58 5.39
N VAL C 339 -8.21 -4.46 6.51
CA VAL C 339 -9.54 -5.02 6.63
C VAL C 339 -10.50 -4.39 5.63
N ALA C 340 -10.43 -3.07 5.47
CA ALA C 340 -11.30 -2.38 4.51
C ALA C 340 -11.07 -2.89 3.08
N VAL C 341 -9.80 -3.06 2.70
CA VAL C 341 -9.50 -3.60 1.37
C VAL C 341 -10.11 -4.99 1.19
N CYS C 342 -10.08 -5.85 2.22
CA CYS C 342 -10.65 -7.18 2.07
C CYS C 342 -12.17 -7.15 1.98
N MET C 343 -12.79 -6.17 2.61
CA MET C 343 -14.24 -5.99 2.52
C MET C 343 -14.67 -5.32 1.24
N ASP C 344 -13.73 -5.00 0.35
CA ASP C 344 -13.99 -4.29 -0.91
C ASP C 344 -14.73 -2.98 -0.67
N LEU C 345 -14.30 -2.22 0.33
CA LEU C 345 -14.86 -0.91 0.57
C LEU C 345 -14.15 0.15 -0.28
N ASP C 346 -14.82 1.28 -0.48
CA ASP C 346 -14.24 2.40 -1.22
C ASP C 346 -13.36 3.21 -0.28
N THR C 347 -12.06 2.96 -0.32
CA THR C 347 -11.12 3.64 0.58
C THR C 347 -10.55 4.93 0.00
N ARG C 348 -11.07 5.40 -1.13
CA ARG C 348 -10.54 6.61 -1.77
C ARG C 348 -11.29 7.87 -1.35
N THR C 349 -12.40 7.75 -0.61
CA THR C 349 -13.13 8.91 -0.13
C THR C 349 -13.63 8.65 1.29
N THR C 350 -13.46 9.65 2.18
CA THR C 350 -13.81 9.44 3.58
C THR C 350 -15.32 9.33 3.78
N SER C 351 -16.12 9.86 2.88
CA SER C 351 -17.57 9.87 3.11
C SER C 351 -18.23 8.51 2.90
N SER C 352 -17.50 7.50 2.40
CA SER C 352 -18.03 6.14 2.39
C SER C 352 -18.04 5.50 3.78
N LEU C 353 -17.36 6.11 4.76
CA LEU C 353 -17.26 5.59 6.13
C LEU C 353 -16.59 4.22 6.17
N TRP C 354 -15.65 3.99 5.25
CA TRP C 354 -15.01 2.69 5.21
C TRP C 354 -14.24 2.43 6.49
N LYS C 355 -13.73 3.49 7.13
CA LYS C 355 -13.05 3.28 8.41
C LYS C 355 -14.03 2.80 9.46
N ASP C 356 -15.22 3.39 9.49
CA ASP C 356 -16.23 3.03 10.47
C ASP C 356 -16.72 1.59 10.24
N LYS C 357 -16.92 1.22 8.98
CA LYS C 357 -17.41 -0.13 8.70
C LYS C 357 -16.37 -1.20 9.00
N ALA C 358 -15.11 -0.92 8.70
CA ALA C 358 -14.09 -1.92 9.00
C ALA C 358 -13.87 -2.08 10.51
N ALA C 359 -13.82 -0.95 11.23
CA ALA C 359 -13.66 -1.02 12.69
C ALA C 359 -14.73 -1.90 13.31
N VAL C 360 -15.98 -1.69 12.93
CA VAL C 360 -17.08 -2.41 13.54
C VAL C 360 -16.93 -3.91 13.30
N GLU C 361 -16.59 -4.31 12.07
CA GLU C 361 -16.38 -5.72 11.79
C GLU C 361 -15.21 -6.29 12.57
N ILE C 362 -14.15 -5.50 12.74
CA ILE C 362 -13.01 -5.96 13.54
C ILE C 362 -13.43 -6.21 14.98
N ASN C 363 -14.24 -5.32 15.56
CA ASN C 363 -14.80 -5.55 16.89
C ASN C 363 -15.76 -6.74 16.93
N VAL C 364 -16.52 -6.98 15.86
CA VAL C 364 -17.35 -8.18 15.80
C VAL C 364 -16.47 -9.43 15.81
N ALA C 365 -15.36 -9.39 15.06
CA ALA C 365 -14.44 -10.53 15.04
C ALA C 365 -13.88 -10.81 16.43
N VAL C 366 -13.51 -9.75 17.16
CA VAL C 366 -12.96 -9.91 18.50
C VAL C 366 -13.98 -10.58 19.41
N LEU C 367 -15.21 -10.05 19.43
CA LEU C 367 -16.22 -10.57 20.34
C LEU C 367 -16.55 -12.03 20.03
N HIS C 368 -16.74 -12.34 18.74
CA HIS C 368 -17.07 -13.71 18.34
C HIS C 368 -15.92 -14.67 18.64
N SER C 369 -14.69 -14.25 18.35
CA SER C 369 -13.52 -15.10 18.58
C SER C 369 -13.36 -15.42 20.06
N TYR C 370 -13.57 -14.44 20.95
CA TYR C 370 -13.41 -14.72 22.38
C TYR C 370 -14.52 -15.64 22.89
N GLN C 371 -15.77 -15.38 22.50
CA GLN C 371 -16.87 -16.24 22.94
C GLN C 371 -16.69 -17.66 22.43
N LEU C 372 -16.25 -17.80 21.18
CA LEU C 372 -16.01 -19.14 20.64
C LEU C 372 -14.98 -19.88 21.48
N ALA C 373 -13.91 -19.18 21.86
CA ALA C 373 -12.83 -19.71 22.68
C ALA C 373 -13.18 -19.82 24.16
N LYS C 374 -14.36 -19.34 24.57
CA LYS C 374 -14.81 -19.39 25.97
C LYS C 374 -13.93 -18.56 26.87
N VAL C 375 -13.44 -17.44 26.36
CA VAL C 375 -12.59 -16.52 27.10
C VAL C 375 -13.42 -15.31 27.49
N THR C 376 -13.39 -14.95 28.78
CA THR C 376 -14.20 -13.85 29.28
C THR C 376 -13.89 -12.57 28.51
N ILE C 377 -14.94 -11.92 28.00
CA ILE C 377 -14.82 -10.59 27.38
C ILE C 377 -16.16 -9.89 27.53
N VAL C 378 -16.13 -8.56 27.46
CA VAL C 378 -17.33 -7.75 27.60
C VAL C 378 -17.33 -6.70 26.48
N ASP C 379 -18.47 -6.50 25.83
CA ASP C 379 -18.51 -5.45 24.84
C ASP C 379 -18.80 -4.10 25.51
N HIS C 380 -18.62 -3.02 24.74
CA HIS C 380 -18.68 -1.68 25.31
C HIS C 380 -20.10 -1.27 25.66
N HIS C 381 -21.12 -1.81 24.98
CA HIS C 381 -22.49 -1.52 25.39
C HIS C 381 -22.75 -2.10 26.77
N ALA C 382 -22.42 -3.39 26.97
CA ALA C 382 -22.63 -4.01 28.27
C ALA C 382 -21.76 -3.33 29.33
N ALA C 383 -20.51 -3.01 28.98
CA ALA C 383 -19.61 -2.45 29.99
C ALA C 383 -20.06 -1.06 30.43
N THR C 384 -20.51 -0.22 29.50
CA THR C 384 -20.94 1.12 29.88
C THR C 384 -22.22 1.07 30.71
N ALA C 385 -23.16 0.21 30.32
CA ALA C 385 -24.39 0.04 31.09
C ALA C 385 -24.09 -0.35 32.54
N SER C 386 -23.09 -1.22 32.73
CA SER C 386 -22.72 -1.60 34.10
CA SER C 386 -22.71 -1.61 34.09
C SER C 386 -22.04 -0.46 34.83
N PHE C 387 -21.25 0.37 34.14
CA PHE C 387 -20.67 1.52 34.83
C PHE C 387 -21.76 2.47 35.30
N MET C 388 -22.79 2.67 34.48
CA MET C 388 -23.94 3.45 34.93
C MET C 388 -24.51 2.90 36.22
N LYS C 389 -24.64 1.57 36.32
CA LYS C 389 -25.08 1.00 37.59
C LYS C 389 -24.08 1.32 38.69
N HIS C 390 -22.78 1.23 38.40
CA HIS C 390 -21.78 1.51 39.43
C HIS C 390 -21.87 2.95 39.92
N LEU C 391 -22.12 3.90 39.02
CA LEU C 391 -22.27 5.30 39.44
C LEU C 391 -23.42 5.45 40.41
N GLU C 392 -24.57 4.84 40.08
CA GLU C 392 -25.73 4.89 40.97
C GLU C 392 -25.42 4.25 42.33
N ASN C 393 -24.78 3.07 42.33
CA ASN C 393 -24.43 2.43 43.60
C ASN C 393 -23.53 3.33 44.43
N GLU C 394 -22.53 3.95 43.78
CA GLU C 394 -21.57 4.77 44.51
C GLU C 394 -22.20 6.05 45.01
N GLN C 395 -23.21 6.55 44.31
CA GLN C 395 -23.91 7.74 44.77
C GLN C 395 -24.49 7.53 46.15
N LYS C 396 -25.13 6.38 46.38
CA LYS C 396 -25.63 6.07 47.72
C LYS C 396 -24.48 5.69 48.65
N ALA C 397 -23.48 4.98 48.13
CA ALA C 397 -22.45 4.43 49.01
C ALA C 397 -21.54 5.53 49.57
N ARG C 398 -21.07 6.43 48.71
CA ARG C 398 -20.03 7.38 49.09
C ARG C 398 -20.33 8.83 48.75
N GLY C 399 -21.47 9.12 48.15
CA GLY C 399 -21.81 10.49 47.77
C GLY C 399 -21.30 10.92 46.42
N GLY C 400 -20.92 9.99 45.56
CA GLY C 400 -20.39 10.34 44.26
C GLY C 400 -19.39 9.29 43.81
N CYS C 401 -18.68 9.60 42.75
CA CYS C 401 -17.75 8.66 42.18
C CYS C 401 -16.85 9.35 41.17
N PRO C 402 -15.54 9.37 41.40
CA PRO C 402 -14.63 10.04 40.46
C PRO C 402 -14.54 9.28 39.14
N ALA C 403 -14.62 10.02 38.04
CA ALA C 403 -14.67 9.42 36.72
C ALA C 403 -14.15 10.40 35.68
N ASP C 404 -13.38 9.86 34.73
CA ASP C 404 -12.69 10.61 33.70
C ASP C 404 -13.42 10.30 32.39
N TRP C 405 -14.36 11.20 32.06
CA TRP C 405 -15.25 11.04 30.91
C TRP C 405 -14.50 10.56 29.67
N ALA C 406 -13.33 11.16 29.39
CA ALA C 406 -12.61 10.88 28.15
C ALA C 406 -12.17 9.42 28.05
N TRP C 407 -12.02 8.74 29.19
CA TRP C 407 -11.63 7.34 29.21
C TRP C 407 -12.80 6.40 29.46
N ILE C 408 -13.88 6.89 30.06
CA ILE C 408 -15.05 6.03 30.28
C ILE C 408 -15.80 5.82 28.97
N VAL C 409 -15.97 6.88 28.18
CA VAL C 409 -16.65 6.79 26.88
C VAL C 409 -15.83 5.90 25.94
N PRO C 410 -16.43 4.85 25.35
CA PRO C 410 -15.66 3.94 24.48
C PRO C 410 -15.13 4.63 23.24
N PRO C 411 -14.06 4.12 22.64
CA PRO C 411 -13.47 4.77 21.46
C PRO C 411 -14.22 4.56 20.16
N ILE C 412 -15.29 3.77 20.15
CA ILE C 412 -16.20 3.73 19.02
C ILE C 412 -17.60 3.90 19.56
N SER C 413 -18.49 4.45 18.73
CA SER C 413 -19.90 4.53 19.04
C SER C 413 -20.17 5.26 20.35
N GLY C 414 -19.28 6.18 20.72
CA GLY C 414 -19.37 6.93 21.96
C GLY C 414 -20.78 7.25 22.43
N SER C 415 -21.52 7.99 21.61
CA SER C 415 -22.82 8.49 22.03
C SER C 415 -23.91 7.46 21.94
N LEU C 416 -23.61 6.26 21.43
CA LEU C 416 -24.55 5.13 21.52
C LEU C 416 -24.53 4.46 22.89
N THR C 417 -23.57 4.83 23.76
CA THR C 417 -23.44 4.30 25.12
C THR C 417 -23.97 5.33 26.11
N PRO C 418 -24.56 4.91 27.23
CA PRO C 418 -25.21 5.89 28.13
C PRO C 418 -24.23 6.74 28.91
N VAL C 419 -22.98 6.32 29.04
CA VAL C 419 -22.00 7.15 29.75
C VAL C 419 -21.73 8.45 28.99
N PHE C 420 -21.92 8.45 27.66
CA PHE C 420 -21.63 9.67 26.88
C PHE C 420 -22.48 10.85 27.34
N HIS C 421 -23.71 10.58 27.73
CA HIS C 421 -24.66 11.61 28.12
C HIS C 421 -24.58 11.93 29.60
N GLN C 422 -23.67 11.30 30.33
CA GLN C 422 -23.54 11.43 31.77
C GLN C 422 -22.37 12.37 32.08
N GLU C 423 -22.68 13.48 32.74
CA GLU C 423 -21.65 14.37 33.23
C GLU C 423 -20.90 13.71 34.38
N MET C 424 -19.61 13.99 34.48
CA MET C 424 -18.78 13.32 35.46
C MET C 424 -17.84 14.33 36.12
N VAL C 425 -17.39 13.95 37.32
CA VAL C 425 -16.43 14.74 38.10
C VAL C 425 -15.18 13.90 38.29
N ASN C 426 -14.04 14.44 37.90
CA ASN C 426 -12.76 13.76 38.07
C ASN C 426 -11.96 14.36 39.22
N TYR C 427 -11.48 13.51 40.13
CA TYR C 427 -10.61 13.88 41.26
C TYR C 427 -9.85 12.65 41.76
N PHE C 428 -8.83 12.90 42.59
CA PHE C 428 -7.94 11.86 43.07
C PHE C 428 -8.29 11.49 44.51
N LEU C 429 -8.57 10.21 44.75
CA LEU C 429 -8.74 9.66 46.09
C LEU C 429 -7.64 8.64 46.39
N SER C 430 -7.36 8.44 47.67
CA SER C 430 -6.37 7.47 48.10
C SER C 430 -7.03 6.39 48.97
N PRO C 431 -6.54 5.12 48.92
CA PRO C 431 -5.50 4.48 48.09
C PRO C 431 -5.72 4.59 46.58
N ALA C 432 -4.65 4.46 45.81
CA ALA C 432 -4.72 4.76 44.39
C ALA C 432 -3.65 4.00 43.61
N PHE C 433 -3.93 3.77 42.33
CA PHE C 433 -2.94 3.34 41.36
C PHE C 433 -2.40 4.59 40.67
N ARG C 434 -1.07 4.75 40.67
CA ARG C 434 -0.40 5.88 40.02
C ARG C 434 0.56 5.37 38.96
N TYR C 435 0.71 6.14 37.89
CA TYR C 435 1.82 5.89 36.99
C TYR C 435 3.13 6.28 37.68
N GLN C 436 4.24 5.77 37.16
CA GLN C 436 5.53 5.95 37.80
C GLN C 436 6.60 6.01 36.72
N PRO C 437 7.75 6.62 37.02
CA PRO C 437 8.80 6.72 36.00
C PRO C 437 9.28 5.35 35.57
N ASP C 438 9.80 5.28 34.36
CA ASP C 438 10.43 4.05 33.91
C ASP C 438 11.63 3.73 34.78
N PRO C 439 11.93 2.44 35.00
CA PRO C 439 13.07 2.12 35.87
C PRO C 439 14.42 2.46 35.25
N TRP C 440 14.56 2.31 33.93
CA TRP C 440 15.78 2.77 33.29
C TRP C 440 15.76 4.29 33.14
N LYS D 27 6.21 26.07 33.06
CA LYS D 27 4.92 26.69 33.41
C LYS D 27 3.86 26.38 32.37
N PHE D 28 4.22 26.55 31.09
CA PHE D 28 3.25 26.39 30.02
C PHE D 28 2.87 24.92 29.85
N PRO D 29 1.58 24.61 29.68
CA PRO D 29 1.16 23.21 29.51
C PRO D 29 1.80 22.55 28.30
N ARG D 30 2.41 21.40 28.54
CA ARG D 30 2.97 20.58 27.47
C ARG D 30 1.89 19.66 26.92
N VAL D 31 1.75 19.61 25.59
CA VAL D 31 0.67 18.91 24.90
C VAL D 31 1.29 17.95 23.90
N LYS D 32 0.84 16.70 23.91
CA LYS D 32 1.38 15.60 23.11
C LYS D 32 0.35 15.05 22.13
N ASN D 33 0.80 14.72 20.93
CA ASN D 33 0.01 13.95 20.00
C ASN D 33 0.49 12.50 20.04
N TRP D 34 -0.36 11.60 20.52
CA TRP D 34 0.07 10.22 20.73
C TRP D 34 0.18 9.41 19.44
N GLU D 35 -0.40 9.89 18.34
CA GLU D 35 -0.32 9.19 17.08
C GLU D 35 1.03 9.43 16.40
N VAL D 36 1.52 10.67 16.42
CA VAL D 36 2.75 11.08 15.76
C VAL D 36 3.90 11.06 16.76
N GLY D 37 3.58 11.30 18.03
CA GLY D 37 4.58 11.42 19.06
C GLY D 37 5.06 12.82 19.34
N SER D 38 4.43 13.85 18.75
CA SER D 38 4.96 15.21 18.81
C SER D 38 4.49 15.94 20.07
N ILE D 39 5.17 17.06 20.37
CA ILE D 39 5.04 17.75 21.64
C ILE D 39 5.05 19.25 21.40
N THR D 40 4.03 19.96 21.89
CA THR D 40 3.93 21.41 21.83
C THR D 40 3.64 21.95 23.23
N TYR D 41 3.88 23.25 23.40
CA TYR D 41 3.53 23.95 24.63
C TYR D 41 2.50 25.02 24.31
N ASP D 42 1.41 25.04 25.09
CA ASP D 42 0.31 25.97 24.83
C ASP D 42 0.53 27.24 25.64
N THR D 43 1.35 28.14 25.08
CA THR D 43 1.61 29.42 25.74
C THR D 43 0.40 30.34 25.71
N LEU D 44 -0.49 30.18 24.74
CA LEU D 44 -1.66 31.07 24.62
C LEU D 44 -2.56 30.97 25.84
N SER D 45 -2.65 29.79 26.46
CA SER D 45 -3.52 29.60 27.62
C SER D 45 -3.19 30.53 28.77
N ALA D 46 -1.95 31.04 28.82
CA ALA D 46 -1.54 31.99 29.84
C ALA D 46 -2.37 33.27 29.81
N GLN D 47 -3.01 33.59 28.69
CA GLN D 47 -3.77 34.81 28.53
C GLN D 47 -5.25 34.63 28.82
N ALA D 48 -5.66 33.45 29.31
CA ALA D 48 -7.05 33.20 29.68
C ALA D 48 -7.55 34.27 30.65
N GLN D 49 -8.38 35.18 30.13
CA GLN D 49 -8.85 36.36 30.86
C GLN D 49 -10.18 36.12 31.57
N GLN D 50 -10.70 34.89 31.56
CA GLN D 50 -11.85 34.54 32.40
C GLN D 50 -11.63 33.13 32.93
N ASP D 51 -12.42 32.76 33.92
CA ASP D 51 -12.18 31.55 34.68
C ASP D 51 -13.18 30.47 34.30
N GLY D 52 -12.68 29.24 34.20
CA GLY D 52 -13.51 28.08 33.96
C GLY D 52 -13.93 27.42 35.25
N PRO D 53 -14.54 26.23 35.14
CA PRO D 53 -15.10 25.57 36.32
C PRO D 53 -14.14 24.66 37.08
N CYS D 54 -12.96 24.37 36.55
CA CYS D 54 -12.11 23.35 37.14
C CYS D 54 -11.17 23.97 38.16
N THR D 55 -10.84 23.17 39.17
CA THR D 55 -9.86 23.52 40.20
C THR D 55 -8.85 22.40 40.30
N PRO D 56 -7.71 22.64 40.96
CA PRO D 56 -6.78 21.54 41.24
C PRO D 56 -7.44 20.37 41.96
N ARG D 57 -8.59 20.61 42.58
CA ARG D 57 -9.32 19.64 43.40
C ARG D 57 -10.17 18.68 42.57
N ARG D 58 -10.74 19.16 41.46
CA ARG D 58 -11.70 18.38 40.68
C ARG D 58 -11.88 19.06 39.33
N CYS D 59 -11.81 18.25 38.26
CA CYS D 59 -12.03 18.71 36.89
C CYS D 59 -13.50 18.53 36.53
N LEU D 60 -14.10 19.59 35.98
CA LEU D 60 -15.49 19.64 35.57
C LEU D 60 -15.59 19.81 34.07
N GLY D 61 -14.53 19.40 33.36
CA GLY D 61 -14.45 19.54 31.93
C GLY D 61 -15.57 18.88 31.15
N SER D 62 -16.29 17.93 31.74
CA SER D 62 -17.34 17.22 31.02
C SER D 62 -18.72 17.87 31.16
N LEU D 63 -18.85 18.91 31.99
CA LEU D 63 -20.14 19.56 32.18
C LEU D 63 -20.53 20.37 30.93
N VAL D 64 -21.83 20.33 30.58
CA VAL D 64 -22.25 20.98 29.35
C VAL D 64 -22.35 22.50 29.53
N PHE D 65 -22.84 22.96 30.68
CA PHE D 65 -22.96 24.38 31.00
C PHE D 65 -22.28 24.66 32.33
N PRO D 66 -21.03 25.16 32.32
CA PRO D 66 -20.32 25.60 33.52
C PRO D 66 -21.04 26.74 34.26
N ALA D 79 -18.31 48.85 36.39
CA ALA D 79 -18.40 48.89 34.93
C ALA D 79 -17.25 49.66 34.25
N PRO D 80 -17.02 50.93 34.62
CA PRO D 80 -16.17 51.78 33.75
C PRO D 80 -14.76 51.26 33.53
N GLU D 81 -13.99 50.99 34.60
CA GLU D 81 -12.62 50.55 34.42
C GLU D 81 -12.55 49.11 33.91
N GLN D 82 -13.48 48.26 34.32
CA GLN D 82 -13.44 46.89 33.83
C GLN D 82 -13.74 46.82 32.35
N LEU D 83 -14.72 47.59 31.89
CA LEU D 83 -15.03 47.68 30.47
C LEU D 83 -13.81 48.16 29.67
N LEU D 84 -13.15 49.20 30.16
CA LEU D 84 -12.02 49.80 29.46
C LEU D 84 -10.88 48.81 29.27
N SER D 85 -10.55 48.02 30.30
CA SER D 85 -9.45 47.08 30.14
C SER D 85 -9.79 45.96 29.17
N GLN D 86 -11.07 45.64 29.01
CA GLN D 86 -11.49 44.70 27.97
C GLN D 86 -11.51 45.37 26.60
N ALA D 87 -12.01 46.61 26.54
CA ALA D 87 -11.96 47.37 25.29
C ALA D 87 -10.52 47.54 24.81
N ARG D 88 -9.63 47.96 25.72
CA ARG D 88 -8.22 48.15 25.35
C ARG D 88 -7.61 46.85 24.81
N ASP D 89 -7.81 45.74 25.52
CA ASP D 89 -7.19 44.50 25.06
C ASP D 89 -7.67 44.13 23.67
N PHE D 90 -8.97 44.31 23.41
CA PHE D 90 -9.50 44.01 22.09
C PHE D 90 -8.92 44.94 21.03
N ILE D 91 -8.87 46.24 21.31
CA ILE D 91 -8.25 47.17 20.35
C ILE D 91 -6.81 46.75 20.08
N ASN D 92 -6.12 46.28 21.11
CA ASN D 92 -4.76 45.78 20.91
C ASN D 92 -4.79 44.55 20.00
N GLN D 93 -5.78 43.67 20.17
CA GLN D 93 -5.88 42.51 19.31
C GLN D 93 -6.11 42.92 17.86
N TYR D 94 -6.98 43.91 17.65
CA TYR D 94 -7.27 44.37 16.30
C TYR D 94 -6.03 44.88 15.59
N TYR D 95 -5.27 45.77 16.25
CA TYR D 95 -4.12 46.37 15.57
C TYR D 95 -2.98 45.38 15.42
N SER D 96 -2.84 44.42 16.33
CA SER D 96 -1.90 43.33 16.10
C SER D 96 -2.26 42.58 14.83
N SER D 97 -3.55 42.37 14.58
CA SER D 97 -3.98 41.55 13.45
C SER D 97 -3.53 42.14 12.12
N ILE D 98 -3.65 43.47 11.97
CA ILE D 98 -3.30 44.12 10.71
C ILE D 98 -1.87 44.59 10.77
N LYS D 99 -1.10 44.11 11.76
CA LYS D 99 0.34 44.36 11.84
C LYS D 99 0.65 45.86 11.89
N ARG D 100 -0.10 46.60 12.70
CA ARG D 100 0.14 48.03 12.89
C ARG D 100 0.04 48.38 14.38
N SER D 101 0.62 47.52 15.23
CA SER D 101 0.66 47.80 16.65
CA SER D 101 0.64 47.81 16.66
C SER D 101 1.57 48.99 16.96
N GLY D 102 1.23 49.72 18.02
CA GLY D 102 2.01 50.87 18.45
C GLY D 102 1.97 52.08 17.54
N SER D 103 1.24 52.03 16.44
CA SER D 103 1.22 53.13 15.48
C SER D 103 0.36 54.28 16.01
N GLN D 104 0.38 55.41 15.27
CA GLN D 104 -0.52 56.52 15.58
C GLN D 104 -1.97 56.07 15.62
N ALA D 105 -2.41 55.37 14.56
CA ALA D 105 -3.81 54.98 14.50
C ALA D 105 -4.19 54.14 15.71
N HIS D 106 -3.26 53.31 16.16
CA HIS D 106 -3.50 52.44 17.32
C HIS D 106 -3.71 53.27 18.57
N GLU D 107 -2.74 54.16 18.87
CA GLU D 107 -2.84 55.06 20.02
C GLU D 107 -4.11 55.91 19.97
N GLN D 108 -4.41 56.50 18.82
CA GLN D 108 -5.55 57.40 18.74
C GLN D 108 -6.87 56.67 18.92
N ARG D 109 -6.96 55.43 18.44
CA ARG D 109 -8.22 54.73 18.65
C ARG D 109 -8.37 54.28 20.11
N LEU D 110 -7.26 54.00 20.79
CA LEU D 110 -7.32 53.77 22.24
C LEU D 110 -7.77 55.02 22.97
N GLN D 111 -7.19 56.18 22.63
CA GLN D 111 -7.65 57.41 23.25
C GLN D 111 -9.12 57.67 22.91
N GLU D 112 -9.52 57.36 21.67
CA GLU D 112 -10.90 57.55 21.27
C GLU D 112 -11.86 56.72 22.13
N VAL D 113 -11.57 55.42 22.27
CA VAL D 113 -12.47 54.58 23.07
C VAL D 113 -12.47 55.04 24.52
N GLU D 114 -11.29 55.38 25.05
CA GLU D 114 -11.20 55.84 26.44
C GLU D 114 -12.06 57.08 26.66
N ALA D 115 -12.10 57.97 25.68
CA ALA D 115 -12.91 59.19 25.82
C ALA D 115 -14.39 58.86 25.77
N GLU D 116 -14.80 57.92 24.91
CA GLU D 116 -16.22 57.68 24.74
C GLU D 116 -16.79 56.95 25.95
N VAL D 117 -16.05 56.00 26.51
CA VAL D 117 -16.45 55.38 27.77
C VAL D 117 -16.63 56.46 28.85
N ALA D 118 -15.71 57.41 28.92
CA ALA D 118 -15.77 58.41 29.98
C ALA D 118 -17.02 59.28 29.86
N ALA D 119 -17.47 59.56 28.64
CA ALA D 119 -18.59 60.47 28.43
C ALA D 119 -19.94 59.77 28.38
N THR D 120 -19.97 58.48 28.02
CA THR D 120 -21.21 57.75 27.84
C THR D 120 -21.30 56.45 28.64
N GLY D 121 -20.19 55.97 29.20
CA GLY D 121 -20.20 54.69 29.86
C GLY D 121 -20.08 53.49 28.95
N THR D 122 -20.11 53.68 27.62
CA THR D 122 -19.94 52.61 26.65
C THR D 122 -19.23 53.20 25.42
N TYR D 123 -19.15 52.43 24.34
CA TYR D 123 -18.59 52.91 23.08
C TYR D 123 -19.12 52.05 21.95
N GLN D 124 -18.87 52.50 20.72
CA GLN D 124 -19.25 51.79 19.51
C GLN D 124 -18.01 51.24 18.81
N LEU D 125 -18.10 49.99 18.37
CA LEU D 125 -17.11 49.43 17.46
C LEU D 125 -17.19 50.09 16.09
N ARG D 126 -16.01 50.29 15.50
CA ARG D 126 -15.87 50.53 14.07
C ARG D 126 -16.36 49.30 13.31
N GLU D 127 -16.84 49.52 12.08
CA GLU D 127 -17.27 48.39 11.26
C GLU D 127 -16.17 47.33 11.15
N SER D 128 -14.93 47.77 10.93
CA SER D 128 -13.82 46.84 10.75
CA SER D 128 -13.83 46.83 10.75
C SER D 128 -13.54 46.03 12.02
N GLU D 129 -13.64 46.66 13.20
CA GLU D 129 -13.47 45.94 14.47
C GLU D 129 -14.58 44.95 14.72
N LEU D 130 -15.80 45.25 14.25
CA LEU D 130 -16.90 44.30 14.39
C LEU D 130 -16.66 43.04 13.55
N VAL D 131 -16.19 43.21 12.31
CA VAL D 131 -15.89 42.05 11.47
C VAL D 131 -14.79 41.21 12.11
N PHE D 132 -13.69 41.86 12.48
CA PHE D 132 -12.59 41.18 13.15
C PHE D 132 -13.05 40.45 14.40
N GLY D 133 -13.85 41.12 15.24
CA GLY D 133 -14.25 40.51 16.50
C GLY D 133 -15.16 39.31 16.34
N ALA D 134 -16.02 39.32 15.32
CA ALA D 134 -16.87 38.15 15.07
C ALA D 134 -16.04 36.96 14.64
N LYS D 135 -15.05 37.19 13.77
CA LYS D 135 -14.14 36.11 13.37
C LYS D 135 -13.35 35.59 14.57
N GLN D 136 -12.89 36.50 15.44
CA GLN D 136 -12.14 36.10 16.62
C GLN D 136 -12.97 35.24 17.56
N ALA D 137 -14.22 35.63 17.82
CA ALA D 137 -15.08 34.82 18.67
C ALA D 137 -15.18 33.40 18.12
N TRP D 138 -15.32 33.26 16.80
CA TRP D 138 -15.36 31.93 16.18
C TRP D 138 -14.03 31.21 16.40
N ARG D 139 -12.93 31.87 16.06
CA ARG D 139 -11.59 31.30 16.23
C ARG D 139 -11.31 30.85 17.67
N ASN D 140 -11.89 31.56 18.66
CA ASN D 140 -11.70 31.29 20.07
C ASN D 140 -12.65 30.20 20.60
N ALA D 141 -13.58 29.68 19.79
CA ALA D 141 -14.63 28.80 20.35
C ALA D 141 -14.09 27.40 20.59
N PRO D 142 -13.85 26.99 21.84
CA PRO D 142 -13.15 25.72 22.08
C PRO D 142 -13.90 24.50 21.58
N ARG D 143 -15.23 24.48 21.62
CA ARG D 143 -15.94 23.28 21.18
C ARG D 143 -16.21 23.22 19.68
N CYS D 144 -15.65 24.10 18.85
CA CYS D 144 -15.95 24.11 17.42
C CYS D 144 -14.86 23.38 16.66
N VAL D 145 -15.24 22.30 15.97
CA VAL D 145 -14.31 21.57 15.11
C VAL D 145 -14.18 22.18 13.72
N GLY D 146 -15.02 23.15 13.37
CA GLY D 146 -14.96 23.69 12.03
C GLY D 146 -14.13 24.95 11.87
N ARG D 147 -13.22 25.19 12.81
CA ARG D 147 -12.52 26.47 12.83
C ARG D 147 -11.39 26.60 11.82
N ILE D 148 -11.09 25.58 11.00
CA ILE D 148 -10.20 25.84 9.87
C ILE D 148 -10.74 26.98 9.02
N GLN D 149 -12.05 27.20 9.06
CA GLN D 149 -12.73 28.17 8.22
C GLN D 149 -12.81 29.59 8.83
N TRP D 150 -12.21 29.83 10.01
CA TRP D 150 -12.61 30.97 10.82
C TRP D 150 -12.43 32.31 10.09
N GLY D 151 -11.42 32.39 9.22
CA GLY D 151 -11.17 33.61 8.45
C GLY D 151 -12.12 33.88 7.32
N LYS D 152 -12.90 32.88 6.91
CA LYS D 152 -13.93 33.06 5.89
C LYS D 152 -15.28 33.11 6.60
N LEU D 153 -15.76 34.33 6.80
CA LEU D 153 -16.96 34.58 7.60
C LEU D 153 -17.59 35.84 7.05
N GLN D 154 -18.82 35.75 6.55
CA GLN D 154 -19.54 36.92 6.09
C GLN D 154 -20.21 37.57 7.30
N VAL D 155 -19.87 38.83 7.57
CA VAL D 155 -20.37 39.53 8.75
C VAL D 155 -21.40 40.55 8.27
N PHE D 156 -22.65 40.33 8.64
CA PHE D 156 -23.73 41.26 8.30
C PHE D 156 -23.94 42.24 9.44
N ASP D 157 -23.73 43.52 9.16
CA ASP D 157 -23.85 44.55 10.20
C ASP D 157 -25.30 45.01 10.26
N ALA D 158 -26.00 44.58 11.31
CA ALA D 158 -27.39 44.94 11.56
C ALA D 158 -27.54 45.85 12.78
N ARG D 159 -26.49 46.60 13.14
CA ARG D 159 -26.54 47.34 14.39
C ARG D 159 -27.49 48.55 14.34
N ASP D 160 -27.95 48.96 13.16
CA ASP D 160 -28.99 49.99 13.06
C ASP D 160 -30.40 49.41 13.05
N CYS D 161 -30.56 48.11 13.36
CA CYS D 161 -31.88 47.49 13.38
C CYS D 161 -32.76 48.12 14.46
N ARG D 162 -34.03 48.30 14.17
CA ARG D 162 -34.88 49.03 15.09
C ARG D 162 -36.28 48.43 15.29
N SER D 163 -36.56 47.21 14.85
CA SER D 163 -37.86 46.61 15.12
C SER D 163 -37.76 45.11 14.92
N ALA D 164 -38.79 44.39 15.42
CA ALA D 164 -38.85 42.94 15.23
C ALA D 164 -39.07 42.58 13.78
N GLN D 165 -39.86 43.40 13.07
CA GLN D 165 -40.01 43.24 11.63
C GLN D 165 -38.69 43.42 10.90
N GLU D 166 -37.90 44.45 11.25
CA GLU D 166 -36.61 44.62 10.60
C GLU D 166 -35.65 43.48 10.93
N MET D 167 -35.77 42.90 12.13
CA MET D 167 -35.02 41.70 12.47
C MET D 167 -35.30 40.60 11.46
N PHE D 168 -36.59 40.36 11.20
CA PHE D 168 -36.99 39.25 10.33
C PHE D 168 -36.43 39.42 8.93
N THR D 169 -36.39 40.66 8.44
CA THR D 169 -35.79 40.93 7.14
C THR D 169 -34.31 40.60 7.15
N TYR D 170 -33.61 41.00 8.22
CA TYR D 170 -32.19 40.65 8.34
C TYR D 170 -31.98 39.14 8.39
N ILE D 171 -32.86 38.39 9.07
CA ILE D 171 -32.66 36.94 9.20
C ILE D 171 -32.94 36.24 7.88
N CYS D 172 -33.99 36.65 7.17
CA CYS D 172 -34.27 36.06 5.86
C CYS D 172 -33.13 36.32 4.89
N ASN D 173 -32.54 37.52 4.92
CA ASN D 173 -31.38 37.78 4.06
C ASN D 173 -30.19 36.93 4.48
N HIS D 174 -30.00 36.72 5.78
CA HIS D 174 -28.94 35.83 6.24
C HIS D 174 -29.16 34.42 5.71
N ILE D 175 -30.38 33.90 5.85
CA ILE D 175 -30.68 32.52 5.44
C ILE D 175 -30.45 32.36 3.94
N LYS D 176 -30.97 33.29 3.15
CA LYS D 176 -30.79 33.26 1.71
C LYS D 176 -29.29 33.24 1.37
N TYR D 177 -28.51 34.13 1.99
CA TYR D 177 -27.08 34.23 1.70
C TYR D 177 -26.33 32.94 2.08
N ALA D 178 -26.54 32.47 3.29
CA ALA D 178 -25.76 31.35 3.81
C ALA D 178 -26.16 30.04 3.14
N THR D 179 -27.46 29.89 2.86
CA THR D 179 -27.92 28.69 2.17
C THR D 179 -27.34 28.64 0.77
N ASN D 180 -27.59 29.68 -0.02
CA ASN D 180 -26.98 29.81 -1.33
C ASN D 180 -27.35 28.59 -2.18
N ARG D 181 -28.62 28.20 -2.06
CA ARG D 181 -29.25 27.09 -2.80
C ARG D 181 -28.47 25.77 -2.67
N GLY D 182 -27.81 25.57 -1.53
CA GLY D 182 -27.10 24.34 -1.23
C GLY D 182 -25.60 24.49 -1.10
N ASN D 183 -25.01 25.57 -1.61
CA ASN D 183 -23.58 25.79 -1.54
C ASN D 183 -23.30 26.71 -0.34
N LEU D 184 -23.28 26.12 0.85
CA LEU D 184 -23.38 26.89 2.09
C LEU D 184 -22.20 27.82 2.31
N ARG D 185 -22.49 29.00 2.87
CA ARG D 185 -21.49 30.01 3.18
C ARG D 185 -21.65 30.45 4.62
N SER D 186 -20.55 30.44 5.38
CA SER D 186 -20.60 30.82 6.79
C SER D 186 -20.95 32.31 6.90
N ALA D 187 -21.79 32.64 7.88
CA ALA D 187 -22.19 34.04 8.05
C ALA D 187 -22.63 34.29 9.49
N ILE D 188 -22.63 35.57 9.88
CA ILE D 188 -23.17 36.01 11.15
C ILE D 188 -23.84 37.38 10.94
N THR D 189 -25.03 37.55 11.52
CA THR D 189 -25.71 38.84 11.53
C THR D 189 -25.73 39.37 12.95
N VAL D 190 -25.14 40.54 13.17
CA VAL D 190 -25.01 41.05 14.53
C VAL D 190 -25.94 42.25 14.69
N PHE D 191 -26.94 42.06 15.54
CA PHE D 191 -27.94 43.05 15.90
C PHE D 191 -27.41 43.96 17.00
N PRO D 192 -28.11 45.07 17.31
CA PRO D 192 -27.54 46.08 18.21
C PRO D 192 -27.08 45.53 19.54
N GLN D 193 -26.02 46.14 20.08
CA GLN D 193 -25.45 45.71 21.34
C GLN D 193 -26.39 46.04 22.50
N ARG D 194 -26.17 45.33 23.61
CA ARG D 194 -26.82 45.65 24.87
C ARG D 194 -26.42 47.06 25.33
N CYS D 195 -27.39 47.82 25.82
CA CYS D 195 -27.06 49.16 26.32
C CYS D 195 -28.04 49.57 27.41
N PRO D 196 -27.60 50.41 28.35
CA PRO D 196 -28.43 50.77 29.50
C PRO D 196 -29.72 51.51 29.11
N GLY D 197 -30.79 51.19 29.82
CA GLY D 197 -32.06 51.84 29.58
C GLY D 197 -32.79 51.41 28.33
N ARG D 198 -32.53 50.18 27.86
CA ARG D 198 -33.19 49.61 26.70
C ARG D 198 -33.10 48.10 26.80
N GLY D 199 -34.18 47.40 26.46
CA GLY D 199 -34.14 45.96 26.41
C GLY D 199 -33.22 45.45 25.31
N ASP D 200 -32.85 44.18 25.44
CA ASP D 200 -32.04 43.51 24.44
C ASP D 200 -32.90 43.07 23.27
N PHE D 201 -32.31 43.11 22.06
CA PHE D 201 -32.81 42.27 20.99
C PHE D 201 -32.53 40.80 21.34
N ARG D 202 -33.51 39.91 21.14
CA ARG D 202 -33.30 38.47 21.35
C ARG D 202 -34.05 37.65 20.30
N ILE D 203 -33.42 36.56 19.86
CA ILE D 203 -34.07 35.51 19.07
C ILE D 203 -34.41 34.38 20.02
N TRP D 204 -35.70 34.06 20.16
CA TRP D 204 -36.09 33.12 21.19
C TRP D 204 -35.73 31.68 20.79
N ASN D 205 -35.80 31.35 19.50
CA ASN D 205 -35.41 30.03 19.01
C ASN D 205 -33.91 29.81 19.20
N SER D 206 -33.55 28.55 19.49
CA SER D 206 -32.14 28.16 19.61
C SER D 206 -31.44 28.14 18.27
N GLN D 207 -32.17 27.81 17.19
CA GLN D 207 -31.63 27.91 15.84
C GLN D 207 -32.68 28.54 14.94
N LEU D 208 -32.21 29.12 13.84
CA LEU D 208 -33.13 29.72 12.87
C LEU D 208 -34.09 28.68 12.29
N VAL D 209 -33.61 27.45 12.06
CA VAL D 209 -34.43 26.37 11.53
C VAL D 209 -34.45 25.24 12.55
N ARG D 210 -35.65 24.92 13.04
CA ARG D 210 -35.85 23.83 14.01
C ARG D 210 -37.17 23.13 13.69
N TYR D 211 -37.24 21.85 14.05
CA TYR D 211 -38.43 21.05 13.82
C TYR D 211 -39.31 21.02 15.06
N ALA D 212 -40.62 21.09 14.86
CA ALA D 212 -41.54 21.15 15.98
C ALA D 212 -41.47 19.86 16.80
N GLY D 213 -41.63 19.99 18.11
CA GLY D 213 -41.71 18.86 18.99
C GLY D 213 -42.93 18.92 19.88
N TYR D 214 -43.97 18.20 19.49
CA TYR D 214 -45.24 18.24 20.20
C TYR D 214 -45.26 17.17 21.30
N ARG D 215 -45.40 17.61 22.55
CA ARG D 215 -45.59 16.66 23.64
C ARG D 215 -46.90 15.90 23.45
N GLN D 216 -46.81 14.67 22.95
CA GLN D 216 -47.98 13.82 22.81
C GLN D 216 -48.63 13.60 24.17
N GLN D 217 -49.83 13.03 24.16
CA GLN D 217 -50.56 12.87 25.41
C GLN D 217 -50.09 11.70 26.26
N ASP D 218 -49.25 10.82 25.72
CA ASP D 218 -48.70 9.71 26.49
C ASP D 218 -47.50 10.12 27.34
N GLY D 219 -47.13 11.39 27.36
CA GLY D 219 -45.82 11.78 27.83
C GLY D 219 -44.72 11.59 26.81
N SER D 220 -45.06 11.16 25.60
CA SER D 220 -44.10 10.99 24.52
C SER D 220 -43.98 12.30 23.75
N VAL D 221 -43.29 12.28 22.61
CA VAL D 221 -43.14 13.45 21.75
C VAL D 221 -43.24 13.00 20.29
N ARG D 222 -43.89 13.82 19.48
CA ARG D 222 -43.87 13.67 18.03
C ARG D 222 -43.05 14.80 17.42
N GLY D 223 -42.10 14.45 16.57
CA GLY D 223 -41.15 15.45 16.12
C GLY D 223 -39.93 15.46 17.00
N ASP D 224 -39.31 16.62 17.20
CA ASP D 224 -38.02 16.69 17.86
C ASP D 224 -38.20 17.00 19.34
N PRO D 225 -37.85 16.08 20.24
CA PRO D 225 -38.01 16.35 21.68
C PRO D 225 -37.14 17.49 22.19
N ALA D 226 -36.02 17.79 21.51
CA ALA D 226 -35.21 18.94 21.88
C ALA D 226 -36.00 20.24 21.88
N ASN D 227 -37.09 20.31 21.12
CA ASN D 227 -37.78 21.56 20.83
C ASN D 227 -39.19 21.59 21.43
N VAL D 228 -39.43 20.80 22.48
CA VAL D 228 -40.73 20.80 23.12
C VAL D 228 -41.05 22.18 23.70
N GLU D 229 -40.07 22.81 24.36
CA GLU D 229 -40.35 24.07 25.05
C GLU D 229 -40.65 25.19 24.05
N ILE D 230 -39.72 25.44 23.12
CA ILE D 230 -39.92 26.49 22.13
C ILE D 230 -41.16 26.23 21.29
N THR D 231 -41.51 24.96 21.06
CA THR D 231 -42.76 24.65 20.38
C THR D 231 -43.96 25.14 21.19
N GLU D 232 -43.96 24.88 22.49
CA GLU D 232 -45.07 25.29 23.34
C GLU D 232 -45.20 26.81 23.39
N LEU D 233 -44.08 27.53 23.38
CA LEU D 233 -44.12 28.99 23.38
C LEU D 233 -44.62 29.52 22.04
N CYS D 234 -44.22 28.88 20.94
CA CYS D 234 -44.73 29.26 19.63
C CYS D 234 -46.24 29.12 19.55
N ILE D 235 -46.78 28.02 20.08
CA ILE D 235 -48.23 27.85 20.10
C ILE D 235 -48.88 28.99 20.88
N GLN D 236 -48.38 29.23 22.09
CA GLN D 236 -48.99 30.18 23.01
C GLN D 236 -48.99 31.60 22.46
N HIS D 237 -48.00 31.94 21.63
CA HIS D 237 -47.98 33.21 20.93
C HIS D 237 -48.71 33.14 19.57
N GLY D 238 -49.56 32.14 19.38
CA GLY D 238 -50.54 32.16 18.31
C GLY D 238 -50.24 31.35 17.06
N TRP D 239 -49.21 30.51 17.07
CA TRP D 239 -48.88 29.73 15.87
C TRP D 239 -49.80 28.52 15.76
N THR D 240 -50.38 28.34 14.57
CA THR D 240 -51.17 27.14 14.30
C THR D 240 -50.24 25.96 14.07
N PRO D 241 -50.27 24.96 14.94
CA PRO D 241 -49.30 23.88 14.85
C PRO D 241 -49.64 22.90 13.73
N GLY D 242 -48.63 22.11 13.37
CA GLY D 242 -48.84 20.93 12.56
C GLY D 242 -48.96 19.69 13.43
N ASN D 243 -48.83 18.51 12.77
CA ASN D 243 -48.80 17.26 13.50
C ASN D 243 -47.80 16.27 12.89
N GLY D 244 -46.83 16.76 12.10
CA GLY D 244 -45.80 15.92 11.54
C GLY D 244 -44.56 15.86 12.41
N ARG D 245 -43.59 15.10 11.94
CA ARG D 245 -42.33 14.91 12.65
C ARG D 245 -41.26 15.89 12.23
N PHE D 246 -41.44 16.60 11.12
CA PHE D 246 -40.47 17.56 10.63
C PHE D 246 -41.12 18.89 10.25
N ASP D 247 -41.93 19.46 11.16
CA ASP D 247 -42.57 20.74 10.92
C ASP D 247 -41.61 21.86 11.32
N VAL D 248 -41.30 22.75 10.37
CA VAL D 248 -40.39 23.86 10.68
C VAL D 248 -41.11 24.87 11.56
N LEU D 249 -40.46 25.26 12.66
CA LEU D 249 -41.06 26.20 13.60
C LEU D 249 -41.03 27.63 13.07
N PRO D 250 -41.99 28.46 13.47
CA PRO D 250 -41.87 29.89 13.23
C PRO D 250 -40.83 30.48 14.19
N LEU D 251 -40.40 31.69 13.86
CA LEU D 251 -39.46 32.41 14.70
C LEU D 251 -40.20 33.29 15.70
N LEU D 252 -39.69 33.34 16.93
CA LEU D 252 -40.12 34.30 17.94
C LEU D 252 -39.00 35.32 18.09
N LEU D 253 -39.28 36.56 17.69
CA LEU D 253 -38.29 37.62 17.64
C LEU D 253 -38.65 38.71 18.64
N GLN D 254 -37.68 39.12 19.44
CA GLN D 254 -37.86 40.08 20.50
C GLN D 254 -37.05 41.32 20.17
N ALA D 255 -37.73 42.44 19.99
CA ALA D 255 -37.16 43.77 19.95
C ALA D 255 -37.20 44.38 21.34
N PRO D 256 -36.38 45.41 21.60
CA PRO D 256 -36.30 45.96 22.95
C PRO D 256 -37.65 46.26 23.57
N ASP D 257 -37.86 45.72 24.78
CA ASP D 257 -38.97 46.13 25.65
C ASP D 257 -40.33 45.87 25.01
N GLU D 258 -40.40 44.77 24.27
CA GLU D 258 -41.60 44.34 23.59
C GLU D 258 -41.67 42.83 23.73
N PRO D 259 -42.85 42.27 23.90
CA PRO D 259 -42.99 40.81 23.85
C PRO D 259 -42.54 40.28 22.51
N PRO D 260 -42.18 39.00 22.44
CA PRO D 260 -41.71 38.42 21.16
C PRO D 260 -42.82 38.38 20.14
N GLU D 261 -42.43 38.53 18.87
CA GLU D 261 -43.35 38.43 17.75
C GLU D 261 -43.12 37.15 16.98
N LEU D 262 -44.17 36.68 16.32
CA LEU D 262 -44.15 35.43 15.56
C LEU D 262 -43.97 35.74 14.07
N PHE D 263 -43.00 35.09 13.44
CA PHE D 263 -42.71 35.24 12.02
C PHE D 263 -42.52 33.85 11.39
N LEU D 264 -43.32 33.54 10.37
CA LEU D 264 -43.17 32.31 9.61
C LEU D 264 -42.09 32.46 8.55
N LEU D 265 -41.16 31.52 8.54
CA LEU D 265 -40.16 31.50 7.47
C LEU D 265 -40.81 31.06 6.15
N PRO D 266 -40.49 31.74 5.05
CA PRO D 266 -41.02 31.31 3.74
C PRO D 266 -40.49 29.93 3.39
N PRO D 267 -41.39 28.97 3.14
CA PRO D 267 -40.95 27.61 2.81
C PRO D 267 -39.82 27.55 1.79
N GLU D 268 -39.86 28.40 0.75
CA GLU D 268 -38.84 28.32 -0.29
C GLU D 268 -37.48 28.85 0.16
N LEU D 269 -37.38 29.34 1.38
CA LEU D 269 -36.11 29.77 1.94
C LEU D 269 -35.48 28.71 2.86
N VAL D 270 -36.24 27.66 3.22
CA VAL D 270 -35.79 26.63 4.15
C VAL D 270 -35.48 25.39 3.34
N LEU D 271 -34.19 25.20 3.03
CA LEU D 271 -33.77 24.06 2.23
C LEU D 271 -33.66 22.81 3.11
N GLU D 272 -34.30 21.73 2.67
CA GLU D 272 -34.36 20.46 3.39
C GLU D 272 -33.86 19.33 2.49
N VAL D 273 -33.34 18.26 3.10
CA VAL D 273 -32.81 17.11 2.38
C VAL D 273 -33.62 15.88 2.77
N PRO D 274 -34.30 15.22 1.83
CA PRO D 274 -34.88 13.92 2.14
C PRO D 274 -33.77 12.89 2.27
N LEU D 275 -33.89 12.03 3.28
CA LEU D 275 -32.86 11.03 3.54
C LEU D 275 -33.19 9.71 2.86
N GLU D 276 -32.24 9.20 2.08
CA GLU D 276 -32.30 7.89 1.47
C GLU D 276 -30.92 7.25 1.59
N HIS D 277 -30.86 5.94 1.37
CA HIS D 277 -29.60 5.26 1.56
C HIS D 277 -29.12 4.67 0.24
N PRO D 278 -27.81 4.77 -0.06
CA PRO D 278 -27.33 4.38 -1.39
C PRO D 278 -27.66 2.96 -1.79
N THR D 279 -27.64 2.03 -0.85
CA THR D 279 -27.95 0.65 -1.16
C THR D 279 -29.13 0.11 -0.36
N LEU D 280 -29.68 0.84 0.60
CA LEU D 280 -30.81 0.31 1.36
C LEU D 280 -32.08 1.05 0.94
N GLU D 281 -32.79 0.50 -0.06
CA GLU D 281 -33.86 1.23 -0.71
C GLU D 281 -35.08 1.39 0.18
N TRP D 282 -35.26 0.53 1.18
CA TRP D 282 -36.35 0.75 2.14
C TRP D 282 -36.10 1.97 3.03
N PHE D 283 -34.85 2.42 3.19
CA PHE D 283 -34.59 3.53 4.10
C PHE D 283 -35.43 4.75 3.74
N ALA D 284 -35.59 5.03 2.43
CA ALA D 284 -36.35 6.18 2.00
C ALA D 284 -37.81 6.12 2.45
N ALA D 285 -38.34 4.93 2.73
CA ALA D 285 -39.72 4.84 3.22
C ALA D 285 -39.82 5.23 4.69
N LEU D 286 -38.70 5.33 5.42
CA LEU D 286 -38.75 5.88 6.77
C LEU D 286 -39.32 7.28 6.78
N GLY D 287 -39.22 7.98 5.66
CA GLY D 287 -39.71 9.35 5.56
C GLY D 287 -38.90 10.32 6.39
N LEU D 288 -37.59 10.18 6.39
CA LEU D 288 -36.73 11.08 7.16
C LEU D 288 -36.19 12.20 6.30
N ARG D 289 -35.85 13.29 6.98
CA ARG D 289 -35.34 14.48 6.33
C ARG D 289 -34.65 15.32 7.40
N TRP D 290 -33.68 16.10 6.98
CA TRP D 290 -33.13 17.15 7.82
C TRP D 290 -33.00 18.42 7.00
N TYR D 291 -32.69 19.53 7.67
CA TYR D 291 -32.57 20.82 7.00
C TYR D 291 -31.11 21.13 6.66
N ALA D 292 -30.94 22.00 5.66
CA ALA D 292 -29.61 22.29 5.14
C ALA D 292 -28.79 23.12 6.11
N LEU D 293 -29.43 24.07 6.78
CA LEU D 293 -28.69 25.19 7.38
C LEU D 293 -28.73 25.14 8.90
N PRO D 294 -27.60 24.91 9.55
CA PRO D 294 -27.54 25.02 11.01
C PRO D 294 -27.20 26.44 11.44
N ALA D 295 -28.14 27.18 12.01
CA ALA D 295 -27.91 28.59 12.35
C ALA D 295 -28.26 28.78 13.82
N VAL D 296 -27.25 28.79 14.67
CA VAL D 296 -27.43 29.00 16.10
C VAL D 296 -27.80 30.46 16.35
N SER D 297 -28.94 30.70 17.02
CA SER D 297 -29.50 32.04 17.19
C SER D 297 -29.62 32.49 18.65
N ASN D 298 -29.12 31.72 19.61
CA ASN D 298 -29.41 32.05 21.00
C ASN D 298 -28.16 32.29 21.84
N MET D 299 -27.00 32.41 21.23
CA MET D 299 -25.79 32.70 21.99
C MET D 299 -25.46 34.20 21.90
N LEU D 300 -24.73 34.67 22.90
CA LEU D 300 -24.34 36.07 23.01
C LEU D 300 -22.91 36.23 22.52
N LEU D 301 -22.73 37.15 21.58
CA LEU D 301 -21.41 37.52 21.09
C LEU D 301 -20.84 38.64 21.96
N GLU D 302 -19.65 38.42 22.53
CA GLU D 302 -19.00 39.43 23.36
C GLU D 302 -17.69 39.88 22.69
N ILE D 303 -17.57 41.19 22.47
CA ILE D 303 -16.43 41.78 21.74
C ILE D 303 -15.96 43.01 22.53
N GLY D 304 -14.74 42.95 23.06
CA GLY D 304 -14.19 44.11 23.77
C GLY D 304 -15.05 44.65 24.89
N GLY D 305 -15.74 43.77 25.63
CA GLY D 305 -16.62 44.19 26.71
C GLY D 305 -18.03 44.55 26.27
N LEU D 306 -18.26 44.77 24.99
CA LEU D 306 -19.61 44.99 24.51
C LEU D 306 -20.27 43.63 24.32
N GLU D 307 -21.59 43.58 24.53
CA GLU D 307 -22.31 42.33 24.47
C GLU D 307 -23.42 42.42 23.44
N PHE D 308 -23.51 41.42 22.58
CA PHE D 308 -24.52 41.39 21.53
C PHE D 308 -25.39 40.17 21.74
N PRO D 309 -26.50 40.30 22.48
CA PRO D 309 -27.32 39.14 22.83
C PRO D 309 -28.07 38.54 21.67
N ALA D 310 -28.13 39.21 20.52
CA ALA D 310 -28.74 38.62 19.33
C ALA D 310 -27.74 38.76 18.20
N ALA D 311 -27.18 37.61 17.77
CA ALA D 311 -26.15 37.61 16.74
C ALA D 311 -26.04 36.22 16.13
N PRO D 312 -27.05 35.76 15.39
CA PRO D 312 -27.03 34.36 14.90
C PRO D 312 -25.92 34.09 13.91
N PHE D 313 -25.38 32.85 13.95
CA PHE D 313 -24.31 32.44 13.07
C PHE D 313 -24.60 31.08 12.47
N SER D 314 -23.98 30.81 11.34
CA SER D 314 -24.27 29.55 10.66
C SER D 314 -23.08 29.15 9.82
N GLY D 315 -22.84 27.84 9.72
CA GLY D 315 -21.87 27.34 8.79
C GLY D 315 -22.48 26.22 7.98
N TRP D 316 -21.94 25.02 8.12
CA TRP D 316 -22.57 23.82 7.56
C TRP D 316 -22.42 22.68 8.56
N TYR D 317 -23.14 21.60 8.30
CA TYR D 317 -23.19 20.46 9.21
C TYR D 317 -21.97 19.57 9.05
N MET D 318 -21.50 19.02 10.18
CA MET D 318 -20.75 17.77 10.16
C MET D 318 -21.73 16.61 10.33
N SER D 319 -21.60 15.56 9.49
CA SER D 319 -22.70 14.62 9.33
C SER D 319 -23.06 13.87 10.61
N THR D 320 -22.10 13.66 11.50
CA THR D 320 -22.49 12.97 12.73
C THR D 320 -23.50 13.76 13.55
N GLU D 321 -23.62 15.08 13.33
CA GLU D 321 -24.58 15.83 14.14
C GLU D 321 -26.00 15.41 13.81
N ILE D 322 -26.26 15.18 12.52
CA ILE D 322 -27.56 14.73 12.07
C ILE D 322 -27.71 13.23 12.27
N GLY D 323 -26.71 12.48 11.80
CA GLY D 323 -26.85 11.02 11.76
C GLY D 323 -26.82 10.40 13.13
N THR D 324 -25.79 10.75 13.92
CA THR D 324 -25.64 10.15 15.23
C THR D 324 -26.42 10.88 16.31
N ARG D 325 -26.21 12.19 16.47
CA ARG D 325 -26.84 12.88 17.59
C ARG D 325 -28.33 13.07 17.34
N ASN D 326 -28.69 13.75 16.24
CA ASN D 326 -30.07 14.18 16.05
C ASN D 326 -31.01 13.01 15.76
N LEU D 327 -30.57 12.02 14.98
CA LEU D 327 -31.43 10.89 14.68
C LEU D 327 -31.32 9.73 15.68
N CYS D 328 -30.15 9.49 16.28
CA CYS D 328 -29.99 8.31 17.12
C CYS D 328 -29.91 8.58 18.62
N ASP D 329 -29.78 9.82 19.09
CA ASP D 329 -29.84 10.01 20.53
C ASP D 329 -31.16 9.45 21.03
N PRO D 330 -31.17 8.73 22.15
CA PRO D 330 -32.42 8.17 22.66
C PRO D 330 -33.43 9.24 23.01
N HIS D 331 -32.97 10.44 23.38
CA HIS D 331 -33.83 11.55 23.73
C HIS D 331 -34.05 12.51 22.56
N ARG D 332 -33.62 12.15 21.36
CA ARG D 332 -33.96 12.89 20.14
C ARG D 332 -34.87 12.00 19.29
N TYR D 333 -34.65 11.87 17.97
CA TYR D 333 -35.56 11.08 17.15
C TYR D 333 -35.45 9.59 17.42
N ASN D 334 -34.31 9.13 17.92
CA ASN D 334 -34.17 7.78 18.46
C ASN D 334 -34.67 6.72 17.47
N ILE D 335 -34.08 6.70 16.26
CA ILE D 335 -34.48 5.73 15.24
C ILE D 335 -33.57 4.50 15.19
N LEU D 336 -32.59 4.40 16.10
CA LEU D 336 -31.53 3.41 15.95
C LEU D 336 -32.10 1.99 15.89
N GLU D 337 -33.00 1.65 16.82
CA GLU D 337 -33.45 0.26 16.91
C GLU D 337 -34.36 -0.09 15.73
N ASP D 338 -35.12 0.88 15.24
CA ASP D 338 -36.05 0.61 14.14
C ASP D 338 -35.30 0.34 12.84
N VAL D 339 -34.19 1.05 12.63
CA VAL D 339 -33.37 0.86 11.45
C VAL D 339 -32.66 -0.50 11.50
N ALA D 340 -32.12 -0.85 12.67
CA ALA D 340 -31.48 -2.15 12.83
C ALA D 340 -32.44 -3.31 12.58
N VAL D 341 -33.70 -3.16 12.98
CA VAL D 341 -34.68 -4.22 12.74
C VAL D 341 -34.94 -4.37 11.24
N CYS D 342 -35.10 -3.25 10.54
CA CYS D 342 -35.21 -3.29 9.09
C CYS D 342 -33.94 -3.81 8.44
N MET D 343 -32.77 -3.64 9.08
CA MET D 343 -31.55 -4.24 8.57
C MET D 343 -31.46 -5.73 8.88
N ASP D 344 -32.42 -6.28 9.63
CA ASP D 344 -32.42 -7.68 10.04
C ASP D 344 -31.19 -8.03 10.89
N LEU D 345 -30.86 -7.14 11.82
CA LEU D 345 -29.79 -7.38 12.79
C LEU D 345 -30.38 -7.97 14.08
N ASP D 346 -29.58 -8.80 14.75
CA ASP D 346 -30.03 -9.43 15.99
C ASP D 346 -30.01 -8.39 17.09
N THR D 347 -31.13 -7.69 17.27
CA THR D 347 -31.22 -6.62 18.25
C THR D 347 -31.48 -7.13 19.67
N ARG D 348 -31.25 -8.42 19.93
CA ARG D 348 -31.54 -9.01 21.24
C ARG D 348 -30.30 -9.32 22.05
N THR D 349 -29.11 -9.03 21.54
CA THR D 349 -27.91 -9.01 22.36
C THR D 349 -27.02 -7.87 21.93
N THR D 350 -26.38 -7.22 22.91
CA THR D 350 -25.49 -6.09 22.61
C THR D 350 -24.29 -6.53 21.79
N SER D 351 -23.82 -7.76 21.99
CA SER D 351 -22.55 -8.21 21.41
C SER D 351 -22.62 -8.48 19.90
N SER D 352 -23.80 -8.43 19.27
CA SER D 352 -23.84 -8.39 17.81
C SER D 352 -23.38 -7.05 17.24
N LEU D 353 -23.30 -6.00 18.08
CA LEU D 353 -22.92 -4.68 17.63
C LEU D 353 -23.90 -4.12 16.62
N TRP D 354 -25.18 -4.51 16.76
CA TRP D 354 -26.21 -4.00 15.88
C TRP D 354 -26.38 -2.49 16.02
N LYS D 355 -26.19 -1.95 17.22
CA LYS D 355 -26.27 -0.50 17.41
C LYS D 355 -25.22 0.21 16.59
N ASP D 356 -23.97 -0.25 16.70
CA ASP D 356 -22.87 0.29 15.92
C ASP D 356 -23.12 0.17 14.42
N LYS D 357 -23.74 -0.95 13.98
CA LYS D 357 -23.99 -1.17 12.55
C LYS D 357 -25.13 -0.26 12.03
N ALA D 358 -26.23 -0.18 12.77
CA ALA D 358 -27.32 0.68 12.31
C ALA D 358 -26.87 2.14 12.25
N ALA D 359 -26.09 2.57 13.23
CA ALA D 359 -25.66 3.97 13.28
C ALA D 359 -24.74 4.30 12.11
N VAL D 360 -23.77 3.43 11.82
CA VAL D 360 -22.90 3.64 10.65
C VAL D 360 -23.74 3.89 9.40
N GLU D 361 -24.76 3.04 9.17
CA GLU D 361 -25.57 3.18 7.96
C GLU D 361 -26.48 4.41 7.97
N ILE D 362 -26.95 4.85 9.16
CA ILE D 362 -27.67 6.10 9.18
C ILE D 362 -26.76 7.24 8.74
N ASN D 363 -25.52 7.23 9.22
CA ASN D 363 -24.57 8.27 8.84
C ASN D 363 -24.25 8.20 7.34
N VAL D 364 -24.14 6.99 6.77
CA VAL D 364 -23.99 6.86 5.33
C VAL D 364 -25.19 7.48 4.61
N ALA D 365 -26.42 7.18 5.07
CA ALA D 365 -27.59 7.78 4.42
C ALA D 365 -27.51 9.31 4.42
N VAL D 366 -27.17 9.91 5.57
CA VAL D 366 -27.08 11.36 5.67
C VAL D 366 -26.08 11.91 4.66
N LEU D 367 -24.85 11.38 4.67
CA LEU D 367 -23.83 11.87 3.74
C LEU D 367 -24.26 11.68 2.30
N HIS D 368 -24.78 10.50 1.96
CA HIS D 368 -25.28 10.26 0.61
C HIS D 368 -26.40 11.23 0.26
N SER D 369 -27.31 11.50 1.18
CA SER D 369 -28.49 12.28 0.82
C SER D 369 -28.11 13.75 0.57
N TYR D 370 -27.18 14.27 1.35
CA TYR D 370 -26.78 15.67 1.19
C TYR D 370 -25.95 15.85 -0.08
N GLN D 371 -25.02 14.93 -0.35
CA GLN D 371 -24.29 14.94 -1.61
C GLN D 371 -25.23 14.87 -2.81
N LEU D 372 -26.22 13.96 -2.74
CA LEU D 372 -27.20 13.85 -3.81
C LEU D 372 -27.96 15.15 -4.04
N ALA D 373 -28.40 15.81 -2.96
CA ALA D 373 -29.12 17.07 -3.08
C ALA D 373 -28.22 18.27 -3.33
N LYS D 374 -26.91 18.06 -3.41
CA LYS D 374 -25.91 19.14 -3.63
C LYS D 374 -25.99 20.18 -2.51
N VAL D 375 -25.96 19.70 -1.27
CA VAL D 375 -25.91 20.54 -0.08
C VAL D 375 -24.60 20.24 0.63
N THR D 376 -23.82 21.30 0.91
CA THR D 376 -22.56 21.13 1.61
C THR D 376 -22.77 20.30 2.87
N ILE D 377 -21.88 19.33 3.09
CA ILE D 377 -21.82 18.59 4.35
C ILE D 377 -20.42 18.03 4.44
N VAL D 378 -19.91 17.88 5.66
CA VAL D 378 -18.59 17.31 5.85
C VAL D 378 -18.69 16.14 6.81
N ASP D 379 -17.99 15.05 6.50
CA ASP D 379 -18.00 13.89 7.39
C ASP D 379 -16.98 14.09 8.50
N HIS D 380 -17.10 13.28 9.54
CA HIS D 380 -16.30 13.51 10.74
C HIS D 380 -14.82 13.16 10.56
N HIS D 381 -14.46 12.37 9.52
CA HIS D 381 -13.05 12.12 9.23
C HIS D 381 -12.43 13.35 8.56
N ALA D 382 -13.14 13.94 7.61
CA ALA D 382 -12.62 15.12 6.95
C ALA D 382 -12.63 16.32 7.88
N ALA D 383 -13.68 16.45 8.70
CA ALA D 383 -13.78 17.60 9.61
C ALA D 383 -12.66 17.58 10.64
N THR D 384 -12.38 16.40 11.22
CA THR D 384 -11.34 16.31 12.25
C THR D 384 -9.93 16.40 11.65
N ALA D 385 -9.75 15.90 10.43
CA ALA D 385 -8.46 16.10 9.75
C ALA D 385 -8.17 17.59 9.53
N SER D 386 -9.19 18.38 9.19
CA SER D 386 -8.94 19.81 8.97
C SER D 386 -8.71 20.53 10.30
N PHE D 387 -9.38 20.06 11.36
CA PHE D 387 -9.12 20.65 12.67
C PHE D 387 -7.67 20.46 13.08
N MET D 388 -7.08 19.30 12.75
CA MET D 388 -5.66 19.10 13.03
C MET D 388 -4.80 20.10 12.27
N LYS D 389 -5.19 20.43 11.04
CA LYS D 389 -4.48 21.46 10.30
C LYS D 389 -4.65 22.82 10.99
N HIS D 390 -5.87 23.11 11.47
CA HIS D 390 -6.11 24.32 12.25
C HIS D 390 -5.20 24.38 13.47
N LEU D 391 -5.15 23.30 14.27
CA LEU D 391 -4.29 23.30 15.44
C LEU D 391 -2.86 23.62 15.05
N GLU D 392 -2.41 23.11 13.90
CA GLU D 392 -1.04 23.38 13.48
C GLU D 392 -0.86 24.85 13.09
N ASN D 393 -1.86 25.42 12.42
CA ASN D 393 -1.81 26.83 12.03
C ASN D 393 -1.75 27.72 13.27
N GLU D 394 -2.60 27.44 14.25
CA GLU D 394 -2.73 28.28 15.43
C GLU D 394 -1.51 28.20 16.35
N GLN D 395 -0.87 27.03 16.44
CA GLN D 395 0.40 26.93 17.15
C GLN D 395 1.41 27.91 16.58
N LYS D 396 1.54 27.97 15.25
CA LYS D 396 2.41 28.98 14.64
C LYS D 396 1.90 30.39 14.93
N ALA D 397 0.60 30.62 14.68
CA ALA D 397 0.08 31.98 14.71
C ALA D 397 0.09 32.57 16.11
N ARG D 398 -0.44 31.82 17.08
CA ARG D 398 -0.67 32.33 18.42
C ARG D 398 0.03 31.52 19.52
N GLY D 399 0.68 30.41 19.18
CA GLY D 399 1.28 29.57 20.19
C GLY D 399 0.28 28.78 21.01
N GLY D 400 -0.89 28.49 20.44
CA GLY D 400 -1.86 27.67 21.14
C GLY D 400 -3.24 27.81 20.56
N CYS D 401 -4.16 27.03 21.13
CA CYS D 401 -5.53 26.96 20.62
C CYS D 401 -6.44 26.33 21.66
N PRO D 402 -7.46 27.05 22.14
CA PRO D 402 -8.39 26.43 23.09
C PRO D 402 -9.26 25.40 22.40
N ALA D 403 -9.32 24.21 23.00
CA ALA D 403 -10.04 23.09 22.44
C ALA D 403 -10.60 22.23 23.57
N ASP D 404 -11.87 21.91 23.44
CA ASP D 404 -12.61 21.08 24.38
C ASP D 404 -12.62 19.66 23.78
N TRP D 405 -11.75 18.79 24.29
CA TRP D 405 -11.58 17.45 23.72
C TRP D 405 -12.91 16.71 23.58
N ALA D 406 -13.73 16.76 24.62
CA ALA D 406 -14.97 15.99 24.64
C ALA D 406 -15.93 16.40 23.52
N TRP D 407 -15.89 17.67 23.09
CA TRP D 407 -16.75 18.14 22.00
C TRP D 407 -16.07 18.02 20.63
N ILE D 408 -14.73 18.04 20.57
CA ILE D 408 -14.06 17.95 19.29
C ILE D 408 -14.06 16.51 18.73
N VAL D 409 -14.00 15.50 19.59
CA VAL D 409 -14.01 14.09 19.19
C VAL D 409 -15.44 13.71 18.79
N PRO D 410 -15.65 13.23 17.57
CA PRO D 410 -17.01 12.94 17.07
C PRO D 410 -17.73 11.92 17.94
N PRO D 411 -19.05 11.86 17.87
CA PRO D 411 -19.80 10.94 18.74
C PRO D 411 -19.78 9.48 18.29
N ILE D 412 -19.21 9.16 17.13
CA ILE D 412 -18.91 7.78 16.75
C ILE D 412 -17.48 7.76 16.26
N SER D 413 -16.87 6.57 16.32
CA SER D 413 -15.58 6.30 15.72
C SER D 413 -14.48 7.23 16.25
N GLY D 414 -14.55 7.58 17.54
CA GLY D 414 -13.70 8.65 18.06
C GLY D 414 -12.23 8.42 17.83
N SER D 415 -11.72 7.25 18.25
CA SER D 415 -10.30 6.92 18.11
C SER D 415 -9.90 6.66 16.66
N LEU D 416 -10.86 6.48 15.75
CA LEU D 416 -10.49 6.42 14.34
C LEU D 416 -10.18 7.80 13.74
N THR D 417 -10.48 8.88 14.47
CA THR D 417 -10.14 10.21 13.98
C THR D 417 -8.90 10.74 14.70
N PRO D 418 -8.11 11.59 14.04
CA PRO D 418 -6.82 11.96 14.63
C PRO D 418 -6.94 12.83 15.88
N VAL D 419 -8.08 13.50 16.11
CA VAL D 419 -8.19 14.39 17.26
C VAL D 419 -8.25 13.58 18.55
N PHE D 420 -8.74 12.35 18.49
CA PHE D 420 -8.78 11.51 19.68
C PHE D 420 -7.42 11.42 20.33
N HIS D 421 -6.39 11.26 19.52
CA HIS D 421 -5.03 11.09 20.02
C HIS D 421 -4.31 12.42 20.27
N GLN D 422 -5.00 13.56 20.12
CA GLN D 422 -4.42 14.88 20.37
C GLN D 422 -4.81 15.40 21.76
N GLU D 423 -3.85 15.49 22.66
CA GLU D 423 -4.10 16.21 23.91
C GLU D 423 -4.46 17.66 23.61
N MET D 424 -5.37 18.22 24.39
CA MET D 424 -5.82 19.61 24.20
C MET D 424 -5.86 20.34 25.54
N VAL D 425 -5.88 21.67 25.45
CA VAL D 425 -5.98 22.56 26.62
C VAL D 425 -7.22 23.42 26.41
N ASN D 426 -8.15 23.37 27.35
CA ASN D 426 -9.38 24.15 27.24
C ASN D 426 -9.29 25.43 28.08
N TYR D 427 -9.59 26.59 27.48
CA TYR D 427 -9.60 27.88 28.19
C TYR D 427 -10.41 28.91 27.40
N PHE D 428 -10.80 29.98 28.10
CA PHE D 428 -11.71 30.99 27.55
C PHE D 428 -10.95 32.25 27.13
N LEU D 429 -10.92 32.52 25.82
CA LEU D 429 -10.45 33.80 25.32
C LEU D 429 -11.62 34.65 24.87
N SER D 430 -11.37 35.96 24.76
CA SER D 430 -12.32 36.96 24.27
C SER D 430 -11.69 37.72 23.10
N PRO D 431 -12.47 38.06 22.06
CA PRO D 431 -13.91 37.86 21.83
C PRO D 431 -14.38 36.40 21.90
N ALA D 432 -15.67 36.23 22.21
CA ALA D 432 -16.17 34.91 22.56
C ALA D 432 -17.66 34.82 22.30
N PHE D 433 -18.11 33.62 21.96
CA PHE D 433 -19.53 33.30 21.95
C PHE D 433 -19.87 32.65 23.29
N ARG D 434 -20.96 33.08 23.88
CA ARG D 434 -21.33 32.67 25.22
C ARG D 434 -22.79 32.24 25.23
N TYR D 435 -23.09 31.25 26.06
CA TYR D 435 -24.46 30.92 26.41
C TYR D 435 -25.02 31.96 27.37
N GLN D 436 -26.32 32.18 27.28
CA GLN D 436 -27.00 33.18 28.08
C GLN D 436 -28.35 32.60 28.48
N PRO D 437 -28.96 33.10 29.56
CA PRO D 437 -30.26 32.55 29.97
C PRO D 437 -31.29 32.66 28.86
N ASP D 438 -32.31 31.82 28.97
CA ASP D 438 -33.42 31.87 28.02
C ASP D 438 -34.28 33.09 28.32
N PRO D 439 -34.69 33.84 27.30
CA PRO D 439 -35.30 35.16 27.55
C PRO D 439 -36.60 35.09 28.34
N TRP D 440 -37.25 33.93 28.37
CA TRP D 440 -38.49 33.77 29.09
C TRP D 440 -38.25 33.18 30.48
CHA HEM E . 13.16 -0.53 -33.77
CHB HEM E . 9.58 1.78 -31.44
CHC HEM E . 8.46 4.21 -35.53
CHD HEM E . 12.05 1.88 -37.85
C1A HEM E . 12.38 -0.06 -32.73
C2A HEM E . 12.53 -0.29 -31.31
C3A HEM E . 11.54 0.34 -30.68
C4A HEM E . 10.71 1.01 -31.68
CMA HEM E . 11.31 0.36 -29.16
CAA HEM E . 13.61 -1.10 -30.55
CBA HEM E . 14.98 -1.05 -31.21
CGA HEM E . 15.99 -0.31 -30.36
O1A HEM E . 15.59 0.28 -29.34
O2A HEM E . 17.20 -0.32 -30.71
C1B HEM E . 8.96 2.64 -32.34
C2B HEM E . 7.86 3.54 -32.04
C3B HEM E . 7.53 4.21 -33.15
C4B HEM E . 8.43 3.78 -34.22
CMB HEM E . 7.16 3.69 -30.68
CAB HEM E . 6.39 5.26 -33.19
CBB HEM E . 6.02 5.88 -34.31
C1C HEM E . 9.38 3.86 -36.50
C2C HEM E . 9.57 4.48 -37.81
C3C HEM E . 10.57 3.84 -38.44
C4C HEM E . 11.03 2.78 -37.57
CMC HEM E . 8.75 5.69 -38.32
CAC HEM E . 11.17 4.07 -39.84
CBC HEM E . 10.48 4.61 -40.85
C1D HEM E . 12.67 1.04 -36.95
C2D HEM E . 13.82 0.20 -37.22
C3D HEM E . 14.13 -0.46 -36.09
C4D HEM E . 13.19 -0.07 -35.07
CMD HEM E . 14.56 0.10 -38.57
CAD HEM E . 15.29 -1.46 -35.93
CBD HEM E . 14.90 -2.76 -36.65
CGD HEM E . 16.05 -3.72 -36.71
O1D HEM E . 17.16 -3.36 -36.25
O2D HEM E . 15.85 -4.85 -37.21
NA HEM E . 11.25 0.73 -32.91
NB HEM E . 9.28 2.82 -33.68
NC HEM E . 10.29 2.83 -36.41
ND HEM E . 12.31 0.84 -35.62
FE HEM E . 10.68 1.63 -34.73
N1 H4B F . 15.86 -5.25 -27.53
C2 H4B F . 15.80 -3.94 -27.86
N2 H4B F . 14.60 -3.42 -28.18
N3 H4B F . 16.94 -3.18 -27.87
C4 H4B F . 18.14 -3.73 -27.55
O4 H4B F . 19.18 -3.02 -27.56
C4A H4B F . 18.19 -5.08 -27.21
C8A H4B F . 17.02 -5.84 -27.20
N5 H4B F . 19.35 -5.67 -26.89
N8 H4B F . 17.04 -7.15 -26.89
C6 H4B F . 19.44 -7.12 -27.07
C7 H4B F . 18.25 -7.83 -26.44
C9 H4B F . 20.77 -7.66 -26.55
O9 H4B F . 20.99 -7.23 -25.21
C10 H4B F . 20.82 -9.18 -26.57
C11 H4B F . 22.23 -9.68 -26.26
O10 H4B F . 20.39 -9.67 -27.86
C02 7R2 G . 12.86 5.32 -32.82
C03 7R2 G . 13.90 5.91 -33.51
C04 7R2 G . 13.55 6.27 -34.81
C05 7R2 G . 12.24 5.99 -35.19
C06 7R2 G . 12.70 4.75 -31.45
C21 7R2 G . 14.89 3.86 -31.22
C22 7R2 G . 14.84 3.00 -32.32
C23 7R2 G . 16.02 2.46 -32.83
C24 7R2 G . 17.23 2.76 -32.24
C25 7R2 G . 17.28 3.61 -31.12
C26 7R2 G . 16.10 4.15 -30.61
C27 7R2 G . 15.98 1.54 -34.02
C28 7R2 G . 17.25 1.76 -34.83
C29 7R2 G . 18.47 1.42 -33.99
C31 7R2 G . 19.65 2.34 -31.99
C32 7R2 G . 20.29 0.95 -32.07
C34 7R2 G . 21.50 -0.77 -30.91
C35 7R2 G . 21.53 1.52 -30.09
C36 7R2 G . 22.84 1.74 -30.81
N07 7R2 G . 13.74 4.38 -30.71
N08 7R2 G . 11.47 4.62 -30.95
N30 7R2 G . 18.42 2.19 -32.75
N33 7R2 G . 20.72 0.47 -30.75
S01 7R2 G . 11.47 5.24 -33.83
C1 BTB H . 17.65 11.15 -0.41
O1 BTB H . 18.83 10.35 -0.57
C2 BTB H . 17.10 10.90 0.99
C3 BTB H . 16.68 9.43 1.11
O3 BTB H . 16.76 8.98 2.47
C4 BTB H . 18.20 11.22 2.00
O4 BTB H . 17.65 11.60 3.27
N BTB H . 15.93 11.77 1.20
C5 BTB H . 14.92 11.45 0.18
C6 BTB H . 13.59 12.12 0.52
O6 BTB H . 13.28 11.84 1.89
C7 BTB H . 16.35 13.18 1.04
C8 BTB H . 15.87 14.06 2.19
O8 BTB H . 16.03 13.36 3.42
C1 BTB I . 26.95 -0.78 -3.74
O1 BTB I . 27.58 -1.60 -4.74
C2 BTB I . 26.98 -1.52 -2.41
C3 BTB I . 28.15 -2.46 -2.43
O3 BTB I . 29.16 -1.80 -3.19
C4 BTB I . 27.25 -0.53 -1.27
O4 BTB I . 27.83 -1.22 -0.15
N BTB I . 25.72 -2.27 -2.17
C5 BTB I . 24.86 -2.38 -3.38
C6 BTB I . 24.88 -3.81 -3.91
O6 BTB I . 26.21 -4.32 -3.86
C7 BTB I . 24.91 -1.71 -1.08
C8 BTB I . 24.78 -2.79 -0.03
O8 BTB I . 25.97 -3.58 -0.02
C1 BTB J . 39.23 21.64 -51.18
O1 BTB J . 40.57 21.11 -51.22
C2 BTB J . 38.22 20.54 -50.80
C3 BTB J . 38.88 19.41 -50.03
O3 BTB J . 40.16 19.82 -49.51
C4 BTB J . 37.10 21.15 -49.95
O4 BTB J . 37.64 21.63 -48.71
N BTB J . 37.59 20.00 -52.02
C5 BTB J . 38.57 19.29 -52.86
C6 BTB J . 38.08 17.90 -53.23
O6 BTB J . 37.94 17.09 -52.04
C7 BTB J . 37.00 21.12 -52.79
C8 BTB J . 35.71 20.69 -53.48
O8 BTB J . 34.75 20.27 -52.50
ZN ZN K . 17.25 -18.71 -34.86
C1 GOL L . 7.74 17.82 -55.40
O1 GOL L . 8.56 16.71 -55.72
C2 GOL L . 6.65 17.39 -54.44
O2 GOL L . 7.08 16.26 -53.72
C3 GOL L . 5.42 16.99 -55.25
O3 GOL L . 5.38 15.58 -55.23
CL CL M . 17.50 6.17 -27.48
GD GD N . 15.10 10.80 3.66
CHA HEM O . 14.35 -25.07 -17.36
CHB HEM O . 15.69 -23.09 -13.13
CHC HEM O . 17.51 -27.37 -11.61
CHD HEM O . 16.66 -29.17 -16.05
C1A HEM O . 14.44 -24.21 -16.30
C2A HEM O . 13.72 -22.93 -16.19
C3A HEM O . 14.08 -22.37 -15.02
C4A HEM O . 15.05 -23.26 -14.35
CMA HEM O . 13.57 -21.02 -14.43
CAA HEM O . 12.70 -22.44 -17.26
CBA HEM O . 11.42 -23.23 -16.98
CGA HEM O . 10.11 -22.49 -17.17
O1A HEM O . 10.08 -21.23 -17.09
O2A HEM O . 9.10 -23.20 -17.40
C1B HEM O . 16.28 -24.08 -12.33
C2B HEM O . 16.75 -23.91 -10.98
C3B HEM O . 17.26 -25.07 -10.54
C4B HEM O . 17.14 -26.03 -11.62
CMB HEM O . 16.67 -22.61 -10.15
CAB HEM O . 17.85 -25.23 -9.12
CBB HEM O . 18.52 -26.32 -8.71
C1C HEM O . 17.37 -28.26 -12.66
C2C HEM O . 17.66 -29.69 -12.62
C3C HEM O . 17.40 -30.21 -13.86
C4C HEM O . 16.99 -29.10 -14.71
CMC HEM O . 18.10 -30.40 -11.33
CAC HEM O . 17.55 -31.65 -14.43
CBC HEM O . 18.35 -32.59 -13.91
C1D HEM O . 15.93 -28.23 -16.78
C2D HEM O . 15.34 -28.43 -18.08
C3D HEM O . 14.70 -27.31 -18.44
C4D HEM O . 14.87 -26.36 -17.38
CMD HEM O . 15.42 -29.74 -18.91
CAD HEM O . 13.95 -27.12 -19.77
CBD HEM O . 15.00 -26.92 -20.87
CGD HEM O . 14.40 -27.11 -22.24
O1D HEM O . 13.16 -27.32 -22.35
O2D HEM O . 15.19 -27.05 -23.22
NA HEM O . 15.23 -24.37 -15.17
NB HEM O . 16.56 -25.40 -12.70
NC HEM O . 16.99 -27.95 -13.95
ND HEM O . 15.61 -26.94 -16.38
FE HEM O . 16.36 -26.10 -14.67
N1 H4B P . 10.80 -18.39 -20.84
C2 H4B P . 10.66 -19.26 -19.80
N2 H4B P . 11.64 -19.34 -18.87
N3 H4B P . 9.54 -20.02 -19.70
C4 H4B P . 8.55 -19.94 -20.62
O4 H4B P . 7.54 -20.66 -20.51
C4A H4B P . 8.70 -19.06 -21.70
C8A H4B P . 9.84 -18.27 -21.78
N5 H4B P . 7.73 -18.94 -22.65
N8 H4B P . 10.02 -17.40 -22.83
C6 H4B P . 8.12 -18.45 -23.96
C7 H4B P . 9.02 -17.20 -23.88
C9 H4B P . 6.89 -18.27 -24.84
O9 H4B P . 5.85 -17.55 -24.17
C10 H4B P . 7.20 -17.55 -26.13
C11 H4B P . 6.06 -17.75 -27.12
O10 H4B P . 8.42 -18.05 -26.69
C02 7R2 Q . 12.46 -26.81 -12.09
C03 7R2 Q . 11.74 -27.97 -12.39
C04 7R2 Q . 12.51 -29.12 -12.19
C05 7R2 Q . 13.82 -28.90 -11.76
C06 7R2 Q . 12.21 -25.36 -12.12
C21 7R2 Q . 10.70 -25.45 -13.95
C22 7R2 Q . 11.49 -26.02 -14.94
C23 7R2 Q . 10.87 -26.56 -16.07
C24 7R2 Q . 9.50 -26.51 -16.19
C25 7R2 Q . 8.71 -25.93 -15.21
C26 7R2 Q . 9.31 -25.40 -14.09
C27 7R2 Q . 11.69 -27.22 -17.15
C28 7R2 Q . 10.89 -27.80 -18.31
C29 7R2 Q . 9.47 -28.22 -17.93
C31 7R2 Q . 7.81 -26.26 -17.89
C32 7R2 Q . 8.17 -26.00 -19.36
C34 7R2 Q . 7.24 -25.57 -21.54
C35 7R2 Q . 5.76 -25.88 -19.65
C36 7R2 Q . 5.48 -27.27 -20.19
N07 7R2 Q . 11.21 -24.88 -12.83
N08 7R2 Q . 13.00 -24.56 -11.41
N30 7R2 Q . 8.92 -27.01 -17.33
N33 7R2 Q . 7.06 -25.36 -20.09
S01 7R2 Q . 14.06 -27.18 -11.59
C1 BTB R . 3.08 -0.25 9.59
O1 BTB R . 4.26 -0.78 10.22
C2 BTB R . 2.75 -1.07 8.36
C3 BTB R . 3.58 -0.60 7.16
O3 BTB R . 3.45 -1.51 6.08
C4 BTB R . 3.09 -2.54 8.61
O4 BTB R . 2.53 -3.30 7.53
N BTB R . 1.30 -0.97 8.01
C5 BTB R . 0.96 0.32 7.42
C6 BTB R . 0.42 0.27 6.01
O6 BTB R . -0.91 -0.28 5.99
C7 BTB R . 0.38 -1.34 9.10
C8 BTB R . -0.42 -2.59 8.73
O8 BTB R . -1.19 -2.40 7.53
C1 BTB S . -2.95 -57.90 -17.38
O1 BTB S . -4.19 -58.36 -16.84
C2 BTB S . -2.66 -56.45 -17.00
C3 BTB S . -1.69 -55.93 -18.05
O3 BTB S . -0.52 -56.76 -18.16
C4 BTB S . -3.91 -55.59 -17.16
O4 BTB S . -5.04 -56.41 -17.50
N BTB S . -2.16 -56.37 -15.59
C5 BTB S . -1.16 -57.43 -15.38
C6 BTB S . -0.01 -57.05 -14.45
O6 BTB S . -0.23 -57.68 -13.17
C7 BTB S . -3.34 -56.53 -14.69
C8 BTB S . -3.10 -56.30 -13.19
O8 BTB S . -3.10 -57.54 -12.45
C1 BTB T . -14.41 -5.53 -16.73
O1 BTB T . -15.11 -4.44 -16.10
C2 BTB T . -12.98 -5.71 -16.23
C3 BTB T . -12.97 -5.87 -14.71
O3 BTB T . -12.12 -6.97 -14.34
C4 BTB T . -12.44 -6.98 -16.89
O4 BTB T . -11.01 -6.96 -16.99
N BTB T . -12.12 -4.56 -16.62
C5 BTB T . -12.34 -3.41 -15.72
C6 BTB T . -11.17 -2.44 -15.79
O6 BTB T . -9.94 -3.17 -15.71
C7 BTB T . -12.41 -4.18 -18.02
C8 BTB T . -11.19 -4.37 -18.90
O8 BTB T . -10.38 -3.17 -18.85
CL CL U . 6.06 -24.39 -12.17
GD GD V . 0.86 -2.37 5.73
CHA HEM W . -8.37 1.36 33.32
CHB HEM W . -11.78 -1.88 32.02
CHC HEM W . -10.61 -4.40 36.03
CHD HEM W . -7.74 -0.81 37.62
C1A HEM W . -9.29 0.66 32.54
C2A HEM W . -9.65 0.88 31.14
C3A HEM W . -10.59 -0.01 30.80
C4A HEM W . -10.87 -0.84 31.96
CMA HEM W . -11.25 -0.15 29.42
CAA HEM W . -9.10 1.94 30.13
CBA HEM W . -7.59 2.17 30.26
CGA HEM W . -6.83 2.02 28.96
O1A HEM W . -7.42 1.53 27.97
O2A HEM W . -5.62 2.40 28.91
C1B HEM W . -11.76 -2.88 32.99
C2B HEM W . -12.56 -4.09 33.01
C3B HEM W . -12.24 -4.78 34.11
C4B HEM W . -11.23 -4.04 34.84
CMB HEM W . -13.59 -4.53 31.94
CAB HEM W . -12.88 -6.15 34.46
CBB HEM W . -12.66 -6.78 35.61
C1C HEM W . -9.70 -3.68 36.78
C2C HEM W . -9.00 -4.13 37.98
C3C HEM W . -8.20 -3.15 38.41
C4C HEM W . -8.38 -2.03 37.51
CMC HEM W . -9.18 -5.56 38.59
CAC HEM W . -7.26 -3.06 39.64
CBC HEM W . -7.40 -3.81 40.75
C1D HEM W . -7.62 0.07 36.57
C2D HEM W . -6.75 1.23 36.53
C3D HEM W . -6.93 1.84 35.34
C4D HEM W . -7.92 1.08 34.59
CMD HEM W . -5.80 1.66 37.66
CAD HEM W . -6.19 3.12 34.88
CBD HEM W . -6.90 4.31 35.51
CGD HEM W . -6.06 5.56 35.60
O1D HEM W . -4.93 5.60 35.04
O2D HEM W . -6.55 6.51 36.25
NA HEM W . -10.07 -0.39 33.00
NB HEM W . -10.98 -2.89 34.11
NC HEM W . -9.29 -2.38 36.53
ND HEM W . -8.32 0.00 35.37
FE HEM W . -9.97 -1.27 34.94
N1 H4B X . -9.51 6.41 26.69
C2 H4B X . -9.06 5.16 26.99
N2 H4B X . -9.91 4.27 27.55
N3 H4B X . -7.77 4.82 26.75
C4 H4B X . -6.92 5.71 26.21
O4 H4B X . -5.74 5.38 25.97
C4A H4B X . -7.38 6.98 25.89
C8A H4B X . -8.70 7.32 26.14
N5 H4B X . -6.55 7.89 25.34
N8 H4B X . -9.16 8.56 25.86
C6 H4B X . -6.88 9.29 25.55
C7 H4B X . -8.34 9.58 25.22
C9 H4B X . -5.94 10.23 24.78
O9 H4B X . -5.97 10.01 23.35
C10 H4B X . -6.36 11.65 25.04
C11 H4B X . -5.30 12.59 24.49
O10 H4B X . -6.51 11.84 26.45
C02 7R2 Y . -6.97 -4.17 32.27
C03 7R2 Y . -5.63 -4.33 32.55
C04 7R2 Y . -5.41 -4.80 33.85
C05 7R2 Y . -6.55 -5.00 34.62
C06 7R2 Y . -7.73 -3.70 31.07
C21 7R2 Y . -6.13 -2.04 30.37
C22 7R2 Y . -6.05 -1.28 31.54
C23 7R2 Y . -5.01 -0.36 31.70
C24 7R2 Y . -4.08 -0.19 30.68
C25 7R2 Y . -4.18 -0.92 29.50
C26 7R2 Y . -5.20 -1.85 29.35
C27 7R2 Y . -4.90 0.46 32.98
C28 7R2 Y . -3.92 1.61 32.80
C29 7R2 Y . -2.62 1.17 32.14
C31 7R2 Y . -2.50 1.37 29.61
C32 7R2 Y . -2.42 2.86 29.89
C34 7R2 Y . -1.77 4.97 28.93
C35 7R2 Y . -1.80 2.96 27.52
C36 7R2 Y . -0.29 3.06 27.51
N07 7R2 Y . -7.12 -2.94 30.15
N08 7R2 Y . -8.99 -4.09 30.87
N30 7R2 Y . -3.06 0.77 30.82
N33 7R2 Y . -2.42 3.67 28.66
S01 7R2 Y . -7.91 -4.59 33.64
C1 BTB Z . -8.66 -9.03 -0.23
O1 BTB Z . -7.69 -10.00 0.17
C2 BTB Z . -9.60 -9.47 -1.34
C3 BTB Z . -10.55 -8.30 -1.53
O3 BTB Z . -11.69 -8.63 -2.33
C4 BTB Z . -8.83 -9.70 -2.65
O4 BTB Z . -9.56 -10.48 -3.62
N BTB Z . -10.38 -10.70 -1.01
C5 BTB Z . -11.07 -10.54 0.28
C6 BTB Z . -12.56 -10.78 0.06
O6 BTB Z . -12.77 -11.18 -1.32
C7 BTB Z . -9.58 -11.93 -0.99
C8 BTB Z . -10.44 -13.12 -1.43
O8 BTB Z . -11.38 -12.66 -2.40
C1 BTB AA . -5.03 5.20 1.58
O1 BTB AA . -4.18 4.48 2.49
C2 BTB AA . -4.20 5.64 0.39
C3 BTB AA . -3.10 6.59 0.87
O3 BTB AA . -2.33 5.88 1.85
C4 BTB AA . -3.48 4.46 -0.20
O4 BTB AA . -2.11 4.83 -0.31
N BTB AA . -5.05 6.34 -0.62
C5 BTB AA . -6.30 6.88 -0.03
C6 BTB AA . -6.24 8.39 0.08
O6 BTB AA . -5.22 8.77 1.00
C7 BTB AA . -5.43 5.51 -1.76
C8 BTB AA . -4.71 5.95 -3.03
O8 BTB AA . -3.61 5.05 -3.28
C1 BTB BA . 22.32 -9.92 45.86
O1 BTB BA . 22.03 -10.77 46.98
C2 BTB BA . 23.83 -9.78 45.71
C3 BTB BA . 24.38 -9.09 46.94
O3 BTB BA . 25.74 -9.47 47.16
C4 BTB BA . 24.43 -11.18 45.61
O4 BTB BA . 24.46 -11.80 46.91
N BTB BA . 24.13 -9.00 44.48
C5 BTB BA . 25.55 -9.17 44.09
C6 BTB BA . 25.73 -9.58 42.63
O6 BTB BA . 25.67 -8.43 41.78
C7 BTB BA . 23.81 -7.59 44.78
C8 BTB BA . 24.37 -6.57 43.77
O8 BTB BA . 25.69 -6.16 44.15
ZN ZN CA . -10.60 20.14 33.90
C1 GOL DA . -0.50 -15.42 54.59
O1 GOL DA . -0.14 -14.80 53.37
C2 GOL DA . -1.98 -15.77 54.51
O2 GOL DA . -2.53 -15.10 53.39
C3 GOL DA . -2.69 -15.36 55.79
O3 GOL DA . -4.07 -15.20 55.50
CL CL EA . -4.20 -3.59 26.19
GD GD FA . -12.24 -10.54 -3.97
CHA HEM GA . -19.60 24.15 17.97
CHB HEM GA . -18.75 22.46 13.49
CHC HEM GA . -18.87 26.94 11.59
CHD HEM GA . -19.20 28.65 16.11
C1A HEM GA . -19.52 23.30 16.90
C2A HEM GA . -19.85 21.88 16.90
C3A HEM GA . -19.62 21.41 15.64
C4A HEM GA . -19.13 22.51 14.82
CMA HEM GA . -19.82 19.97 15.12
CAA HEM GA . -20.40 21.13 18.14
CBA HEM GA . -21.87 21.52 18.29
CGA HEM GA . -22.74 20.40 18.80
O1A HEM GA . -22.28 19.23 18.87
O2A HEM GA . -23.92 20.69 19.13
C1B HEM GA . -18.72 23.50 12.57
C2B HEM GA . -18.56 23.39 11.13
C3B HEM GA . -18.58 24.62 10.59
C4B HEM GA . -18.77 25.56 11.68
CMB HEM GA . -18.37 22.09 10.33
CAB HEM GA . -18.44 24.89 9.08
CBB HEM GA . -18.18 26.12 8.58
C1C HEM GA . -19.05 27.81 12.64
C2C HEM GA . -19.27 29.24 12.55
C3C HEM GA . -19.38 29.73 13.80
C4C HEM GA . -19.19 28.61 14.73
CMC HEM GA . -19.40 29.96 11.19
CAC HEM GA . -19.61 31.17 14.29
CBC HEM GA . -19.42 32.28 13.54
C1D HEM GA . -19.35 27.60 17.01
C2D HEM GA . -19.52 27.74 18.44
C3D HEM GA . -19.62 26.49 18.96
C4D HEM GA . -19.53 25.53 17.88
CMD HEM GA . -19.56 29.07 19.25
CAD HEM GA . -19.80 26.18 20.46
CBD HEM GA . -18.45 26.49 21.12
CGD HEM GA . -18.54 26.43 22.62
O1D HEM GA . -19.67 26.39 23.18
O2D HEM GA . -17.44 26.42 23.23
NA HEM GA . -19.08 23.62 15.63
NB HEM GA . -18.85 24.86 12.88
NC HEM GA . -18.99 27.49 13.98
ND HEM GA . -19.36 26.25 16.70
FE HEM GA . -18.76 25.53 14.86
N1 H4B HA . -19.79 16.82 22.04
C2 H4B HA . -20.47 17.50 21.08
N2 H4B HA . -19.83 17.89 19.95
N3 H4B HA . -21.78 17.80 21.24
C4 H4B HA . -22.45 17.44 22.35
O4 H4B HA . -23.65 17.73 22.48
C4A H4B HA . -21.77 16.74 23.35
C8A H4B HA . -20.43 16.44 23.17
N5 H4B HA . -22.39 16.36 24.48
N8 H4B HA . -19.73 15.77 24.12
C6 H4B HA . -21.54 16.22 25.66
C7 H4B HA . -20.35 15.31 25.36
C9 H4B HA . -22.32 15.78 26.89
O9 H4B HA . -23.17 14.67 26.55
C10 H4B HA . -21.33 15.35 27.97
C11 H4B HA . -22.03 14.91 29.25
O10 H4B HA . -20.43 16.44 28.24
C02 7R2 IA . -23.29 24.79 13.45
C03 7R2 IA . -24.16 25.76 13.91
C04 7R2 IA . -23.79 27.05 13.46
C05 7R2 IA . -22.64 27.11 12.68
C06 7R2 IA . -23.17 23.31 13.60
C21 7R2 IA . -24.18 23.20 15.75
C22 7R2 IA . -23.30 24.02 16.45
C23 7R2 IA . -23.66 24.53 17.70
C24 7R2 IA . -24.89 24.18 18.24
C25 7R2 IA . -25.77 23.36 17.55
C26 7R2 IA . -25.40 22.87 16.31
C27 7R2 IA . -22.73 25.45 18.46
C28 7R2 IA . -23.23 25.83 19.85
C29 7R2 IA . -24.73 26.03 19.88
C31 7R2 IA . -26.07 23.96 20.41
C32 7R2 IA . -25.16 22.88 20.98
C34 7R2 IA . -26.33 23.21 23.05
C35 7R2 IA . -26.82 21.25 21.62
C36 7R2 IA . -28.26 21.74 21.66
N07 7R2 IA . -23.87 22.67 14.52
N08 7R2 IA . -22.33 22.68 12.79
N30 7R2 IA . -25.24 24.71 19.49
N33 7R2 IA . -25.80 22.20 22.12
S01 7R2 IA . -22.04 25.49 12.51
C1 BTB JA . -27.70 -4.47 -5.81
O1 BTB JA . -26.76 -3.60 -6.44
C2 BTB JA . -28.24 -3.75 -4.58
C3 BTB JA . -27.24 -3.83 -3.43
O3 BTB JA . -27.65 -3.00 -2.34
C4 BTB JA . -28.47 -2.28 -4.93
O4 BTB JA . -29.49 -1.76 -4.07
N BTB JA . -29.54 -4.35 -4.18
C5 BTB JA . -29.35 -5.60 -3.41
C6 BTB JA . -30.71 -6.12 -2.95
O6 BTB JA . -31.11 -5.59 -1.69
C7 BTB JA . -30.50 -4.54 -5.28
C8 BTB JA . -31.68 -3.57 -5.16
O8 BTB JA . -32.26 -3.60 -3.86
C1 BTB KA . -46.23 46.97 23.28
O1 BTB KA . -45.94 46.73 24.66
C2 BTB KA . -45.77 48.37 22.94
C3 BTB KA . -46.72 49.39 23.56
O3 BTB KA . -46.18 49.84 24.81
C4 BTB KA . -44.39 48.60 23.52
O4 BTB KA . -44.34 48.05 24.84
N BTB KA . -45.66 48.57 21.46
C5 BTB KA . -45.90 49.98 21.08
C6 BTB KA . -45.11 50.30 19.82
O6 BTB KA . -43.80 49.74 19.94
C7 BTB KA . -46.50 47.64 20.67
C8 BTB KA . -47.90 48.19 20.38
O8 BTB KA . -48.52 47.42 19.34
CL CL LA . -28.27 20.51 15.14
GD GD MA . -30.32 -3.01 -1.94
#